data_8TR8
#
_entry.id   8TR8
#
_cell.length_a   1.00
_cell.length_b   1.00
_cell.length_c   1.00
_cell.angle_alpha   90.00
_cell.angle_beta   90.00
_cell.angle_gamma   90.00
#
_symmetry.space_group_name_H-M   'P 1'
#
loop_
_entity.id
_entity.type
_entity.pdbx_description
1 polymer 'P2X purinoceptor 7'
2 non-polymer N-{[(3s,5s,7s)-adamantan-1-yl]methyl}-2-chloro-5-{3-[(3-hydroxypropyl)amino]propyl}benzamide
3 non-polymer "GUANOSINE-5'-DIPHOSPHATE"
4 non-polymer 'ZINC ION'
5 non-polymer 2-acetamido-2-deoxy-beta-D-glucopyranose
6 non-polymer 'PALMITIC ACID'
7 non-polymer 'SODIUM ION'
8 water water
#
_entity_poly.entity_id   1
_entity_poly.type   'polypeptide(L)'
_entity_poly.pdbx_seq_one_letter_code
;MPACCSWNDVFQYETNKVTRIQSVNYGTIKWILHMTVFSYVSFALMSDKLYQRKEPLISSVHTKVKGVAEVTENVTEGGV
TKLVHGIFDTADYTLPLQGNSFFVMTNYLKSEGQEQKLCPEYPSRGKQCHSDQGCIKGWMDPQSKGIQTGRCIPYDQKRK
TCEIFAWCPAEEGKEAPRPALLRSAENFTVLIKNNIDFPGHNYTTRNILPGMNISCTFHKTWNPQCPIFRLGDIFQEIGE
NFTEVAVQGGIMGIEIYWDCNLDSWSHRCQPKYSFRRLDDKYTNESLFPGYNFRYAKYYKENGMEKRTLIKAFGVRFDIL
VFGTGGKFDIIQLVVYIGSTLSYFGLATVCIDLIINTYASTCCRSRVYPSCKCCEPCAVNEYYYRKKCEPIVEPKPTLKY
VSFVDEPHIWMVDQQLLGKSLQDVKGQEVPRPQTDFLELSRLSLSLHHSPPIPGQPEEMQLLQIEAVPRSRDSPDWCQCG
NCLPSQLPENRRALEELCCRRKPGQCITTSELFSKIVLSREALQLLLLYQEPLLALEGEAINSKLRHCAYRSYATWRFVS
QDMADFAILPSCCRWKIRKEFPKTQGQYSGFKYPY
;
_entity_poly.pdbx_strand_id   A,B,C
#
loop_
_chem_comp.id
_chem_comp.type
_chem_comp.name
_chem_comp.formula
GDP RNA linking GUANOSINE-5'-DIPHOSPHATE 'C10 H15 N5 O11 P2'
KEI non-polymer N-{[(3s,5s,7s)-adamantan-1-yl]methyl}-2-chloro-5-{3-[(3-hydroxypropyl)amino]propyl}benzamide 'C24 H35 Cl N2 O2'
NA non-polymer 'SODIUM ION' 'Na 1'
NAG D-saccharide, beta linking 2-acetamido-2-deoxy-beta-D-glucopyranose 'C8 H15 N O6'
PLM non-polymer 'PALMITIC ACID' 'C16 H32 O2'
ZN non-polymer 'ZINC ION' 'Zn 2'
#
# COMPACT_ATOMS: atom_id res chain seq x y z
N SER A 6 -35.28 16.94 -9.62
CA SER A 6 -34.10 16.40 -8.90
C SER A 6 -32.95 16.10 -9.87
N TRP A 7 -33.28 16.06 -11.16
CA TRP A 7 -32.25 15.79 -12.16
C TRP A 7 -31.19 16.88 -12.17
N ASN A 8 -31.61 18.14 -12.08
CA ASN A 8 -30.64 19.24 -12.06
C ASN A 8 -29.69 19.11 -10.89
N ASP A 9 -30.17 18.63 -9.75
CA ASP A 9 -29.30 18.41 -8.60
C ASP A 9 -28.24 17.36 -8.90
N VAL A 10 -28.52 16.44 -9.81
CA VAL A 10 -27.52 15.43 -10.18
C VAL A 10 -26.39 16.06 -10.96
N PHE A 11 -26.72 16.94 -11.90
CA PHE A 11 -25.71 17.56 -12.77
C PHE A 11 -25.16 18.83 -12.11
N GLN A 12 -24.35 18.60 -11.07
CA GLN A 12 -23.67 19.67 -10.35
C GLN A 12 -22.20 19.31 -10.20
N TYR A 13 -21.36 20.34 -10.22
CA TYR A 13 -19.94 20.19 -9.93
C TYR A 13 -19.51 21.24 -8.93
N GLU A 14 -18.87 20.79 -7.84
CA GLU A 14 -18.35 21.66 -6.80
C GLU A 14 -16.88 21.95 -7.08
N THR A 15 -16.53 23.22 -7.18
CA THR A 15 -15.15 23.65 -7.29
C THR A 15 -14.81 24.56 -6.11
N ASN A 16 -13.60 24.37 -5.59
CA ASN A 16 -13.15 25.14 -4.43
C ASN A 16 -12.80 26.56 -4.83
N LYS A 17 -13.22 27.51 -4.01
CA LYS A 17 -12.76 28.89 -4.16
C LYS A 17 -11.34 29.01 -3.63
N VAL A 18 -10.48 29.70 -4.40
CA VAL A 18 -9.07 29.81 -4.07
C VAL A 18 -8.63 31.26 -4.18
N THR A 19 -7.56 31.57 -3.45
CA THR A 19 -6.83 32.83 -3.58
C THR A 19 -5.45 32.51 -4.12
N ARG A 20 -5.18 32.96 -5.35
CA ARG A 20 -3.87 32.78 -5.96
C ARG A 20 -2.93 33.89 -5.49
N ILE A 21 -1.91 33.53 -4.75
CA ILE A 21 -0.98 34.50 -4.17
C ILE A 21 0.17 34.73 -5.12
N GLN A 22 0.61 35.98 -5.20
CA GLN A 22 1.66 36.44 -6.09
C GLN A 22 2.93 36.62 -5.26
N SER A 23 3.65 35.53 -5.03
CA SER A 23 4.77 35.50 -4.11
C SER A 23 5.90 34.69 -4.70
N VAL A 24 7.12 35.22 -4.62
CA VAL A 24 8.30 34.46 -5.02
C VAL A 24 8.58 33.36 -4.01
N ASN A 25 8.53 33.69 -2.73
CA ASN A 25 8.92 32.73 -1.69
C ASN A 25 7.99 31.53 -1.68
N TYR A 26 6.68 31.76 -1.71
CA TYR A 26 5.73 30.66 -1.59
C TYR A 26 5.73 29.79 -2.83
N GLY A 27 5.83 30.40 -4.02
CA GLY A 27 5.95 29.61 -5.23
C GLY A 27 7.21 28.76 -5.24
N THR A 28 8.34 29.34 -4.85
CA THR A 28 9.59 28.58 -4.77
C THR A 28 9.49 27.43 -3.77
N ILE A 29 8.93 27.70 -2.59
CA ILE A 29 8.76 26.67 -1.58
C ILE A 29 7.88 25.55 -2.10
N LYS A 30 6.77 25.91 -2.74
CA LYS A 30 5.84 24.91 -3.27
C LYS A 30 6.54 24.01 -4.28
N TRP A 31 7.28 24.61 -5.22
CA TRP A 31 7.90 23.82 -6.26
C TRP A 31 9.04 22.96 -5.71
N ILE A 32 9.81 23.50 -4.77
CA ILE A 32 10.88 22.72 -4.14
C ILE A 32 10.31 21.51 -3.43
N LEU A 33 9.23 21.71 -2.67
CA LEU A 33 8.63 20.59 -1.95
C LEU A 33 8.01 19.57 -2.90
N HIS A 34 7.37 20.04 -3.96
CA HIS A 34 6.82 19.12 -4.95
C HIS A 34 7.92 18.27 -5.58
N MET A 35 9.03 18.90 -5.96
CA MET A 35 10.11 18.16 -6.59
C MET A 35 10.77 17.20 -5.60
N THR A 36 10.88 17.59 -4.34
CA THR A 36 11.43 16.69 -3.33
C THR A 36 10.56 15.45 -3.18
N VAL A 37 9.24 15.64 -3.06
CA VAL A 37 8.33 14.50 -2.95
C VAL A 37 8.44 13.62 -4.18
N PHE A 38 8.43 14.24 -5.37
CA PHE A 38 8.45 13.45 -6.59
C PHE A 38 9.74 12.67 -6.72
N SER A 39 10.87 13.30 -6.41
CA SER A 39 12.15 12.62 -6.50
C SER A 39 12.21 11.45 -5.54
N TYR A 40 11.75 11.63 -4.30
CA TYR A 40 11.79 10.53 -3.37
C TYR A 40 10.89 9.38 -3.79
N VAL A 41 9.66 9.68 -4.23
CA VAL A 41 8.74 8.61 -4.59
C VAL A 41 9.25 7.87 -5.83
N SER A 42 9.84 8.59 -6.77
CA SER A 42 10.43 7.94 -7.94
C SER A 42 11.61 7.05 -7.54
N PHE A 43 12.47 7.54 -6.65
CA PHE A 43 13.60 6.75 -6.19
C PHE A 43 13.13 5.48 -5.48
N ALA A 44 12.12 5.60 -4.64
CA ALA A 44 11.58 4.43 -3.97
C ALA A 44 10.96 3.45 -4.96
N LEU A 45 10.28 3.97 -5.99
CA LEU A 45 9.68 3.12 -7.00
C LEU A 45 10.74 2.32 -7.74
N MET A 46 11.85 2.96 -8.10
CA MET A 46 12.86 2.30 -8.93
C MET A 46 13.78 1.40 -8.10
N SER A 47 14.22 1.88 -6.94
CA SER A 47 15.17 1.12 -6.12
C SER A 47 14.54 -0.18 -5.62
N ASP A 48 13.30 -0.11 -5.14
CA ASP A 48 12.63 -1.26 -4.55
C ASP A 48 11.69 -1.95 -5.53
N LYS A 49 11.68 -1.52 -6.79
CA LYS A 49 10.90 -2.17 -7.85
C LYS A 49 9.45 -2.37 -7.43
N LEU A 50 8.85 -1.29 -6.92
CA LEU A 50 7.49 -1.35 -6.41
C LEU A 50 6.45 -1.37 -7.52
N TYR A 51 6.87 -1.26 -8.77
CA TYR A 51 6.00 -1.53 -9.92
C TYR A 51 5.94 -3.00 -10.30
N GLN A 52 6.68 -3.86 -9.61
CA GLN A 52 6.74 -5.28 -9.92
C GLN A 52 5.99 -6.10 -8.88
N ARG A 53 5.40 -7.19 -9.34
CA ARG A 53 4.94 -8.25 -8.47
C ARG A 53 6.06 -9.27 -8.33
N LYS A 54 6.49 -9.52 -7.09
CA LYS A 54 7.60 -10.43 -6.83
C LYS A 54 7.06 -11.80 -6.46
N GLU A 55 7.72 -12.83 -6.99
CA GLU A 55 7.32 -14.21 -6.78
C GLU A 55 8.50 -15.04 -6.31
N PRO A 56 8.35 -15.86 -5.26
CA PRO A 56 9.41 -16.78 -4.89
C PRO A 56 9.58 -17.90 -5.91
N LEU A 57 10.81 -18.40 -6.00
CA LEU A 57 11.17 -19.45 -6.92
C LEU A 57 10.91 -20.84 -6.32
N ILE A 58 10.80 -21.82 -7.21
CA ILE A 58 10.83 -23.23 -6.86
C ILE A 58 12.05 -23.83 -7.55
N SER A 59 12.82 -24.60 -6.81
CA SER A 59 14.14 -25.04 -7.25
C SER A 59 14.27 -26.57 -7.27
N SER A 60 15.07 -27.04 -8.21
CA SER A 60 15.58 -28.40 -8.21
C SER A 60 17.09 -28.35 -8.35
N VAL A 61 17.77 -29.19 -7.56
CA VAL A 61 19.22 -29.23 -7.50
C VAL A 61 19.70 -30.62 -7.87
N HIS A 62 20.76 -30.67 -8.66
CA HIS A 62 21.40 -31.92 -9.08
C HIS A 62 22.90 -31.77 -8.93
N THR A 63 23.49 -32.55 -8.03
CA THR A 63 24.90 -32.46 -7.69
C THR A 63 25.65 -33.70 -8.15
N LYS A 64 26.90 -33.50 -8.53
CA LYS A 64 27.79 -34.60 -8.89
C LYS A 64 29.18 -34.29 -8.37
N VAL A 65 29.69 -35.15 -7.50
CA VAL A 65 31.03 -35.01 -6.94
C VAL A 65 32.01 -35.76 -7.82
N LYS A 66 33.14 -35.13 -8.12
CA LYS A 66 34.23 -35.74 -8.86
C LYS A 66 35.47 -35.81 -7.98
N GLY A 67 36.19 -36.93 -8.05
CA GLY A 67 37.43 -37.06 -7.34
C GLY A 67 37.77 -38.45 -6.82
N VAL A 68 39.06 -38.76 -6.84
CA VAL A 68 39.60 -40.01 -6.32
C VAL A 68 40.64 -39.66 -5.29
N ALA A 69 40.54 -40.27 -4.11
CA ALA A 69 41.48 -40.04 -3.03
C ALA A 69 42.48 -41.20 -2.95
N GLU A 70 43.76 -40.86 -2.86
CA GLU A 70 44.82 -41.82 -2.60
C GLU A 70 45.11 -41.83 -1.11
N VAL A 71 45.17 -43.03 -0.53
CA VAL A 71 45.35 -43.19 0.90
C VAL A 71 46.42 -44.25 1.17
N THR A 72 46.90 -44.25 2.42
CA THR A 72 47.85 -45.25 2.92
C THR A 72 47.32 -45.73 4.26
N GLU A 73 46.57 -46.83 4.25
CA GLU A 73 46.02 -47.43 5.47
C GLU A 73 46.91 -48.59 5.91
N ASN A 74 46.47 -49.28 6.95
CA ASN A 74 47.19 -50.45 7.45
C ASN A 74 46.19 -51.51 7.92
N THR A 81 51.62 -54.07 11.87
CA THR A 81 51.02 -53.21 10.87
C THR A 81 51.72 -53.36 9.53
N LYS A 82 51.09 -52.84 8.47
CA LYS A 82 51.67 -52.87 7.15
C LYS A 82 51.22 -51.65 6.37
N LEU A 83 51.98 -51.30 5.35
CA LEU A 83 51.69 -50.14 4.50
C LEU A 83 50.85 -50.62 3.33
N VAL A 84 49.55 -50.32 3.38
CA VAL A 84 48.61 -50.71 2.34
C VAL A 84 48.18 -49.48 1.57
N HIS A 85 48.26 -49.55 0.25
CA HIS A 85 47.92 -48.44 -0.63
C HIS A 85 46.58 -48.72 -1.30
N GLY A 86 45.70 -47.71 -1.28
CA GLY A 86 44.37 -47.86 -1.81
C GLY A 86 43.85 -46.55 -2.36
N ILE A 87 42.65 -46.61 -2.96
CA ILE A 87 41.98 -45.43 -3.47
C ILE A 87 40.53 -45.43 -3.01
N PHE A 88 39.96 -44.22 -3.00
CA PHE A 88 38.54 -44.01 -2.68
C PHE A 88 37.91 -43.29 -3.87
N ASP A 89 36.92 -43.93 -4.48
CA ASP A 89 36.12 -43.29 -5.52
C ASP A 89 34.73 -42.95 -4.97
N THR A 90 33.94 -42.30 -5.81
CA THR A 90 32.69 -41.69 -5.36
C THR A 90 31.81 -42.65 -4.58
N ALA A 91 31.69 -43.89 -5.06
CA ALA A 91 30.87 -44.87 -4.35
C ALA A 91 31.43 -45.24 -3.00
N ASP A 92 32.72 -44.98 -2.76
CA ASP A 92 33.34 -45.25 -1.48
C ASP A 92 33.17 -44.11 -0.47
N TYR A 93 32.71 -42.93 -0.89
CA TYR A 93 32.62 -41.80 0.03
C TYR A 93 31.36 -40.95 -0.11
N THR A 94 30.39 -41.34 -0.93
CA THR A 94 29.14 -40.60 -1.08
C THR A 94 27.94 -41.52 -0.92
N LEU A 95 26.83 -40.92 -0.48
CA LEU A 95 25.50 -41.51 -0.49
C LEU A 95 24.83 -41.31 -1.84
N PRO A 96 23.82 -42.12 -2.15
CA PRO A 96 23.14 -41.96 -3.45
C PRO A 96 22.46 -40.61 -3.63
N LEU A 97 21.99 -39.99 -2.54
CA LEU A 97 21.32 -38.71 -2.65
C LEU A 97 22.19 -37.67 -3.36
N GLN A 98 21.58 -36.95 -4.29
CA GLN A 98 22.29 -35.96 -5.10
C GLN A 98 21.45 -34.69 -5.29
N GLY A 99 20.64 -34.33 -4.30
CA GLY A 99 19.76 -33.18 -4.40
C GLY A 99 20.22 -31.99 -3.60
N ASN A 100 19.34 -31.50 -2.71
CA ASN A 100 19.64 -30.29 -1.94
C ASN A 100 20.76 -30.49 -0.93
N SER A 101 21.11 -31.74 -0.62
CA SER A 101 22.24 -32.01 0.25
C SER A 101 23.02 -33.20 -0.28
N PHE A 102 24.34 -33.11 -0.20
CA PHE A 102 25.21 -34.25 -0.49
C PHE A 102 26.26 -34.37 0.60
N PHE A 103 26.65 -35.62 0.86
CA PHE A 103 27.58 -35.95 1.92
C PHE A 103 28.88 -36.47 1.31
N VAL A 104 30.00 -35.98 1.83
CA VAL A 104 31.32 -36.47 1.48
C VAL A 104 31.98 -37.00 2.75
N MET A 105 32.34 -38.27 2.73
CA MET A 105 33.06 -38.86 3.86
C MET A 105 34.50 -38.38 3.88
N THR A 106 34.94 -37.93 5.05
CA THR A 106 36.30 -37.48 5.27
C THR A 106 37.06 -38.29 6.29
N ASN A 107 36.36 -39.05 7.13
CA ASN A 107 36.97 -39.86 8.17
C ASN A 107 36.00 -40.99 8.52
N TYR A 108 36.53 -42.06 9.09
CA TYR A 108 35.69 -43.18 9.46
C TYR A 108 36.37 -44.03 10.52
N LEU A 109 35.53 -44.62 11.37
CA LEU A 109 35.92 -45.69 12.27
C LEU A 109 35.09 -46.92 11.92
N LYS A 110 35.74 -48.06 11.77
CA LYS A 110 35.09 -49.30 11.38
C LYS A 110 35.19 -50.32 12.50
N SER A 111 34.07 -50.95 12.82
CA SER A 111 34.00 -52.02 13.82
C SER A 111 33.46 -53.27 13.13
N GLU A 112 34.33 -54.22 12.85
CA GLU A 112 33.97 -55.42 12.11
C GLU A 112 33.67 -56.58 13.04
N GLY A 113 32.79 -57.47 12.58
CA GLY A 113 32.47 -58.69 13.29
C GLY A 113 31.85 -58.50 14.66
N GLN A 114 30.86 -57.61 14.75
CA GLN A 114 30.20 -57.36 16.01
C GLN A 114 29.18 -58.44 16.32
N GLU A 115 29.13 -58.83 17.58
CA GLU A 115 28.17 -59.80 18.08
C GLU A 115 27.45 -59.18 19.28
N GLN A 116 26.16 -59.48 19.39
CA GLN A 116 25.38 -59.02 20.54
C GLN A 116 25.67 -59.93 21.72
N LYS A 117 26.46 -59.43 22.66
CA LYS A 117 26.86 -60.17 23.85
C LYS A 117 27.28 -59.17 24.91
N LEU A 118 27.95 -59.65 25.94
CA LEU A 118 28.47 -58.80 27.00
C LEU A 118 29.90 -58.42 26.69
N CYS A 119 30.24 -57.17 27.00
CA CYS A 119 31.59 -56.65 26.79
C CYS A 119 31.76 -55.41 27.64
N PRO A 120 32.99 -55.02 27.94
CA PRO A 120 33.22 -53.73 28.61
C PRO A 120 32.98 -52.57 27.66
N GLU A 121 32.51 -51.46 28.22
CA GLU A 121 32.29 -50.26 27.43
C GLU A 121 33.60 -49.52 27.23
N TYR A 122 33.72 -48.88 26.06
CA TYR A 122 34.91 -48.13 25.74
C TYR A 122 35.11 -47.01 26.78
N PRO A 123 36.31 -46.84 27.32
CA PRO A 123 36.57 -45.76 28.30
C PRO A 123 36.72 -44.40 27.62
N SER A 124 35.58 -43.77 27.38
CA SER A 124 35.49 -42.55 26.58
C SER A 124 35.32 -41.34 27.48
N ARG A 125 36.44 -40.72 27.84
CA ARG A 125 36.45 -39.41 28.48
C ARG A 125 35.51 -39.37 29.69
N GLY A 126 35.84 -40.18 30.68
CA GLY A 126 35.10 -40.19 31.93
C GLY A 126 34.28 -41.44 32.20
N LYS A 127 34.44 -42.49 31.40
CA LYS A 127 33.72 -43.74 31.63
C LYS A 127 34.52 -44.73 32.46
N GLN A 128 35.70 -44.37 32.93
CA GLN A 128 36.46 -45.23 33.82
C GLN A 128 35.62 -45.58 35.05
N CYS A 129 35.61 -46.86 35.39
CA CYS A 129 34.86 -47.37 36.53
C CYS A 129 35.82 -48.00 37.52
N HIS A 130 35.66 -47.67 38.80
CA HIS A 130 36.54 -48.19 39.85
C HIS A 130 35.93 -49.32 40.65
N SER A 131 34.61 -49.47 40.62
CA SER A 131 33.94 -50.56 41.34
C SER A 131 32.56 -50.76 40.73
N ASP A 132 31.96 -51.90 41.07
CA ASP A 132 30.61 -52.20 40.61
C ASP A 132 29.59 -51.21 41.14
N GLN A 133 29.96 -50.43 42.16
CA GLN A 133 29.03 -49.43 42.69
C GLN A 133 28.67 -48.39 41.63
N GLY A 134 29.67 -47.95 40.86
CA GLY A 134 29.39 -46.97 39.82
C GLY A 134 28.45 -47.51 38.75
N CYS A 135 28.66 -48.75 38.34
CA CYS A 135 27.80 -49.36 37.32
C CYS A 135 26.43 -49.67 37.88
N ILE A 136 25.41 -49.51 37.03
CA ILE A 136 24.02 -49.74 37.39
C ILE A 136 23.46 -50.79 36.44
N LYS A 137 22.88 -51.86 36.99
CA LYS A 137 22.33 -52.90 36.14
C LYS A 137 21.02 -52.44 35.52
N GLY A 138 20.79 -52.84 34.27
CA GLY A 138 19.57 -52.54 33.58
C GLY A 138 19.44 -51.12 33.08
N TRP A 139 20.49 -50.31 33.20
CA TRP A 139 20.42 -48.90 32.81
C TRP A 139 20.93 -48.74 31.39
N MET A 140 20.09 -48.17 30.54
CA MET A 140 20.45 -47.96 29.14
C MET A 140 21.37 -46.76 29.04
N ASP A 141 22.52 -46.96 28.41
CA ASP A 141 23.44 -45.86 28.12
C ASP A 141 23.34 -45.51 26.66
N PRO A 142 22.75 -44.37 26.29
CA PRO A 142 22.68 -43.99 24.88
C PRO A 142 24.04 -43.69 24.27
N GLN A 143 25.07 -43.45 25.09
CA GLN A 143 26.40 -43.16 24.58
C GLN A 143 27.13 -44.43 24.20
N SER A 144 27.31 -45.34 25.16
CA SER A 144 27.90 -46.64 24.87
C SER A 144 26.99 -47.50 24.00
N LYS A 145 25.69 -47.20 24.00
CA LYS A 145 24.71 -47.91 23.18
C LYS A 145 24.59 -49.36 23.62
N GLY A 146 24.49 -49.55 24.93
CA GLY A 146 24.33 -50.86 25.52
C GLY A 146 23.64 -50.77 26.85
N ILE A 147 23.29 -51.93 27.40
CA ILE A 147 22.63 -52.04 28.69
C ILE A 147 23.65 -52.55 29.71
N GLN A 148 23.85 -51.77 30.77
CA GLN A 148 24.80 -52.16 31.80
C GLN A 148 24.31 -53.35 32.60
N THR A 149 25.26 -54.14 33.10
CA THR A 149 24.99 -55.25 33.98
C THR A 149 25.27 -54.93 35.45
N GLY A 150 25.88 -53.79 35.75
CA GLY A 150 26.22 -53.44 37.10
C GLY A 150 27.55 -53.97 37.59
N ARG A 151 28.30 -54.67 36.75
CA ARG A 151 29.59 -55.23 37.13
C ARG A 151 30.72 -54.50 36.41
N CYS A 152 31.66 -53.99 37.18
CA CYS A 152 32.90 -53.44 36.62
C CYS A 152 33.81 -54.58 36.18
N ILE A 153 34.36 -54.46 34.98
CA ILE A 153 35.25 -55.49 34.44
C ILE A 153 36.41 -54.80 33.74
N PRO A 154 37.52 -55.50 33.54
CA PRO A 154 38.72 -54.88 32.95
C PRO A 154 38.59 -54.77 31.44
N TYR A 155 38.55 -53.54 30.93
CA TYR A 155 38.66 -53.34 29.50
C TYR A 155 40.05 -53.72 29.00
N ASP A 156 41.08 -53.40 29.77
CA ASP A 156 42.45 -53.73 29.44
C ASP A 156 43.19 -53.98 30.75
N GLN A 157 44.52 -54.02 30.70
CA GLN A 157 45.35 -54.34 31.84
C GLN A 157 45.62 -53.15 32.75
N LYS A 158 44.95 -52.02 32.52
CA LYS A 158 45.23 -50.82 33.29
C LYS A 158 43.96 -50.16 33.86
N ARG A 159 42.90 -50.18 33.05
CA ARG A 159 41.63 -49.49 33.40
C ARG A 159 40.47 -50.47 33.32
N LYS A 160 39.45 -50.27 34.16
CA LYS A 160 38.24 -51.10 34.16
C LYS A 160 37.09 -50.23 33.66
N THR A 161 36.06 -50.83 33.08
CA THR A 161 34.87 -50.16 32.58
C THR A 161 33.66 -51.05 32.85
N CYS A 162 32.50 -50.40 32.90
CA CYS A 162 31.26 -51.12 33.15
C CYS A 162 30.99 -52.14 32.04
N GLU A 163 30.44 -53.28 32.43
CA GLU A 163 30.05 -54.31 31.48
C GLU A 163 28.67 -53.98 30.91
N ILE A 164 28.53 -54.09 29.59
CA ILE A 164 27.28 -53.78 28.92
C ILE A 164 26.93 -54.93 27.98
N PHE A 165 25.63 -55.17 27.82
CA PHE A 165 25.13 -56.01 26.75
C PHE A 165 24.90 -55.13 25.53
N ALA A 166 25.62 -55.41 24.46
CA ALA A 166 25.65 -54.53 23.30
C ALA A 166 26.20 -55.31 22.12
N TRP A 167 26.25 -54.64 20.97
CA TRP A 167 27.07 -55.12 19.88
C TRP A 167 28.53 -55.04 20.30
N CYS A 168 29.21 -56.17 20.28
CA CYS A 168 30.56 -56.25 20.81
C CYS A 168 31.50 -56.81 19.75
N PRO A 169 32.74 -56.29 19.67
CA PRO A 169 33.34 -55.31 20.58
C PRO A 169 32.79 -53.89 20.44
N ALA A 170 32.66 -53.24 21.60
CA ALA A 170 32.08 -51.91 21.68
C ALA A 170 33.16 -50.85 21.58
N GLU A 171 33.08 -50.02 20.54
CA GLU A 171 34.06 -48.98 20.28
C GLU A 171 33.45 -47.59 20.30
N GLU A 172 32.20 -47.46 20.72
CA GLU A 172 31.54 -46.16 20.73
C GLU A 172 32.18 -45.26 21.76
N GLY A 173 32.50 -44.03 21.35
CA GLY A 173 33.29 -43.11 22.13
C GLY A 173 34.73 -42.99 21.69
N LYS A 174 35.20 -43.93 20.89
CA LYS A 174 36.54 -43.84 20.32
C LYS A 174 36.67 -42.57 19.48
N GLU A 175 37.81 -41.92 19.59
CA GLU A 175 38.05 -40.65 18.91
C GLU A 175 38.20 -40.85 17.41
N ALA A 176 37.78 -39.85 16.66
CA ALA A 176 37.96 -39.87 15.21
C ALA A 176 39.45 -39.83 14.88
N PRO A 177 39.89 -40.55 13.84
CA PRO A 177 41.31 -40.52 13.48
C PRO A 177 41.80 -39.12 13.15
N ARG A 178 43.03 -38.84 13.55
CA ARG A 178 43.69 -37.56 13.31
C ARG A 178 45.12 -37.81 12.86
N PRO A 179 45.51 -37.37 11.66
CA PRO A 179 44.71 -36.63 10.67
C PRO A 179 43.64 -37.47 10.00
N ALA A 180 42.67 -36.77 9.41
CA ALA A 180 41.53 -37.44 8.80
C ALA A 180 41.96 -38.26 7.59
N LEU A 181 41.40 -39.46 7.50
CA LEU A 181 41.83 -40.42 6.49
C LEU A 181 41.56 -39.93 5.08
N LEU A 182 40.42 -39.28 4.86
CA LEU A 182 40.05 -38.74 3.56
C LEU A 182 40.11 -37.22 3.55
N ARG A 183 41.13 -36.65 4.19
CA ARG A 183 41.36 -35.22 4.15
C ARG A 183 41.70 -34.72 2.75
N SER A 184 42.08 -35.62 1.85
CA SER A 184 42.34 -35.27 0.46
C SER A 184 41.07 -34.94 -0.31
N ALA A 185 39.90 -35.09 0.31
CA ALA A 185 38.65 -34.67 -0.29
C ALA A 185 38.60 -33.16 -0.51
N GLU A 186 39.49 -32.39 0.12
CA GLU A 186 39.56 -30.96 -0.15
C GLU A 186 39.80 -30.68 -1.61
N ASN A 187 40.43 -31.61 -2.32
CA ASN A 187 40.71 -31.48 -3.74
C ASN A 187 39.59 -32.02 -4.61
N PHE A 188 38.53 -32.59 -4.04
CA PHE A 188 37.38 -32.98 -4.82
C PHE A 188 36.64 -31.75 -5.36
N THR A 189 35.91 -31.97 -6.43
CA THR A 189 35.05 -30.96 -7.02
C THR A 189 33.61 -31.45 -7.08
N VAL A 190 32.68 -30.53 -6.95
CA VAL A 190 31.25 -30.80 -7.11
C VAL A 190 30.68 -29.87 -8.17
N LEU A 191 29.99 -30.45 -9.13
CA LEU A 191 29.21 -29.72 -10.12
C LEU A 191 27.77 -29.63 -9.64
N ILE A 192 27.26 -28.41 -9.53
CA ILE A 192 25.89 -28.16 -9.08
C ILE A 192 25.08 -27.69 -10.27
N LYS A 193 24.04 -28.44 -10.59
CA LYS A 193 23.07 -28.06 -11.60
C LYS A 193 21.79 -27.62 -10.89
N ASN A 194 21.33 -26.41 -11.20
CA ASN A 194 20.23 -25.79 -10.47
C ASN A 194 19.19 -25.33 -11.48
N ASN A 195 18.00 -25.91 -11.38
CA ASN A 195 16.84 -25.50 -12.15
C ASN A 195 15.90 -24.72 -11.25
N ILE A 196 15.50 -23.53 -11.70
CA ILE A 196 14.56 -22.70 -10.96
C ILE A 196 13.43 -22.28 -11.89
N ASP A 197 12.27 -22.03 -11.28
CA ASP A 197 11.07 -21.66 -12.00
C ASP A 197 10.28 -20.67 -11.17
N PHE A 198 9.60 -19.74 -11.88
CA PHE A 198 8.64 -18.82 -11.29
C PHE A 198 7.29 -19.15 -11.90
N PRO A 199 6.50 -20.04 -11.28
CA PRO A 199 5.26 -20.50 -11.93
C PRO A 199 4.27 -19.40 -12.23
N GLY A 200 4.12 -18.41 -11.35
CA GLY A 200 3.20 -17.32 -11.60
C GLY A 200 3.58 -16.51 -12.83
N HIS A 201 4.87 -16.22 -12.98
CA HIS A 201 5.38 -15.51 -14.15
C HIS A 201 5.66 -16.44 -15.33
N ASN A 202 5.45 -17.74 -15.17
CA ASN A 202 5.72 -18.72 -16.21
C ASN A 202 7.12 -18.53 -16.79
N TYR A 203 8.11 -18.55 -15.90
CA TYR A 203 9.50 -18.39 -16.28
C TYR A 203 10.35 -19.45 -15.59
N THR A 204 11.21 -20.11 -16.35
CA THR A 204 12.17 -21.05 -15.81
C THR A 204 13.51 -20.84 -16.50
N THR A 205 14.58 -21.06 -15.74
CA THR A 205 15.93 -21.03 -16.25
C THR A 205 16.80 -21.93 -15.39
N ARG A 206 18.02 -22.18 -15.88
CA ARG A 206 18.97 -22.99 -15.16
C ARG A 206 20.29 -22.24 -15.07
N ASN A 207 21.14 -22.71 -14.16
CA ASN A 207 22.40 -22.04 -13.84
C ASN A 207 23.52 -22.40 -14.79
N ILE A 208 23.29 -23.29 -15.75
CA ILE A 208 24.28 -23.62 -16.76
C ILE A 208 23.64 -23.37 -18.13
N LEU A 209 24.22 -22.43 -18.87
CA LEU A 209 23.73 -22.02 -20.16
C LEU A 209 24.69 -22.44 -21.26
N PRO A 210 24.23 -22.55 -22.50
CA PRO A 210 25.13 -22.96 -23.60
C PRO A 210 26.29 -22.01 -23.76
N GLY A 211 27.45 -22.57 -24.08
CA GLY A 211 28.66 -21.80 -24.26
C GLY A 211 29.51 -21.65 -23.03
N MET A 212 29.14 -22.29 -21.92
CA MET A 212 29.89 -22.19 -20.69
C MET A 212 31.15 -23.05 -20.76
N ASN A 213 32.20 -22.57 -20.10
CA ASN A 213 33.45 -23.33 -20.03
C ASN A 213 33.27 -24.54 -19.13
N ILE A 214 33.61 -25.72 -19.66
CA ILE A 214 33.51 -26.95 -18.89
C ILE A 214 34.74 -27.21 -18.02
N SER A 215 35.87 -26.57 -18.33
CA SER A 215 37.10 -26.76 -17.59
C SER A 215 37.32 -25.69 -16.53
N CYS A 216 36.31 -24.88 -16.26
CA CYS A 216 36.40 -23.83 -15.26
C CYS A 216 36.26 -24.40 -13.85
N THR A 217 36.72 -23.63 -12.88
CA THR A 217 36.44 -23.84 -11.47
C THR A 217 35.98 -22.51 -10.88
N PHE A 218 35.05 -22.58 -9.94
CA PHE A 218 34.46 -21.36 -9.40
C PHE A 218 35.50 -20.48 -8.73
N HIS A 219 35.36 -19.18 -8.95
CA HIS A 219 36.09 -18.17 -8.21
C HIS A 219 35.20 -16.95 -8.04
N LYS A 220 35.35 -16.30 -6.88
CA LYS A 220 34.54 -15.13 -6.58
C LYS A 220 34.65 -14.07 -7.66
N THR A 221 35.86 -13.80 -8.14
CA THR A 221 36.12 -12.73 -9.09
C THR A 221 36.37 -13.22 -10.50
N TRP A 222 37.23 -14.21 -10.67
CA TRP A 222 37.58 -14.65 -12.02
C TRP A 222 36.47 -15.47 -12.67
N ASN A 223 35.82 -16.34 -11.91
CA ASN A 223 34.80 -17.25 -12.43
C ASN A 223 33.61 -17.30 -11.49
N PRO A 224 32.88 -16.18 -11.35
CA PRO A 224 31.74 -16.16 -10.42
C PRO A 224 30.54 -16.95 -10.89
N GLN A 225 30.53 -17.43 -12.13
CA GLN A 225 29.40 -18.16 -12.69
C GLN A 225 29.73 -19.61 -13.01
N CYS A 226 30.90 -20.09 -12.62
CA CYS A 226 31.24 -21.49 -12.85
C CYS A 226 30.60 -22.35 -11.75
N PRO A 227 29.77 -23.33 -12.10
CA PRO A 227 29.07 -24.10 -11.07
C PRO A 227 29.87 -25.31 -10.58
N ILE A 228 31.17 -25.30 -10.80
CA ILE A 228 32.07 -26.36 -10.36
C ILE A 228 32.89 -25.80 -9.20
N PHE A 229 32.76 -26.43 -8.04
CA PHE A 229 33.36 -25.94 -6.81
C PHE A 229 34.31 -26.98 -6.24
N ARG A 230 35.55 -26.56 -6.02
CA ARG A 230 36.49 -27.30 -5.19
C ARG A 230 36.11 -27.10 -3.72
N LEU A 231 35.98 -28.22 -2.99
CA LEU A 231 35.47 -28.16 -1.62
C LEU A 231 36.40 -27.36 -0.71
N GLY A 232 37.72 -27.58 -0.86
CA GLY A 232 38.67 -26.79 -0.12
C GLY A 232 38.51 -25.30 -0.38
N ASP A 233 38.25 -24.93 -1.63
CA ASP A 233 38.01 -23.53 -1.95
C ASP A 233 36.74 -23.01 -1.27
N ILE A 234 35.69 -23.83 -1.20
CA ILE A 234 34.50 -23.44 -0.47
C ILE A 234 34.85 -23.07 0.97
N PHE A 235 35.63 -23.94 1.63
CA PHE A 235 35.99 -23.67 3.02
C PHE A 235 36.89 -22.45 3.13
N GLN A 236 37.82 -22.29 2.19
CA GLN A 236 38.77 -21.18 2.20
C GLN A 236 38.09 -19.83 2.02
N GLU A 237 37.11 -19.74 1.13
CA GLU A 237 36.51 -18.44 0.82
C GLU A 237 35.94 -17.77 2.08
N ILE A 238 35.58 -18.56 3.09
CA ILE A 238 34.96 -18.02 4.28
C ILE A 238 35.81 -18.33 5.50
N GLY A 239 37.10 -18.55 5.30
CA GLY A 239 38.03 -18.74 6.39
C GLY A 239 37.80 -19.96 7.24
N GLU A 240 37.44 -21.08 6.63
CA GLU A 240 37.30 -22.34 7.31
C GLU A 240 38.38 -23.30 6.83
N ASN A 241 38.82 -24.17 7.73
CA ASN A 241 39.92 -25.11 7.46
C ASN A 241 39.34 -26.50 7.22
N PHE A 242 39.40 -26.95 5.96
CA PHE A 242 38.85 -28.25 5.61
C PHE A 242 39.57 -29.38 6.33
N THR A 243 40.90 -29.29 6.43
CA THR A 243 41.67 -30.36 7.05
C THR A 243 41.24 -30.60 8.48
N GLU A 244 40.97 -29.53 9.24
CA GLU A 244 40.53 -29.69 10.63
C GLU A 244 39.08 -30.17 10.71
N VAL A 245 38.19 -29.60 9.89
CA VAL A 245 36.79 -30.00 9.90
C VAL A 245 36.62 -31.44 9.45
N ALA A 246 37.59 -31.96 8.70
CA ALA A 246 37.51 -33.32 8.17
C ALA A 246 37.57 -34.38 9.28
N VAL A 247 38.25 -34.08 10.39
CA VAL A 247 38.41 -35.07 11.46
C VAL A 247 37.05 -35.45 12.05
N GLN A 248 36.26 -34.45 12.45
CA GLN A 248 34.96 -34.68 13.05
C GLN A 248 33.79 -34.42 12.10
N GLY A 249 34.02 -33.73 10.99
CA GLY A 249 32.95 -33.40 10.07
C GLY A 249 32.27 -32.11 10.40
N GLY A 250 31.28 -31.79 9.56
CA GLY A 250 30.52 -30.57 9.72
C GLY A 250 29.50 -30.44 8.61
N ILE A 251 28.80 -29.30 8.65
CA ILE A 251 27.76 -28.98 7.69
C ILE A 251 28.12 -27.65 7.05
N MET A 252 28.26 -27.64 5.74
CA MET A 252 28.62 -26.45 4.99
C MET A 252 27.47 -26.07 4.06
N GLY A 253 27.09 -24.79 4.12
CA GLY A 253 26.03 -24.26 3.28
C GLY A 253 26.59 -23.66 2.00
N ILE A 254 26.01 -24.07 0.89
CA ILE A 254 26.23 -23.43 -0.41
C ILE A 254 24.95 -22.69 -0.75
N GLU A 255 25.04 -21.37 -0.77
CA GLU A 255 23.88 -20.51 -0.99
C GLU A 255 23.84 -20.07 -2.44
N ILE A 256 22.68 -20.25 -3.07
CA ILE A 256 22.44 -19.82 -4.44
C ILE A 256 21.31 -18.80 -4.41
N TYR A 257 21.65 -17.54 -4.61
CA TYR A 257 20.69 -16.45 -4.58
C TYR A 257 20.31 -16.06 -6.01
N TRP A 258 19.03 -16.06 -6.30
CA TRP A 258 18.48 -15.66 -7.59
C TRP A 258 17.69 -14.36 -7.40
N ASP A 259 18.30 -13.24 -7.76
CA ASP A 259 17.62 -11.94 -7.83
C ASP A 259 17.33 -11.67 -9.30
N CYS A 260 16.10 -11.96 -9.71
CA CYS A 260 15.77 -12.06 -11.13
C CYS A 260 14.79 -10.96 -11.52
N ASN A 261 15.18 -10.18 -12.52
CA ASN A 261 14.30 -9.21 -13.17
C ASN A 261 13.84 -9.81 -14.49
N LEU A 262 12.53 -10.03 -14.60
CA LEU A 262 11.96 -10.70 -15.76
C LEU A 262 11.32 -9.73 -16.75
N ASP A 263 11.53 -8.42 -16.59
CA ASP A 263 11.09 -7.48 -17.60
C ASP A 263 12.04 -7.51 -18.79
N SER A 264 11.47 -7.53 -19.99
CA SER A 264 12.26 -7.71 -21.20
C SER A 264 13.32 -6.62 -21.34
N TRP A 265 12.96 -5.37 -21.06
CA TRP A 265 13.89 -4.26 -21.20
C TRP A 265 14.97 -4.26 -20.14
N SER A 266 14.80 -5.03 -19.06
CA SER A 266 15.73 -5.03 -17.96
C SER A 266 15.97 -6.46 -17.49
N HIS A 267 16.02 -7.41 -18.43
CA HIS A 267 16.05 -8.81 -18.08
C HIS A 267 17.40 -9.19 -17.48
N ARG A 268 17.36 -9.75 -16.27
CA ARG A 268 18.58 -10.21 -15.59
C ARG A 268 18.17 -11.27 -14.58
N CYS A 269 18.49 -12.52 -14.87
CA CYS A 269 18.16 -13.65 -13.99
C CYS A 269 19.39 -14.55 -13.91
N GLN A 270 20.24 -14.29 -12.93
CA GLN A 270 21.50 -14.99 -12.76
C GLN A 270 21.72 -15.34 -11.30
N PRO A 271 22.36 -16.47 -11.01
CA PRO A 271 22.61 -16.84 -9.61
C PRO A 271 23.87 -16.22 -9.05
N LYS A 272 23.79 -15.91 -7.76
CA LYS A 272 24.94 -15.52 -6.96
C LYS A 272 25.25 -16.63 -5.96
N TYR A 273 26.51 -17.06 -5.94
CA TYR A 273 26.95 -18.14 -5.07
C TYR A 273 27.65 -17.60 -3.84
N SER A 274 27.29 -18.13 -2.68
CA SER A 274 27.94 -17.79 -1.43
C SER A 274 27.97 -19.02 -0.54
N PHE A 275 28.87 -18.98 0.44
CA PHE A 275 29.11 -20.11 1.33
C PHE A 275 28.98 -19.68 2.78
N ARG A 276 28.50 -20.62 3.60
CA ARG A 276 28.27 -20.36 5.01
C ARG A 276 28.32 -21.68 5.77
N ARG A 277 29.19 -21.76 6.77
CA ARG A 277 29.19 -22.90 7.66
C ARG A 277 27.91 -22.92 8.49
N LEU A 278 27.28 -24.09 8.55
CA LEU A 278 25.98 -24.22 9.18
C LEU A 278 26.02 -24.94 10.52
N ASP A 279 27.09 -25.65 10.82
CA ASP A 279 27.26 -26.30 12.11
C ASP A 279 28.10 -25.43 13.02
N ASP A 280 27.72 -25.36 14.29
CA ASP A 280 28.42 -24.52 15.25
C ASP A 280 29.78 -25.12 15.58
N LYS A 281 30.82 -24.31 15.39
CA LYS A 281 32.19 -24.75 15.64
C LYS A 281 32.39 -25.10 17.12
N TYR A 282 31.79 -24.32 18.02
CA TYR A 282 31.99 -24.45 19.45
C TYR A 282 30.88 -25.25 20.12
N THR A 283 30.32 -26.21 19.40
CA THR A 283 29.32 -27.10 19.97
C THR A 283 29.93 -27.92 21.10
N ASN A 284 29.21 -28.00 22.21
CA ASN A 284 29.71 -28.71 23.38
C ASN A 284 29.85 -30.21 23.10
N GLU A 285 30.81 -30.83 23.79
CA GLU A 285 31.15 -32.23 23.52
C GLU A 285 29.95 -33.14 23.72
N SER A 286 29.05 -32.82 24.65
CA SER A 286 27.85 -33.65 24.96
C SER A 286 26.72 -33.40 23.96
N LEU A 287 26.88 -32.49 23.00
CA LEU A 287 25.81 -32.11 22.05
C LEU A 287 26.07 -32.69 20.65
N PHE A 288 27.05 -33.60 20.48
CA PHE A 288 27.39 -34.25 19.18
C PHE A 288 28.09 -33.26 18.24
N PRO A 289 29.28 -32.74 18.59
CA PRO A 289 30.00 -31.80 17.71
C PRO A 289 30.40 -32.43 16.37
N GLY A 290 30.34 -31.67 15.28
CA GLY A 290 30.72 -32.14 13.93
C GLY A 290 29.56 -32.79 13.20
N TYR A 291 29.82 -33.77 12.33
CA TYR A 291 28.81 -34.49 11.60
C TYR A 291 29.29 -35.91 11.33
N ASN A 292 28.47 -36.88 11.73
CA ASN A 292 28.74 -38.28 11.48
C ASN A 292 27.43 -39.05 11.60
N PHE A 293 27.41 -40.24 11.02
CA PHE A 293 26.33 -41.18 11.19
C PHE A 293 26.90 -42.59 11.27
N ARG A 294 26.12 -43.48 11.86
CA ARG A 294 26.52 -44.87 12.06
C ARG A 294 25.77 -45.74 11.07
N TYR A 295 26.52 -46.46 10.25
CA TYR A 295 25.97 -47.29 9.18
C TYR A 295 26.36 -48.73 9.43
N ALA A 296 25.37 -49.62 9.40
CA ALA A 296 25.57 -51.02 9.72
C ALA A 296 25.43 -51.90 8.48
N LYS A 297 26.35 -52.83 8.33
CA LYS A 297 26.24 -53.91 7.35
C LYS A 297 26.13 -55.23 8.11
N TYR A 298 25.07 -55.98 7.82
CA TYR A 298 24.75 -57.20 8.55
C TYR A 298 25.11 -58.43 7.73
N TYR A 299 25.63 -59.45 8.40
CA TYR A 299 25.98 -60.70 7.77
C TYR A 299 25.98 -61.82 8.80
N LYS A 300 26.09 -63.04 8.30
CA LYS A 300 26.20 -64.23 9.14
C LYS A 300 27.53 -64.91 8.88
N GLU A 301 28.19 -65.33 9.95
CA GLU A 301 29.46 -66.04 9.86
C GLU A 301 29.64 -66.89 11.10
N ASN A 302 30.21 -68.08 10.92
CA ASN A 302 30.40 -69.03 12.02
C ASN A 302 29.07 -69.37 12.69
N GLY A 303 28.00 -69.39 11.90
CA GLY A 303 26.68 -69.68 12.44
C GLY A 303 26.19 -68.68 13.46
N MET A 304 26.48 -67.40 13.25
CA MET A 304 26.04 -66.35 14.15
C MET A 304 25.70 -65.09 13.35
N GLU A 305 24.84 -64.26 13.93
CA GLU A 305 24.38 -63.03 13.28
C GLU A 305 25.33 -61.91 13.63
N LYS A 306 26.12 -61.47 12.65
CA LYS A 306 27.17 -60.48 12.88
C LYS A 306 26.89 -59.19 12.13
N ARG A 307 27.56 -58.13 12.58
CA ARG A 307 27.38 -56.79 12.04
C ARG A 307 28.74 -56.08 11.95
N THR A 308 28.92 -55.32 10.88
CA THR A 308 30.04 -54.38 10.76
C THR A 308 29.49 -52.97 10.85
N LEU A 309 30.04 -52.19 11.77
CA LEU A 309 29.58 -50.83 12.04
C LEU A 309 30.58 -49.84 11.47
N ILE A 310 30.09 -48.96 10.61
CA ILE A 310 30.87 -47.85 10.07
C ILE A 310 30.36 -46.57 10.72
N LYS A 311 31.24 -45.89 11.45
CA LYS A 311 30.99 -44.53 11.90
C LYS A 311 31.66 -43.60 10.90
N ALA A 312 30.86 -43.00 10.04
CA ALA A 312 31.34 -42.13 8.98
C ALA A 312 31.31 -40.69 9.42
N PHE A 313 32.48 -40.06 9.47
CA PHE A 313 32.59 -38.61 9.64
C PHE A 313 32.75 -37.96 8.28
N GLY A 314 32.15 -36.79 8.12
CA GLY A 314 32.35 -36.04 6.91
C GLY A 314 31.55 -34.75 6.90
N VAL A 315 31.58 -34.12 5.74
CA VAL A 315 30.94 -32.83 5.53
C VAL A 315 29.65 -33.07 4.77
N ARG A 316 28.54 -32.63 5.34
CA ARG A 316 27.28 -32.54 4.62
C ARG A 316 27.17 -31.14 4.03
N PHE A 317 26.97 -31.08 2.73
CA PHE A 317 26.83 -29.82 2.01
C PHE A 317 25.35 -29.57 1.74
N ASP A 318 24.81 -28.49 2.29
CA ASP A 318 23.43 -28.10 2.08
C ASP A 318 23.36 -27.02 1.01
N ILE A 319 22.65 -27.31 -0.07
CA ILE A 319 22.46 -26.37 -1.16
C ILE A 319 21.21 -25.55 -0.84
N LEU A 320 21.40 -24.26 -0.57
CA LEU A 320 20.31 -23.36 -0.19
C LEU A 320 20.03 -22.41 -1.35
N VAL A 321 18.90 -22.62 -1.99
CA VAL A 321 18.48 -21.86 -3.16
C VAL A 321 17.29 -21.00 -2.77
N PHE A 322 17.41 -19.70 -2.99
CA PHE A 322 16.38 -18.75 -2.60
C PHE A 322 16.43 -17.56 -3.55
N GLY A 323 15.31 -16.87 -3.64
CA GLY A 323 15.23 -15.67 -4.45
C GLY A 323 13.81 -15.39 -4.89
N THR A 324 13.68 -14.29 -5.63
CA THR A 324 12.40 -13.79 -6.08
C THR A 324 12.50 -13.36 -7.53
N GLY A 325 11.37 -13.42 -8.23
CA GLY A 325 11.28 -13.00 -9.61
C GLY A 325 10.33 -11.83 -9.79
N GLY A 326 10.83 -10.74 -10.36
CA GLY A 326 10.07 -9.51 -10.52
C GLY A 326 9.64 -9.29 -11.96
N LYS A 327 8.35 -8.99 -12.12
CA LYS A 327 7.78 -8.64 -13.41
C LYS A 327 6.80 -7.49 -13.21
N PHE A 328 6.75 -6.58 -14.20
CA PHE A 328 5.88 -5.41 -14.12
C PHE A 328 4.42 -5.84 -13.95
N ASP A 329 3.73 -5.20 -13.00
CA ASP A 329 2.32 -5.44 -12.75
C ASP A 329 1.61 -4.10 -12.59
N ILE A 330 0.48 -3.94 -13.28
CA ILE A 330 -0.22 -2.66 -13.30
C ILE A 330 -0.82 -2.36 -11.93
N ILE A 331 -1.43 -3.38 -11.31
CA ILE A 331 -2.09 -3.17 -10.02
C ILE A 331 -1.10 -2.70 -8.97
N GLN A 332 0.10 -3.28 -8.97
CA GLN A 332 1.12 -2.86 -8.01
C GLN A 332 1.49 -1.40 -8.19
N LEU A 333 1.69 -0.99 -9.44
CA LEU A 333 2.01 0.40 -9.73
C LEU A 333 0.89 1.35 -9.29
N VAL A 334 -0.36 0.98 -9.59
CA VAL A 334 -1.49 1.83 -9.23
C VAL A 334 -1.58 1.97 -7.72
N VAL A 335 -1.43 0.86 -6.99
CA VAL A 335 -1.49 0.90 -5.54
C VAL A 335 -0.38 1.78 -4.98
N TYR A 336 0.84 1.66 -5.51
CA TYR A 336 1.93 2.47 -5.01
C TYR A 336 1.71 3.96 -5.28
N ILE A 337 1.29 4.30 -6.50
CA ILE A 337 1.05 5.70 -6.84
C ILE A 337 -0.03 6.27 -5.95
N GLY A 338 -1.11 5.51 -5.73
CA GLY A 338 -2.16 5.98 -4.84
C GLY A 338 -1.68 6.16 -3.41
N SER A 339 -0.83 5.24 -2.94
CA SER A 339 -0.27 5.35 -1.60
C SER A 339 0.59 6.59 -1.47
N THR A 340 1.15 7.08 -2.57
CA THR A 340 2.05 8.21 -2.48
C THR A 340 1.41 9.54 -2.89
N LEU A 341 0.20 9.52 -3.43
CA LEU A 341 -0.40 10.74 -3.97
C LEU A 341 -0.59 11.80 -2.89
N SER A 342 -1.02 11.40 -1.69
CA SER A 342 -1.31 12.38 -0.65
C SER A 342 -0.08 13.16 -0.21
N TYR A 343 1.13 12.66 -0.46
CA TYR A 343 2.32 13.37 -0.05
C TYR A 343 2.55 14.65 -0.84
N PHE A 344 1.80 14.87 -1.92
CA PHE A 344 1.91 16.09 -2.71
C PHE A 344 1.10 17.25 -2.12
N GLY A 345 0.36 17.03 -1.03
CA GLY A 345 -0.24 18.07 -0.24
C GLY A 345 0.67 18.71 0.78
N LEU A 346 1.93 18.28 0.80
CA LEU A 346 2.88 18.78 1.79
C LEU A 346 3.12 20.27 1.63
N ALA A 347 3.27 20.73 0.39
CA ALA A 347 3.51 22.15 0.15
C ALA A 347 2.35 22.99 0.67
N THR A 348 1.12 22.55 0.37
CA THR A 348 -0.05 23.27 0.84
C THR A 348 -0.10 23.29 2.36
N VAL A 349 0.14 22.15 2.99
CA VAL A 349 0.12 22.09 4.45
C VAL A 349 1.13 23.08 5.04
N CYS A 350 2.35 23.05 4.53
CA CYS A 350 3.42 23.86 5.11
C CYS A 350 3.17 25.35 4.90
N ILE A 351 2.81 25.75 3.68
CA ILE A 351 2.60 27.17 3.41
C ILE A 351 1.38 27.68 4.15
N ASP A 352 0.32 26.89 4.23
CA ASP A 352 -0.85 27.32 4.98
C ASP A 352 -0.54 27.44 6.46
N LEU A 353 0.30 26.54 7.00
CA LEU A 353 0.73 26.67 8.38
C LEU A 353 1.52 27.97 8.58
N ILE A 354 2.40 28.30 7.63
CA ILE A 354 3.15 29.54 7.74
C ILE A 354 2.20 30.74 7.74
N ILE A 355 1.22 30.73 6.84
CA ILE A 355 0.26 31.83 6.77
C ILE A 355 -0.49 31.97 8.08
N ASN A 356 -0.99 30.85 8.61
CA ASN A 356 -1.77 30.89 9.84
C ASN A 356 -0.92 31.38 11.02
N THR A 357 0.31 30.90 11.11
CA THR A 357 1.16 31.24 12.26
C THR A 357 1.58 32.70 12.22
N TYR A 358 2.01 33.20 11.06
CA TYR A 358 2.50 34.56 10.98
C TYR A 358 1.39 35.60 10.95
N ALA A 359 0.13 35.18 10.89
CA ALA A 359 -0.99 36.09 10.95
C ALA A 359 -1.31 36.44 12.39
N SER A 360 -0.87 35.60 13.31
CA SER A 360 -1.08 35.81 14.74
C SER A 360 -0.57 37.25 15.18
N THR A 361 -1.06 37.74 16.31
CA THR A 361 -0.68 39.06 16.81
C THR A 361 0.57 38.94 17.68
N CYS A 362 0.72 37.79 18.33
CA CYS A 362 1.87 37.51 19.15
C CYS A 362 3.23 37.86 18.56
N CYS A 363 3.26 37.87 17.23
CA CYS A 363 4.49 38.17 16.51
C CYS A 363 4.83 39.65 16.42
N ARG A 364 3.81 40.43 16.06
CA ARG A 364 3.98 41.87 15.88
C ARG A 364 4.42 42.55 17.17
N SER A 365 4.04 41.97 18.30
CA SER A 365 4.28 42.57 19.60
C SER A 365 5.47 41.96 20.34
N ARG A 366 5.73 40.67 20.17
CA ARG A 366 6.75 39.97 20.95
C ARG A 366 7.91 39.50 20.08
N VAL A 367 7.64 38.71 19.04
CA VAL A 367 8.72 38.17 18.23
C VAL A 367 9.40 39.27 17.43
N TYR A 368 8.62 40.14 16.79
CA TYR A 368 9.20 41.10 15.87
C TYR A 368 10.16 42.06 16.55
N PRO A 369 9.83 42.68 17.69
CA PRO A 369 10.82 43.55 18.34
C PRO A 369 12.11 42.83 18.69
N SER A 370 12.01 41.58 19.15
CA SER A 370 13.20 40.82 19.48
C SER A 370 14.02 40.52 18.23
N CYS A 371 13.36 40.20 17.12
CA CYS A 371 14.03 39.82 15.88
C CYS A 371 13.37 40.57 14.73
N LYS A 372 14.12 41.48 14.10
CA LYS A 372 13.62 42.24 12.97
C LYS A 372 13.82 41.53 11.64
N CYS A 373 14.35 40.31 11.66
CA CYS A 373 14.56 39.54 10.44
C CYS A 373 13.25 38.98 9.92
N CYS A 374 12.40 38.53 10.84
CA CYS A 374 11.14 37.91 10.49
C CYS A 374 9.95 38.84 10.56
N GLU A 375 10.24 40.13 10.32
CA GLU A 375 9.23 41.17 10.34
C GLU A 375 8.54 41.34 8.97
N PRO A 376 9.29 41.17 7.87
CA PRO A 376 8.65 41.22 6.54
C PRO A 376 7.59 40.14 6.33
N CYS A 377 7.51 39.18 7.24
CA CYS A 377 6.52 38.14 7.18
C CYS A 377 5.18 38.54 7.80
N ALA A 378 5.01 39.86 7.92
CA ALA A 378 3.77 40.43 8.42
C ALA A 378 2.72 40.46 7.31
N VAL A 379 3.16 40.17 6.09
CA VAL A 379 2.24 40.11 4.95
C VAL A 379 1.28 38.94 5.05
N ASN A 380 1.50 38.02 5.98
CA ASN A 380 0.60 36.89 6.14
C ASN A 380 -0.71 37.27 6.81
N GLU A 381 -0.76 38.45 7.45
CA GLU A 381 -2.03 38.96 7.94
C GLU A 381 -2.99 39.24 6.78
N TYR A 382 -2.48 39.87 5.73
CA TYR A 382 -3.27 40.12 4.53
C TYR A 382 -3.72 38.81 3.88
N TYR A 383 -2.81 37.84 3.78
CA TYR A 383 -3.16 36.55 3.20
C TYR A 383 -4.23 35.84 4.03
N TYR A 384 -4.09 35.88 5.36
CA TYR A 384 -5.07 35.26 6.23
C TYR A 384 -6.44 35.93 6.10
N ARG A 385 -6.46 37.26 6.03
CA ARG A 385 -7.72 37.96 5.85
C ARG A 385 -8.37 37.57 4.52
N LYS A 386 -7.55 37.39 3.49
CA LYS A 386 -8.06 36.99 2.19
C LYS A 386 -8.46 35.52 2.12
N LYS A 387 -7.95 34.69 3.03
CA LYS A 387 -8.15 33.25 2.98
C LYS A 387 -9.30 32.78 3.86
N CYS A 388 -9.38 33.28 5.09
CA CYS A 388 -10.31 32.75 6.08
C CYS A 388 -11.36 33.79 6.46
N GLU A 389 -12.61 33.36 6.48
CA GLU A 389 -13.73 34.15 7.00
C GLU A 389 -14.24 33.53 8.30
N PRO A 390 -13.95 34.11 9.46
CA PRO A 390 -14.47 33.56 10.72
C PRO A 390 -15.94 33.92 10.92
N ILE A 391 -16.73 32.91 11.29
CA ILE A 391 -18.14 33.09 11.60
C ILE A 391 -18.44 32.36 12.91
N VAL A 392 -19.54 32.74 13.54
CA VAL A 392 -19.94 32.15 14.83
C VAL A 392 -21.22 31.36 14.63
N GLU A 393 -21.40 30.37 15.50
CA GLU A 393 -22.63 29.60 15.51
C GLU A 393 -23.80 30.47 15.97
N PRO A 394 -24.87 30.60 15.19
CA PRO A 394 -26.02 31.40 15.63
C PRO A 394 -26.86 30.65 16.64
N LYS A 395 -26.75 31.05 17.90
CA LYS A 395 -27.49 30.44 18.99
C LYS A 395 -28.27 31.52 19.72
N PRO A 396 -29.34 31.13 20.44
CA PRO A 396 -30.21 32.15 21.04
C PRO A 396 -29.49 33.12 21.95
N THR A 397 -28.47 32.67 22.67
CA THR A 397 -27.74 33.55 23.58
C THR A 397 -26.78 34.50 22.88
N LEU A 398 -26.56 34.34 21.58
CA LEU A 398 -25.61 35.19 20.88
C LEU A 398 -26.14 36.62 20.78
N LYS A 399 -25.32 37.57 21.23
CA LYS A 399 -25.67 38.98 21.23
C LYS A 399 -24.43 39.80 20.93
N TYR A 400 -24.61 40.89 20.20
CA TYR A 400 -23.55 41.84 19.90
C TYR A 400 -23.97 43.22 20.40
N VAL A 401 -23.05 43.90 21.07
CA VAL A 401 -23.28 45.24 21.57
C VAL A 401 -22.10 46.12 21.16
N SER A 402 -22.40 47.36 20.84
CA SER A 402 -21.39 48.36 20.49
C SER A 402 -21.61 49.59 21.34
N PHE A 403 -20.52 50.16 21.84
CA PHE A 403 -20.54 51.39 22.62
C PHE A 403 -19.84 52.48 21.82
N VAL A 404 -20.48 53.65 21.74
CA VAL A 404 -19.94 54.75 20.96
C VAL A 404 -18.58 55.17 21.51
N ASP A 405 -18.35 54.94 22.81
CA ASP A 405 -17.05 55.24 23.39
C ASP A 405 -15.96 54.34 22.81
N GLU A 406 -16.19 53.04 22.81
CA GLU A 406 -15.18 52.08 22.40
C GLU A 406 -15.08 52.00 20.88
N PRO A 407 -13.94 51.57 20.35
CA PRO A 407 -13.79 51.40 18.90
C PRO A 407 -14.07 50.00 18.39
N HIS A 408 -14.39 49.05 19.26
CA HIS A 408 -14.56 47.66 18.89
C HIS A 408 -15.98 47.21 19.21
N ILE A 409 -16.25 45.94 18.92
CA ILE A 409 -17.54 45.32 19.17
C ILE A 409 -17.38 44.30 20.29
N TRP A 410 -18.46 44.10 21.04
CA TRP A 410 -18.49 43.11 22.11
C TRP A 410 -19.49 42.01 21.78
N MET A 411 -19.07 40.77 21.96
CA MET A 411 -19.92 39.61 21.77
C MET A 411 -20.23 39.00 23.13
N VAL A 412 -21.51 38.76 23.39
CA VAL A 412 -21.97 38.22 24.66
C VAL A 412 -22.78 36.98 24.33
N ASP A 413 -22.11 35.83 24.30
CA ASP A 413 -22.75 34.55 24.03
C ASP A 413 -23.07 33.81 25.34
N GLN A 414 -23.86 34.47 26.19
CA GLN A 414 -24.21 33.92 27.48
C GLN A 414 -25.60 34.39 27.88
N GLN A 415 -26.23 33.63 28.77
CA GLN A 415 -27.55 33.98 29.26
C GLN A 415 -27.47 35.18 30.20
N LEU A 416 -28.58 35.91 30.28
CA LEU A 416 -28.74 37.02 31.21
C LEU A 416 -29.59 36.55 32.37
N LEU A 417 -28.93 36.20 33.48
CA LEU A 417 -29.63 35.70 34.66
C LEU A 417 -30.09 36.84 35.56
N GLY A 418 -30.83 37.78 34.96
CA GLY A 418 -31.30 38.95 35.64
C GLY A 418 -30.32 40.11 35.67
N LYS A 419 -29.10 39.90 35.22
CA LYS A 419 -28.09 40.96 35.18
C LYS A 419 -28.22 41.75 33.89
N SER A 420 -28.16 43.07 34.00
CA SER A 420 -28.33 43.93 32.83
C SER A 420 -27.21 43.67 31.83
N LEU A 421 -27.58 43.69 30.55
CA LEU A 421 -26.62 43.44 29.49
C LEU A 421 -25.48 44.45 29.52
N GLN A 422 -25.72 45.64 30.06
CA GLN A 422 -24.66 46.63 30.20
C GLN A 422 -23.54 46.11 31.10
N ASP A 423 -23.90 45.48 32.21
CA ASP A 423 -22.89 44.98 33.15
C ASP A 423 -22.24 43.70 32.67
N VAL A 424 -23.00 42.83 32.02
CA VAL A 424 -22.46 41.54 31.58
C VAL A 424 -21.28 41.77 30.64
N LYS A 425 -20.20 41.05 30.87
CA LYS A 425 -19.00 41.15 30.06
C LYS A 425 -19.06 40.16 28.91
N GLY A 426 -18.39 40.52 27.81
CA GLY A 426 -18.33 39.64 26.66
C GLY A 426 -16.97 39.59 26.01
N GLN A 427 -16.91 38.97 24.84
CA GLN A 427 -15.68 38.83 24.08
C GLN A 427 -15.56 39.97 23.08
N GLU A 428 -14.44 40.66 23.11
CA GLU A 428 -14.19 41.76 22.19
C GLU A 428 -13.90 41.22 20.80
N VAL A 429 -14.58 41.76 19.80
CA VAL A 429 -14.37 41.35 18.41
C VAL A 429 -14.21 42.60 17.57
N PRO A 430 -13.48 42.54 16.46
CA PRO A 430 -13.21 43.75 15.68
C PRO A 430 -14.36 44.12 14.75
N ARG A 431 -14.34 45.40 14.35
CA ARG A 431 -15.31 45.91 13.40
C ARG A 431 -14.82 45.73 11.97
N PRO A 432 -15.71 45.38 11.02
CA PRO A 432 -15.25 45.19 9.64
C PRO A 432 -14.79 46.46 8.94
N GLN A 433 -14.43 46.32 7.66
CA GLN A 433 -13.81 47.41 6.90
C GLN A 433 -14.80 48.47 6.45
N THR A 434 -16.09 48.15 6.41
CA THR A 434 -17.20 49.05 6.07
C THR A 434 -17.40 49.23 4.57
N ASP A 435 -16.59 48.61 3.72
CA ASP A 435 -16.78 48.66 2.27
C ASP A 435 -16.76 50.11 1.77
N PHE A 436 -15.56 50.70 1.87
CA PHE A 436 -15.39 52.10 1.52
C PHE A 436 -15.93 52.41 0.13
N LEU A 437 -15.82 51.47 -0.80
CA LEU A 437 -16.38 51.67 -2.14
C LEU A 437 -17.88 51.94 -2.07
N GLU A 438 -18.60 51.15 -1.28
CA GLU A 438 -20.04 51.35 -1.15
C GLU A 438 -20.35 52.69 -0.49
N LEU A 439 -19.58 53.06 0.54
CA LEU A 439 -19.84 54.32 1.23
C LEU A 439 -19.64 55.51 0.31
N SER A 440 -18.58 55.50 -0.50
CA SER A 440 -18.30 56.58 -1.42
C SER A 440 -18.89 56.28 -2.80
N SER A 473 -34.17 57.61 34.72
CA SER A 473 -32.72 57.68 34.83
C SER A 473 -32.14 56.38 35.37
N PRO A 474 -32.15 55.33 34.54
CA PRO A 474 -31.62 54.04 34.98
C PRO A 474 -30.14 54.15 35.37
N ASP A 475 -29.76 53.34 36.36
CA ASP A 475 -28.40 53.40 36.88
C ASP A 475 -27.38 52.99 35.82
N TRP A 476 -27.68 51.92 35.07
CA TRP A 476 -26.73 51.45 34.06
C TRP A 476 -26.58 52.45 32.92
N CYS A 477 -27.60 53.27 32.68
CA CYS A 477 -27.51 54.26 31.62
C CYS A 477 -26.46 55.31 31.95
N GLN A 478 -25.72 55.72 30.91
CA GLN A 478 -24.71 56.77 31.02
C GLN A 478 -24.91 57.83 29.95
N CYS A 479 -26.15 57.99 29.48
CA CYS A 479 -26.45 58.96 28.44
C CYS A 479 -27.65 59.85 28.74
N GLY A 480 -28.49 59.49 29.71
CA GLY A 480 -29.59 60.32 30.12
C GLY A 480 -30.83 60.21 29.25
N ASN A 481 -30.81 59.38 28.21
CA ASN A 481 -31.95 59.24 27.31
C ASN A 481 -32.57 57.85 27.34
N CYS A 482 -31.93 56.87 27.98
CA CYS A 482 -32.49 55.54 28.05
C CYS A 482 -33.69 55.49 28.99
N LEU A 483 -34.55 54.51 28.78
CA LEU A 483 -35.78 54.34 29.52
C LEU A 483 -35.89 52.89 30.01
N PRO A 484 -36.66 52.65 31.07
CA PRO A 484 -36.85 51.28 31.52
C PRO A 484 -37.51 50.42 30.46
N SER A 485 -37.18 49.14 30.48
CA SER A 485 -37.72 48.21 29.50
C SER A 485 -39.12 47.78 29.88
N GLN A 486 -39.99 47.70 28.87
CA GLN A 486 -41.38 47.30 29.04
C GLN A 486 -41.58 45.80 28.90
N LEU A 487 -40.51 45.04 28.73
CA LEU A 487 -40.62 43.59 28.58
C LEU A 487 -40.90 42.94 29.93
N PRO A 488 -41.36 41.69 29.92
CA PRO A 488 -41.50 40.96 31.18
C PRO A 488 -40.16 40.82 31.89
N GLU A 489 -40.21 40.74 33.22
CA GLU A 489 -38.98 40.71 34.01
C GLU A 489 -38.10 39.51 33.66
N ASN A 490 -38.67 38.46 33.07
CA ASN A 490 -37.86 37.29 32.72
C ASN A 490 -36.81 37.63 31.69
N ARG A 491 -37.17 38.43 30.67
CA ARG A 491 -36.29 38.75 29.56
C ARG A 491 -36.04 40.25 29.47
N ARG A 492 -36.11 40.95 30.61
CA ARG A 492 -35.95 42.40 30.62
C ARG A 492 -34.50 42.83 30.49
N ALA A 493 -33.55 42.01 30.97
CA ALA A 493 -32.16 42.41 31.00
C ALA A 493 -31.59 42.63 29.60
N LEU A 494 -32.19 42.01 28.57
CA LEU A 494 -31.67 42.16 27.22
C LEU A 494 -31.74 43.61 26.77
N GLU A 495 -32.84 44.29 27.09
CA GLU A 495 -33.04 45.67 26.69
C GLU A 495 -32.39 46.67 27.63
N GLU A 496 -31.81 46.20 28.75
CA GLU A 496 -31.14 47.09 29.75
C GLU A 496 -29.74 47.38 29.19
N LEU A 497 -29.66 48.19 28.14
CA LEU A 497 -28.41 48.49 27.44
C LEU A 497 -28.37 49.96 27.07
N CYS A 498 -27.19 50.56 27.22
CA CYS A 498 -26.98 51.96 26.89
C CYS A 498 -25.99 52.07 25.74
N CYS A 499 -26.04 53.22 25.06
CA CYS A 499 -25.14 53.49 23.95
C CYS A 499 -23.67 53.55 24.36
N ARG A 500 -23.37 53.68 25.65
CA ARG A 500 -22.00 53.87 26.08
C ARG A 500 -21.81 53.26 27.46
N ARG A 501 -20.55 52.97 27.78
CA ARG A 501 -20.18 52.43 29.08
C ARG A 501 -19.81 53.49 30.10
N LYS A 502 -19.62 54.73 29.68
CA LYS A 502 -19.24 55.83 30.54
C LYS A 502 -20.15 57.02 30.26
N PRO A 503 -20.26 57.95 31.20
CA PRO A 503 -21.15 59.10 30.98
C PRO A 503 -20.67 59.94 29.80
N GLY A 504 -21.63 60.47 29.06
CA GLY A 504 -21.32 61.28 27.90
C GLY A 504 -22.55 61.53 27.07
N GLN A 505 -22.33 62.18 25.93
CA GLN A 505 -23.42 62.51 25.03
C GLN A 505 -23.96 61.26 24.36
N CYS A 506 -25.28 61.21 24.21
CA CYS A 506 -25.91 60.07 23.56
C CYS A 506 -25.62 60.08 22.07
N ILE A 507 -25.54 58.87 21.49
CA ILE A 507 -25.32 58.74 20.05
C ILE A 507 -26.46 59.36 19.27
N THR A 508 -27.66 59.42 19.85
CA THR A 508 -28.80 60.00 19.15
C THR A 508 -28.59 61.46 18.81
N THR A 509 -27.69 62.16 19.50
CA THR A 509 -27.50 63.58 19.23
C THR A 509 -26.83 63.80 17.89
N SER A 510 -26.08 62.82 17.39
CA SER A 510 -25.41 62.96 16.11
C SER A 510 -26.43 63.13 14.98
N GLU A 511 -26.09 63.95 14.00
CA GLU A 511 -26.97 64.13 12.85
C GLU A 511 -27.05 62.87 12.00
N LEU A 512 -26.00 62.04 12.03
CA LEU A 512 -26.02 60.80 11.28
C LEU A 512 -27.11 59.88 11.78
N PHE A 513 -27.39 59.90 13.08
CA PHE A 513 -28.44 59.06 13.63
C PHE A 513 -29.79 59.42 13.04
N SER A 514 -30.09 60.72 12.97
CA SER A 514 -31.37 61.15 12.39
C SER A 514 -31.41 60.90 10.89
N LYS A 515 -30.29 61.12 10.19
CA LYS A 515 -30.27 60.90 8.76
C LYS A 515 -30.48 59.44 8.41
N ILE A 516 -29.86 58.52 9.15
CA ILE A 516 -29.92 57.10 8.83
C ILE A 516 -31.15 56.44 9.41
N VAL A 517 -31.40 56.67 10.70
CA VAL A 517 -32.37 55.88 11.44
C VAL A 517 -33.75 56.54 11.46
N LEU A 518 -33.80 57.84 11.73
CA LEU A 518 -35.06 58.54 11.91
C LEU A 518 -35.61 59.16 10.64
N SER A 519 -34.84 59.19 9.56
CA SER A 519 -35.29 59.83 8.33
C SER A 519 -36.36 58.97 7.67
N ARG A 520 -37.61 59.43 7.70
CA ARG A 520 -38.69 58.67 7.11
C ARG A 520 -38.50 58.51 5.60
N GLU A 521 -37.95 59.54 4.95
CA GLU A 521 -37.72 59.44 3.50
C GLU A 521 -36.73 58.34 3.17
N ALA A 522 -35.64 58.24 3.93
CA ALA A 522 -34.64 57.21 3.65
C ALA A 522 -35.21 55.81 3.84
N LEU A 523 -35.94 55.60 4.93
CA LEU A 523 -36.54 54.29 5.17
C LEU A 523 -37.57 53.95 4.10
N GLN A 524 -38.36 54.94 3.69
CA GLN A 524 -39.33 54.71 2.62
C GLN A 524 -38.62 54.34 1.32
N LEU A 525 -37.50 55.00 1.03
CA LEU A 525 -36.76 54.68 -0.19
C LEU A 525 -36.21 53.27 -0.13
N LEU A 526 -35.66 52.85 1.01
CA LEU A 526 -35.18 51.48 1.13
C LEU A 526 -36.32 50.48 0.94
N LEU A 527 -37.46 50.73 1.58
CA LEU A 527 -38.59 49.82 1.45
C LEU A 527 -39.05 49.74 0.00
N LEU A 528 -39.13 50.87 -0.69
CA LEU A 528 -39.54 50.88 -2.08
C LEU A 528 -38.53 50.14 -2.95
N TYR A 529 -37.24 50.27 -2.64
CA TYR A 529 -36.24 49.47 -3.33
C TYR A 529 -36.54 47.98 -3.14
N GLN A 530 -36.92 47.57 -1.94
CA GLN A 530 -37.30 46.18 -1.73
C GLN A 530 -38.67 45.88 -2.31
N GLU A 531 -39.62 46.80 -2.15
CA GLU A 531 -41.00 46.62 -2.62
C GLU A 531 -41.39 47.83 -3.47
N PRO A 532 -41.21 47.75 -4.79
CA PRO A 532 -41.43 48.95 -5.62
C PRO A 532 -42.83 49.52 -5.51
N LEU A 533 -43.85 48.70 -5.33
CA LEU A 533 -45.24 49.14 -5.31
C LEU A 533 -45.83 49.04 -3.91
N LEU A 534 -45.02 49.31 -2.89
CA LEU A 534 -45.50 49.27 -1.52
C LEU A 534 -46.44 50.44 -1.26
N ALA A 535 -47.42 50.20 -0.39
CA ALA A 535 -48.44 51.19 -0.04
C ALA A 535 -48.04 51.86 1.27
N LEU A 536 -47.88 53.19 1.22
CA LEU A 536 -47.48 53.97 2.40
C LEU A 536 -48.73 54.40 3.17
N GLU A 537 -49.40 53.40 3.74
CA GLU A 537 -50.60 53.65 4.54
C GLU A 537 -50.81 52.45 5.45
N GLY A 538 -51.63 52.67 6.48
CA GLY A 538 -51.94 51.63 7.44
C GLY A 538 -50.94 51.59 8.59
N GLU A 539 -51.27 50.75 9.57
CA GLU A 539 -50.39 50.58 10.73
C GLU A 539 -49.22 49.66 10.43
N ALA A 540 -49.27 48.90 9.33
CA ALA A 540 -48.17 48.02 8.97
C ALA A 540 -46.95 48.80 8.50
N ILE A 541 -47.17 49.96 7.88
CA ILE A 541 -46.05 50.75 7.38
C ILE A 541 -45.19 51.25 8.55
N ASN A 542 -45.82 51.58 9.67
CA ASN A 542 -45.04 52.00 10.83
C ASN A 542 -44.17 50.86 11.34
N SER A 543 -44.71 49.64 11.36
CA SER A 543 -43.91 48.50 11.78
C SER A 543 -42.75 48.26 10.83
N LYS A 544 -43.00 48.35 9.53
CA LYS A 544 -41.93 48.18 8.56
C LYS A 544 -40.84 49.23 8.73
N LEU A 545 -41.25 50.49 8.93
CA LEU A 545 -40.29 51.56 9.14
C LEU A 545 -39.49 51.35 10.42
N ARG A 546 -40.13 50.92 11.49
CA ARG A 546 -39.43 50.66 12.74
C ARG A 546 -38.40 49.56 12.56
N HIS A 547 -38.78 48.47 11.90
CA HIS A 547 -37.86 47.38 11.66
C HIS A 547 -36.69 47.82 10.79
N CYS A 548 -36.98 48.60 9.75
CA CYS A 548 -35.93 49.10 8.89
C CYS A 548 -34.98 50.02 9.64
N ALA A 549 -35.50 50.84 10.55
CA ALA A 549 -34.64 51.70 11.36
C ALA A 549 -33.74 50.89 12.28
N TYR A 550 -34.31 49.85 12.91
CA TYR A 550 -33.48 48.94 13.69
C TYR A 550 -32.37 48.36 12.86
N ARG A 551 -32.71 47.85 11.67
CA ARG A 551 -31.71 47.22 10.81
C ARG A 551 -30.66 48.23 10.34
N SER A 552 -31.08 49.48 10.11
CA SER A 552 -30.14 50.50 9.68
C SER A 552 -29.15 50.84 10.78
N TYR A 553 -29.64 51.01 12.01
CA TYR A 553 -28.71 51.22 13.12
C TYR A 553 -27.76 50.04 13.28
N ALA A 554 -28.31 48.82 13.19
CA ALA A 554 -27.48 47.64 13.37
C ALA A 554 -26.41 47.53 12.29
N THR A 555 -26.72 47.77 11.06
CA THR A 555 -25.75 47.73 9.97
C THR A 555 -24.73 48.86 10.11
N TRP A 556 -25.19 50.05 10.51
CA TRP A 556 -24.28 51.18 10.66
C TRP A 556 -23.24 50.92 11.75
N ARG A 557 -23.68 50.40 12.89
CA ARG A 557 -22.77 50.23 14.03
C ARG A 557 -22.07 48.88 14.06
N PHE A 558 -22.46 47.95 13.20
CA PHE A 558 -21.84 46.63 13.17
C PHE A 558 -21.39 46.20 11.78
N VAL A 559 -21.82 46.89 10.72
CA VAL A 559 -21.31 46.66 9.37
C VAL A 559 -21.75 45.28 8.87
N SER A 560 -21.14 44.24 9.42
CA SER A 560 -21.43 42.89 8.96
C SER A 560 -22.87 42.51 9.28
N GLN A 561 -23.55 41.91 8.30
CA GLN A 561 -24.90 41.39 8.55
C GLN A 561 -24.87 40.26 9.56
N ASP A 562 -23.75 39.55 9.68
CA ASP A 562 -23.63 38.49 10.66
C ASP A 562 -23.78 39.03 12.07
N MET A 563 -23.07 40.12 12.38
CA MET A 563 -23.20 40.74 13.69
C MET A 563 -24.47 41.55 13.82
N ALA A 564 -24.85 42.23 12.74
CA ALA A 564 -26.04 43.07 12.80
C ALA A 564 -27.29 42.25 13.05
N ASP A 565 -27.32 40.99 12.60
CA ASP A 565 -28.48 40.15 12.79
C ASP A 565 -28.68 39.81 14.27
N PHE A 566 -27.58 39.70 15.01
CA PHE A 566 -27.63 39.42 16.44
C PHE A 566 -27.23 40.61 17.29
N ALA A 567 -27.19 41.80 16.70
CA ALA A 567 -26.89 43.01 17.45
C ALA A 567 -28.06 43.37 18.36
N ILE A 568 -27.74 44.11 19.42
CA ILE A 568 -28.73 44.55 20.39
C ILE A 568 -28.72 46.06 20.43
N LEU A 569 -29.87 46.66 20.21
CA LEU A 569 -29.97 48.11 20.16
C LEU A 569 -29.99 48.69 21.57
N PRO A 570 -29.34 49.83 21.79
CA PRO A 570 -29.48 50.53 23.07
C PRO A 570 -30.90 51.01 23.30
N SER A 571 -31.24 51.18 24.57
CA SER A 571 -32.59 51.59 24.93
C SER A 571 -32.92 52.95 24.37
N CYS A 572 -31.98 53.90 24.43
CA CYS A 572 -32.23 55.25 23.94
C CYS A 572 -32.60 55.24 22.46
N CYS A 573 -31.77 54.61 21.63
CA CYS A 573 -32.04 54.55 20.19
C CYS A 573 -33.33 53.81 19.92
N ARG A 574 -33.55 52.70 20.62
CA ARG A 574 -34.77 51.92 20.46
C ARG A 574 -36.01 52.77 20.70
N TRP A 575 -36.02 53.51 21.82
CA TRP A 575 -37.21 54.28 22.17
C TRP A 575 -37.36 55.53 21.32
N LYS A 576 -36.27 56.12 20.86
CA LYS A 576 -36.38 57.21 19.89
C LYS A 576 -37.02 56.70 18.60
N ILE A 577 -36.57 55.54 18.12
CA ILE A 577 -37.17 54.95 16.92
C ILE A 577 -38.65 54.69 17.14
N ARG A 578 -38.99 54.11 18.28
CA ARG A 578 -40.38 53.77 18.56
C ARG A 578 -41.24 55.03 18.67
N LYS A 579 -40.69 56.09 19.25
CA LYS A 579 -41.41 57.36 19.29
C LYS A 579 -41.67 57.88 17.88
N GLU A 580 -40.66 57.81 17.01
CA GLU A 580 -40.85 58.27 15.64
C GLU A 580 -41.88 57.42 14.90
N PHE A 581 -41.88 56.11 15.13
CA PHE A 581 -42.78 55.17 14.46
C PHE A 581 -43.45 54.30 15.53
N PRO A 582 -44.40 54.85 16.27
CA PRO A 582 -44.97 54.10 17.40
C PRO A 582 -46.08 53.16 16.98
N LYS A 583 -46.24 52.11 17.78
CA LYS A 583 -47.30 51.12 17.58
C LYS A 583 -48.59 51.64 18.21
N THR A 584 -49.63 51.76 17.39
CA THR A 584 -50.88 52.34 17.88
C THR A 584 -51.50 51.48 18.98
N GLN A 585 -51.54 50.16 18.77
CA GLN A 585 -52.10 49.25 19.76
C GLN A 585 -51.29 47.96 19.75
N GLY A 586 -50.86 47.53 20.94
CA GLY A 586 -50.09 46.33 21.11
C GLY A 586 -48.85 46.58 21.95
N GLN A 587 -48.06 45.52 22.09
CA GLN A 587 -46.85 45.54 22.90
C GLN A 587 -45.64 45.19 22.02
N TYR A 588 -44.55 45.90 22.23
CA TYR A 588 -43.33 45.67 21.46
C TYR A 588 -42.71 44.32 21.82
N SER A 589 -42.38 43.53 20.80
CA SER A 589 -41.80 42.22 21.02
C SER A 589 -40.30 42.27 21.28
N GLY A 590 -39.61 43.26 20.75
CA GLY A 590 -38.18 43.36 20.92
C GLY A 590 -37.43 42.36 20.04
N PHE A 591 -36.17 42.15 20.42
CA PHE A 591 -35.31 41.27 19.63
C PHE A 591 -35.85 39.85 19.60
N LYS A 592 -35.90 39.28 18.40
CA LYS A 592 -36.30 37.89 18.19
C LYS A 592 -35.13 37.12 17.60
N TYR A 593 -34.99 35.87 18.05
CA TYR A 593 -33.93 35.00 17.56
C TYR A 593 -34.18 34.66 16.09
N PRO A 594 -33.27 34.96 15.17
CA PRO A 594 -33.56 34.70 13.75
C PRO A 594 -33.66 33.23 13.39
N TYR A 595 -32.98 32.34 14.11
CA TYR A 595 -32.96 30.93 13.75
C TYR A 595 -33.77 30.09 14.73
N SER B 6 -8.58 30.39 25.06
CA SER B 6 -7.99 29.51 24.01
C SER B 6 -8.90 28.32 23.72
N TRP B 7 -9.85 28.07 24.62
CA TRP B 7 -10.77 26.95 24.42
C TRP B 7 -11.60 27.14 23.16
N ASN B 8 -12.09 28.36 22.93
CA ASN B 8 -12.89 28.62 21.73
C ASN B 8 -12.09 28.31 20.47
N ASP B 9 -10.79 28.60 20.49
CA ASP B 9 -9.95 28.28 19.34
C ASP B 9 -9.89 26.78 19.09
N VAL B 10 -10.08 25.97 20.12
CA VAL B 10 -10.09 24.51 19.95
C VAL B 10 -11.32 24.08 19.19
N PHE B 11 -12.48 24.63 19.55
CA PHE B 11 -13.75 24.24 18.94
C PHE B 11 -14.01 25.06 17.68
N GLN B 12 -13.24 24.74 16.64
CA GLN B 12 -13.38 25.36 15.34
C GLN B 12 -13.43 24.28 14.27
N TYR B 13 -14.18 24.54 13.20
CA TYR B 13 -14.20 23.68 12.03
C TYR B 13 -14.04 24.52 10.78
N GLU B 14 -13.06 24.15 9.95
CA GLU B 14 -12.80 24.82 8.69
C GLU B 14 -13.51 24.08 7.57
N THR B 15 -14.35 24.80 6.82
CA THR B 15 -15.01 24.28 5.65
C THR B 15 -14.61 25.11 4.43
N ASN B 16 -14.36 24.43 3.32
CA ASN B 16 -13.93 25.09 2.10
C ASN B 16 -15.10 25.82 1.44
N LYS B 17 -14.84 27.03 0.97
CA LYS B 17 -15.78 27.75 0.14
C LYS B 17 -15.77 27.16 -1.27
N VAL B 18 -16.95 26.94 -1.83
CA VAL B 18 -17.08 26.29 -3.13
C VAL B 18 -18.04 27.09 -4.01
N THR B 19 -17.86 26.92 -5.32
CA THR B 19 -18.80 27.39 -6.32
C THR B 19 -19.41 26.17 -6.99
N ARG B 20 -20.70 25.95 -6.79
CA ARG B 20 -21.43 24.86 -7.43
C ARG B 20 -21.86 25.28 -8.84
N ILE B 21 -21.29 24.64 -9.85
CA ILE B 21 -21.56 25.00 -11.23
C ILE B 21 -22.73 24.20 -11.76
N GLN B 22 -23.56 24.86 -12.56
CA GLN B 22 -24.78 24.29 -13.13
C GLN B 22 -24.50 23.95 -14.60
N SER B 23 -23.90 22.77 -14.81
CA SER B 23 -23.41 22.38 -16.12
C SER B 23 -23.72 20.92 -16.37
N VAL B 24 -24.23 20.63 -17.58
CA VAL B 24 -24.43 19.25 -17.98
C VAL B 24 -23.09 18.57 -18.25
N ASN B 25 -22.20 19.25 -18.96
CA ASN B 25 -20.95 18.63 -19.38
C ASN B 25 -20.08 18.28 -18.18
N TYR B 26 -19.92 19.22 -17.24
CA TYR B 26 -19.01 19.00 -16.13
C TYR B 26 -19.57 17.97 -15.17
N GLY B 27 -20.88 17.99 -14.91
CA GLY B 27 -21.48 16.94 -14.10
C GLY B 27 -21.33 15.57 -14.72
N THR B 28 -21.59 15.46 -16.02
CA THR B 28 -21.43 14.18 -16.71
C THR B 28 -19.98 13.70 -16.66
N ILE B 29 -19.03 14.60 -16.91
CA ILE B 29 -17.62 14.24 -16.85
C ILE B 29 -17.24 13.76 -15.46
N LYS B 30 -17.69 14.48 -14.43
CA LYS B 30 -17.37 14.12 -13.07
C LYS B 30 -17.89 12.72 -12.74
N TRP B 31 -19.14 12.43 -13.10
CA TRP B 31 -19.72 11.16 -12.75
C TRP B 31 -19.09 10.01 -13.55
N ILE B 32 -18.79 10.26 -14.83
CA ILE B 32 -18.13 9.24 -15.64
C ILE B 32 -16.76 8.91 -15.06
N LEU B 33 -15.99 9.92 -14.67
CA LEU B 33 -14.67 9.67 -14.11
C LEU B 33 -14.76 8.97 -12.76
N HIS B 34 -15.72 9.36 -11.92
CA HIS B 34 -15.91 8.69 -10.64
C HIS B 34 -16.24 7.23 -10.84
N MET B 35 -17.13 6.92 -11.78
CA MET B 35 -17.52 5.54 -12.01
C MET B 35 -16.37 4.74 -12.60
N THR B 36 -15.57 5.36 -13.47
CA THR B 36 -14.41 4.68 -14.02
C THR B 36 -13.42 4.31 -12.91
N VAL B 37 -13.10 5.27 -12.04
CA VAL B 37 -12.20 4.99 -10.92
C VAL B 37 -12.76 3.88 -10.05
N PHE B 38 -14.05 3.98 -9.71
CA PHE B 38 -14.65 3.00 -8.80
C PHE B 38 -14.63 1.62 -9.42
N SER B 39 -14.99 1.52 -10.71
CA SER B 39 -15.01 0.23 -11.38
C SER B 39 -13.61 -0.38 -11.41
N TYR B 40 -12.60 0.41 -11.73
CA TYR B 40 -11.25 -0.14 -11.78
C TYR B 40 -10.78 -0.59 -10.41
N VAL B 41 -11.01 0.21 -9.37
CA VAL B 41 -10.52 -0.17 -8.04
C VAL B 41 -11.25 -1.40 -7.53
N SER B 42 -12.55 -1.51 -7.83
CA SER B 42 -13.29 -2.71 -7.45
C SER B 42 -12.78 -3.93 -8.19
N PHE B 43 -12.52 -3.80 -9.49
CA PHE B 43 -12.00 -4.92 -10.26
C PHE B 43 -10.64 -5.36 -9.73
N ALA B 44 -9.77 -4.40 -9.41
CA ALA B 44 -8.47 -4.75 -8.85
C ALA B 44 -8.63 -5.43 -7.49
N LEU B 45 -9.58 -4.95 -6.67
CA LEU B 45 -9.81 -5.56 -5.37
C LEU B 45 -10.24 -7.02 -5.51
N MET B 46 -11.13 -7.29 -6.46
CA MET B 46 -11.69 -8.64 -6.56
C MET B 46 -10.77 -9.59 -7.31
N SER B 47 -10.19 -9.14 -8.41
CA SER B 47 -9.33 -10.01 -9.22
C SER B 47 -8.09 -10.44 -8.47
N ASP B 48 -7.44 -9.52 -7.78
CA ASP B 48 -6.20 -9.80 -7.06
C ASP B 48 -6.41 -10.07 -5.58
N LYS B 49 -7.66 -10.13 -5.13
CA LYS B 49 -8.00 -10.49 -3.76
C LYS B 49 -7.20 -9.65 -2.77
N LEU B 50 -7.22 -8.33 -2.98
CA LEU B 50 -6.45 -7.42 -2.15
C LEU B 50 -7.09 -7.16 -0.79
N TYR B 51 -8.27 -7.73 -0.55
CA TYR B 51 -8.86 -7.76 0.78
C TYR B 51 -8.37 -8.95 1.60
N GLN B 52 -7.53 -9.82 1.05
CA GLN B 52 -7.05 -11.00 1.73
C GLN B 52 -5.59 -10.84 2.14
N ARG B 53 -5.24 -11.46 3.26
CA ARG B 53 -3.86 -11.71 3.62
C ARG B 53 -3.48 -13.09 3.10
N LYS B 54 -2.45 -13.14 2.26
CA LYS B 54 -2.01 -14.37 1.65
C LYS B 54 -0.86 -14.98 2.44
N GLU B 55 -0.90 -16.30 2.61
CA GLU B 55 0.10 -17.03 3.38
C GLU B 55 0.64 -18.19 2.56
N PRO B 56 1.96 -18.37 2.51
CA PRO B 56 2.51 -19.58 1.88
C PRO B 56 2.22 -20.84 2.69
N LEU B 57 2.12 -21.96 1.99
CA LEU B 57 1.84 -23.25 2.59
C LEU B 57 3.12 -23.94 3.06
N ILE B 58 2.94 -24.88 3.98
CA ILE B 58 3.96 -25.84 4.36
C ILE B 58 3.43 -27.22 4.00
N SER B 59 4.26 -28.03 3.35
CA SER B 59 3.82 -29.26 2.73
C SER B 59 4.58 -30.47 3.25
N SER B 60 3.88 -31.60 3.28
CA SER B 60 4.47 -32.92 3.45
C SER B 60 3.98 -33.81 2.31
N VAL B 61 4.90 -34.59 1.75
CA VAL B 61 4.63 -35.45 0.61
C VAL B 61 4.94 -36.88 0.99
N HIS B 62 4.07 -37.80 0.57
CA HIS B 62 4.25 -39.23 0.79
C HIS B 62 3.92 -39.96 -0.50
N THR B 63 4.93 -40.61 -1.07
CA THR B 63 4.83 -41.26 -2.37
C THR B 63 4.94 -42.77 -2.22
N LYS B 64 4.22 -43.48 -3.08
CA LYS B 64 4.30 -44.94 -3.15
C LYS B 64 4.23 -45.36 -4.61
N VAL B 65 5.28 -46.02 -5.08
CA VAL B 65 5.33 -46.53 -6.44
C VAL B 65 4.79 -47.95 -6.47
N LYS B 66 3.95 -48.23 -7.45
CA LYS B 66 3.40 -49.56 -7.69
C LYS B 66 3.86 -50.07 -9.04
N GLY B 67 4.23 -51.34 -9.10
CA GLY B 67 4.57 -51.96 -10.36
C GLY B 67 5.65 -53.02 -10.31
N VAL B 68 5.49 -54.02 -11.17
CA VAL B 68 6.45 -55.12 -11.33
C VAL B 68 6.86 -55.14 -12.80
N ALA B 69 8.16 -55.17 -13.04
CA ALA B 69 8.71 -55.22 -14.39
C ALA B 69 9.14 -56.64 -14.72
N GLU B 70 8.73 -57.11 -15.89
CA GLU B 70 9.21 -58.37 -16.46
C GLU B 70 10.36 -58.08 -17.41
N VAL B 71 11.45 -58.83 -17.25
CA VAL B 71 12.66 -58.62 -18.01
C VAL B 71 13.18 -59.95 -18.55
N THR B 72 14.08 -59.84 -19.53
CA THR B 72 14.80 -60.99 -20.10
C THR B 72 16.28 -60.61 -20.15
N GLU B 73 17.02 -61.00 -19.12
CA GLU B 73 18.45 -60.75 -19.05
C GLU B 73 19.21 -61.99 -19.48
N ASN B 74 20.54 -61.93 -19.36
CA ASN B 74 21.40 -63.06 -19.69
C ASN B 74 22.57 -63.14 -18.72
N THR B 81 25.87 -66.99 -23.81
CA THR B 81 24.73 -66.30 -23.21
C THR B 81 23.55 -67.25 -23.03
N LYS B 82 22.57 -66.82 -22.24
CA LYS B 82 21.35 -67.61 -22.03
C LYS B 82 20.20 -66.66 -21.79
N LEU B 83 18.99 -67.17 -22.03
CA LEU B 83 17.76 -66.40 -21.86
C LEU B 83 17.26 -66.62 -20.45
N VAL B 84 17.44 -65.63 -19.58
CA VAL B 84 17.03 -65.70 -18.19
C VAL B 84 15.85 -64.76 -17.99
N HIS B 85 14.79 -65.27 -17.37
CA HIS B 85 13.57 -64.52 -17.13
C HIS B 85 13.48 -64.15 -15.66
N GLY B 86 13.18 -62.87 -15.39
CA GLY B 86 13.15 -62.37 -14.04
C GLY B 86 12.13 -61.26 -13.91
N ILE B 87 11.96 -60.78 -12.68
CA ILE B 87 11.07 -59.67 -12.38
C ILE B 87 11.79 -58.67 -11.49
N PHE B 88 11.31 -57.43 -11.52
CA PHE B 88 11.78 -56.35 -10.68
C PHE B 88 10.59 -55.80 -9.90
N ASP B 89 10.66 -55.89 -8.58
CA ASP B 89 9.67 -55.26 -7.71
C ASP B 89 10.26 -54.03 -7.05
N THR B 90 9.42 -53.33 -6.29
CA THR B 90 9.75 -51.99 -5.79
C THR B 90 11.11 -51.96 -5.09
N ALA B 91 11.41 -52.96 -4.27
CA ALA B 91 12.69 -52.98 -3.58
C ALA B 91 13.86 -53.16 -4.53
N ASP B 92 13.61 -53.65 -5.74
CA ASP B 92 14.65 -53.82 -6.74
C ASP B 92 14.91 -52.56 -7.56
N TYR B 93 14.05 -51.54 -7.48
CA TYR B 93 14.23 -50.36 -8.33
C TYR B 93 13.96 -49.03 -7.62
N THR B 94 13.73 -49.01 -6.30
CA THR B 94 13.52 -47.76 -5.58
C THR B 94 14.42 -47.69 -4.35
N LEU B 95 14.72 -46.46 -3.95
CA LEU B 95 15.34 -46.11 -2.68
C LEU B 95 14.30 -45.98 -1.59
N PRO B 96 14.70 -46.11 -0.32
CA PRO B 96 13.74 -45.99 0.78
C PRO B 96 13.03 -44.65 0.84
N LEU B 97 13.69 -43.56 0.42
CA LEU B 97 13.09 -42.24 0.47
C LEU B 97 11.76 -42.21 -0.27
N GLN B 98 10.75 -41.59 0.36
CA GLN B 98 9.41 -41.52 -0.20
C GLN B 98 8.78 -40.15 0.02
N GLY B 99 9.60 -39.10 0.03
CA GLY B 99 9.12 -37.76 0.29
C GLY B 99 9.03 -36.88 -0.94
N ASN B 100 9.70 -35.73 -0.90
CA ASN B 100 9.62 -34.76 -1.98
C ASN B 100 10.28 -35.24 -3.27
N SER B 101 11.12 -36.28 -3.18
CA SER B 101 11.70 -36.89 -4.37
C SER B 101 11.70 -38.39 -4.23
N PHE B 102 11.41 -39.09 -5.33
CA PHE B 102 11.57 -40.53 -5.40
C PHE B 102 12.27 -40.90 -6.70
N PHE B 103 13.06 -41.97 -6.61
CA PHE B 103 13.87 -42.45 -7.71
C PHE B 103 13.34 -43.78 -8.21
N VAL B 104 13.24 -43.92 -9.53
CA VAL B 104 12.90 -45.18 -10.18
C VAL B 104 14.06 -45.55 -11.10
N MET B 105 14.64 -46.72 -10.86
CA MET B 105 15.69 -47.23 -11.72
C MET B 105 15.10 -47.71 -13.04
N THR B 106 15.73 -47.27 -14.13
CA THR B 106 15.34 -47.67 -15.48
C THR B 106 16.42 -48.40 -16.23
N ASN B 107 17.68 -48.30 -15.78
CA ASN B 107 18.82 -48.92 -16.44
C ASN B 107 19.92 -49.09 -15.40
N TYR B 108 20.82 -50.02 -15.66
CA TYR B 108 21.91 -50.25 -14.73
C TYR B 108 23.07 -50.94 -15.43
N LEU B 109 24.27 -50.64 -14.97
CA LEU B 109 25.49 -51.38 -15.26
C LEU B 109 26.04 -51.91 -13.95
N LYS B 110 26.37 -53.19 -13.92
CA LYS B 110 26.86 -53.85 -12.73
C LYS B 110 28.28 -54.33 -12.94
N SER B 111 29.15 -54.04 -11.97
CA SER B 111 30.55 -54.49 -11.97
C SER B 111 30.76 -55.31 -10.70
N GLU B 112 30.84 -56.62 -10.85
CA GLU B 112 30.96 -57.54 -9.73
C GLU B 112 32.40 -57.94 -9.49
N GLY B 113 32.71 -58.22 -8.22
CA GLY B 113 34.00 -58.72 -7.82
C GLY B 113 35.16 -57.79 -8.09
N GLN B 114 35.00 -56.52 -7.73
CA GLN B 114 36.05 -55.54 -7.94
C GLN B 114 37.11 -55.66 -6.86
N GLU B 115 38.37 -55.53 -7.28
CA GLU B 115 39.52 -55.52 -6.39
C GLU B 115 40.33 -54.27 -6.66
N GLN B 116 40.89 -53.69 -5.60
CA GLN B 116 41.77 -52.53 -5.74
C GLN B 116 43.14 -53.02 -6.18
N LYS B 117 43.45 -52.80 -7.45
CA LYS B 117 44.72 -53.23 -8.03
C LYS B 117 44.96 -52.39 -9.28
N LEU B 118 45.90 -52.83 -10.11
CA LEU B 118 46.18 -52.17 -11.37
C LEU B 118 45.38 -52.83 -12.49
N CYS B 119 44.90 -52.00 -13.42
CA CYS B 119 44.14 -52.46 -14.55
C CYS B 119 44.13 -51.37 -15.60
N PRO B 120 43.87 -51.72 -16.86
CA PRO B 120 43.69 -50.68 -17.88
C PRO B 120 42.36 -49.97 -17.71
N GLU B 121 42.34 -48.68 -18.07
CA GLU B 121 41.11 -47.91 -18.00
C GLU B 121 40.24 -48.20 -19.21
N TYR B 122 38.93 -48.15 -19.00
CA TYR B 122 37.99 -48.39 -20.08
C TYR B 122 38.19 -47.35 -21.17
N PRO B 123 38.26 -47.77 -22.45
CA PRO B 123 38.42 -46.81 -23.57
C PRO B 123 37.12 -46.08 -23.89
N SER B 124 36.86 -45.01 -23.15
CA SER B 124 35.58 -44.32 -23.18
C SER B 124 35.72 -43.03 -23.98
N ARG B 125 35.41 -43.12 -25.28
CA ARG B 125 35.25 -41.94 -26.14
C ARG B 125 36.43 -40.98 -26.00
N GLY B 126 37.60 -41.46 -26.42
CA GLY B 126 38.79 -40.65 -26.45
C GLY B 126 39.87 -41.02 -25.45
N LYS B 127 39.74 -42.14 -24.76
CA LYS B 127 40.75 -42.58 -23.80
C LYS B 127 41.77 -43.53 -24.41
N GLN B 128 41.67 -43.80 -25.71
CA GLN B 128 42.67 -44.63 -26.37
C GLN B 128 44.06 -44.01 -26.19
N CYS B 129 45.02 -44.84 -25.82
CA CYS B 129 46.40 -44.42 -25.60
C CYS B 129 47.31 -45.16 -26.57
N HIS B 130 48.22 -44.41 -27.21
CA HIS B 130 49.13 -44.98 -28.19
C HIS B 130 50.53 -45.23 -27.64
N SER B 131 50.91 -44.56 -26.54
CA SER B 131 52.21 -44.76 -25.94
C SER B 131 52.16 -44.29 -24.49
N ASP B 132 53.18 -44.69 -23.73
CA ASP B 132 53.27 -44.26 -22.34
C ASP B 132 53.43 -42.75 -22.21
N GLN B 133 53.76 -42.06 -23.31
CA GLN B 133 53.89 -40.61 -23.26
C GLN B 133 52.57 -39.95 -22.90
N GLY B 134 51.46 -40.45 -23.46
CA GLY B 134 50.17 -39.88 -23.14
C GLY B 134 49.80 -40.07 -21.67
N CYS B 135 50.07 -41.24 -21.12
CA CYS B 135 49.76 -41.51 -19.73
C CYS B 135 50.71 -40.75 -18.81
N ILE B 136 50.18 -40.31 -17.67
CA ILE B 136 50.92 -39.55 -16.67
C ILE B 136 50.83 -40.30 -15.35
N LYS B 137 51.98 -40.58 -14.74
CA LYS B 137 51.97 -41.30 -13.48
C LYS B 137 51.53 -40.38 -12.35
N GLY B 138 50.78 -40.94 -11.41
CA GLY B 138 50.34 -40.20 -10.24
C GLY B 138 49.23 -39.23 -10.48
N TRP B 139 48.64 -39.20 -11.68
CA TRP B 139 47.61 -38.23 -12.00
C TRP B 139 46.24 -38.86 -11.76
N MET B 140 45.44 -38.21 -10.93
CA MET B 140 44.10 -38.69 -10.62
C MET B 140 43.16 -38.37 -11.76
N ASP B 141 42.48 -39.39 -12.26
CA ASP B 141 41.46 -39.21 -13.29
C ASP B 141 40.09 -39.34 -12.62
N PRO B 142 39.33 -38.25 -12.45
CA PRO B 142 37.99 -38.38 -11.87
C PRO B 142 37.01 -39.14 -12.75
N GLN B 143 37.32 -39.32 -14.03
CA GLN B 143 36.44 -40.04 -14.94
C GLN B 143 36.62 -41.54 -14.80
N SER B 144 37.84 -42.03 -15.03
CA SER B 144 38.15 -43.43 -14.82
C SER B 144 38.12 -43.80 -13.35
N LYS B 145 38.26 -42.82 -12.47
CA LYS B 145 38.20 -43.03 -11.03
C LYS B 145 39.36 -43.90 -10.54
N GLY B 146 40.56 -43.58 -11.04
CA GLY B 146 41.76 -44.29 -10.67
C GLY B 146 42.96 -43.38 -10.83
N ILE B 147 44.10 -43.87 -10.35
CA ILE B 147 45.37 -43.16 -10.42
C ILE B 147 46.22 -43.82 -11.50
N GLN B 148 46.63 -43.03 -12.49
CA GLN B 148 47.45 -43.56 -13.58
C GLN B 148 48.85 -43.91 -13.09
N THR B 149 49.45 -44.90 -13.76
CA THR B 149 50.83 -45.29 -13.53
C THR B 149 51.79 -44.76 -14.58
N GLY B 150 51.28 -44.17 -15.67
CA GLY B 150 52.11 -43.69 -16.74
C GLY B 150 52.48 -44.72 -17.78
N ARG B 151 51.99 -45.95 -17.68
CA ARG B 151 52.28 -47.00 -18.63
C ARG B 151 51.04 -47.34 -19.44
N CYS B 152 51.17 -47.28 -20.76
CA CYS B 152 50.14 -47.77 -21.66
C CYS B 152 50.18 -49.30 -21.69
N ILE B 153 49.00 -49.91 -21.58
CA ILE B 153 48.89 -51.36 -21.59
C ILE B 153 47.67 -51.75 -22.43
N PRO B 154 47.63 -52.99 -22.90
CA PRO B 154 46.54 -53.40 -23.79
C PRO B 154 45.27 -53.73 -23.00
N TYR B 155 44.22 -52.95 -23.22
CA TYR B 155 42.91 -53.31 -22.69
C TYR B 155 42.38 -54.57 -23.36
N ASP B 156 42.59 -54.69 -24.67
CA ASP B 156 42.18 -55.85 -25.43
C ASP B 156 43.20 -56.07 -26.54
N GLN B 157 42.86 -56.89 -27.52
CA GLN B 157 43.78 -57.27 -28.58
C GLN B 157 43.81 -56.25 -29.72
N LYS B 158 43.18 -55.08 -29.56
CA LYS B 158 43.12 -54.11 -30.64
C LYS B 158 43.53 -52.71 -30.20
N ARG B 159 43.14 -52.34 -28.97
CA ARG B 159 43.35 -50.97 -28.45
C ARG B 159 44.08 -51.04 -27.11
N LYS B 160 44.90 -50.04 -26.82
CA LYS B 160 45.64 -49.93 -25.54
C LYS B 160 45.03 -48.77 -24.76
N THR B 161 45.13 -48.78 -23.44
CA THR B 161 44.65 -47.74 -22.54
C THR B 161 45.61 -47.62 -21.38
N CYS B 162 45.60 -46.43 -20.77
CA CYS B 162 46.47 -46.16 -19.64
C CYS B 162 46.16 -47.11 -18.49
N GLU B 163 47.23 -47.52 -17.79
CA GLU B 163 47.09 -48.35 -16.60
C GLU B 163 46.78 -47.48 -15.39
N ILE B 164 45.79 -47.88 -14.59
CA ILE B 164 45.38 -47.13 -13.42
C ILE B 164 45.30 -48.08 -12.22
N PHE B 165 45.60 -47.54 -11.06
CA PHE B 165 45.30 -48.20 -9.80
C PHE B 165 43.90 -47.79 -9.39
N ALA B 166 42.99 -48.76 -9.31
CA ALA B 166 41.58 -48.48 -9.13
C ALA B 166 40.89 -49.75 -8.65
N TRP B 167 39.60 -49.64 -8.40
CA TRP B 167 38.76 -50.82 -8.31
C TRP B 167 38.72 -51.49 -9.68
N CYS B 168 39.14 -52.75 -9.73
CA CYS B 168 39.29 -53.43 -11.00
C CYS B 168 38.50 -54.73 -10.99
N PRO B 169 37.87 -55.10 -12.12
CA PRO B 169 37.95 -54.43 -13.43
C PRO B 169 37.23 -53.09 -13.51
N ALA B 170 37.84 -52.17 -14.24
CA ALA B 170 37.35 -50.81 -14.36
C ALA B 170 36.45 -50.69 -15.58
N GLU B 171 35.18 -50.35 -15.35
CA GLU B 171 34.19 -50.23 -16.40
C GLU B 171 33.61 -48.83 -16.50
N GLU B 172 34.18 -47.86 -15.78
CA GLU B 172 33.66 -46.51 -15.81
C GLU B 172 33.87 -45.88 -17.18
N GLY B 173 32.81 -45.29 -17.71
CA GLY B 173 32.78 -44.82 -19.08
C GLY B 173 32.01 -45.72 -20.03
N LYS B 174 31.75 -46.96 -19.64
CA LYS B 174 30.91 -47.84 -20.42
C LYS B 174 29.54 -47.24 -20.62
N GLU B 175 29.00 -47.39 -21.83
CA GLU B 175 27.73 -46.79 -22.19
C GLU B 175 26.57 -47.51 -21.49
N ALA B 176 25.52 -46.74 -21.21
CA ALA B 176 24.32 -47.32 -20.64
C ALA B 176 23.66 -48.27 -21.64
N PRO B 177 23.10 -49.39 -21.18
CA PRO B 177 22.47 -50.32 -22.12
C PRO B 177 21.34 -49.66 -22.90
N ARG B 178 21.22 -50.06 -24.16
CA ARG B 178 20.20 -49.56 -25.07
C ARG B 178 19.61 -50.72 -25.86
N PRO B 179 18.31 -51.01 -25.75
CA PRO B 179 17.30 -50.30 -24.95
C PRO B 179 17.45 -50.50 -23.45
N ALA B 180 16.84 -49.59 -22.70
CA ALA B 180 16.95 -49.61 -21.25
C ALA B 180 16.31 -50.85 -20.66
N LEU B 181 16.99 -51.45 -19.69
CA LEU B 181 16.58 -52.74 -19.15
C LEU B 181 15.23 -52.65 -18.45
N LEU B 182 14.98 -51.56 -17.73
CA LEU B 182 13.72 -51.35 -17.02
C LEU B 182 12.90 -50.24 -17.68
N ARG B 183 12.88 -50.23 -19.01
CA ARG B 183 12.04 -49.30 -19.75
C ARG B 183 10.56 -49.57 -19.53
N SER B 184 10.20 -50.75 -19.02
CA SER B 184 8.82 -51.08 -18.69
C SER B 184 8.33 -50.32 -17.47
N ALA B 185 9.19 -49.55 -16.81
CA ALA B 185 8.76 -48.69 -15.72
C ALA B 185 7.80 -47.60 -16.18
N GLU B 186 7.70 -47.36 -17.49
CA GLU B 186 6.71 -46.40 -17.99
C GLU B 186 5.30 -46.80 -17.57
N ASN B 187 5.07 -48.09 -17.35
CA ASN B 187 3.78 -48.60 -16.92
C ASN B 187 3.62 -48.62 -15.40
N PHE B 188 4.64 -48.23 -14.64
CA PHE B 188 4.49 -48.10 -13.20
C PHE B 188 3.58 -46.92 -12.88
N THR B 189 2.99 -46.98 -11.69
CA THR B 189 2.17 -45.91 -11.15
C THR B 189 2.73 -45.45 -9.81
N VAL B 190 2.57 -44.16 -9.52
CA VAL B 190 2.93 -43.57 -8.24
C VAL B 190 1.70 -42.89 -7.67
N LEU B 191 1.39 -43.21 -6.41
CA LEU B 191 0.37 -42.51 -5.63
C LEU B 191 1.07 -41.45 -4.78
N ILE B 192 0.63 -40.20 -4.94
CA ILE B 192 1.19 -39.08 -4.20
C ILE B 192 0.16 -38.62 -3.19
N LYS B 193 0.54 -38.68 -1.91
CA LYS B 193 -0.26 -38.12 -0.83
C LYS B 193 0.40 -36.83 -0.38
N ASN B 194 -0.38 -35.75 -0.37
CA ASN B 194 0.15 -34.42 -0.11
C ASN B 194 -0.67 -33.77 1.01
N ASN B 195 0.00 -33.47 2.11
CA ASN B 195 -0.57 -32.72 3.22
C ASN B 195 -0.04 -31.30 3.18
N ILE B 196 -0.93 -30.33 3.23
CA ILE B 196 -0.54 -28.92 3.26
C ILE B 196 -1.25 -28.23 4.42
N ASP B 197 -0.61 -27.18 4.92
CA ASP B 197 -1.11 -26.41 6.05
C ASP B 197 -0.78 -24.95 5.85
N PHE B 198 -1.68 -24.09 6.34
CA PHE B 198 -1.46 -22.65 6.42
C PHE B 198 -1.46 -22.29 7.91
N PRO B 199 -0.30 -22.29 8.56
CA PRO B 199 -0.29 -22.12 10.03
C PRO B 199 -0.89 -20.80 10.50
N GLY B 200 -0.64 -19.70 9.78
CA GLY B 200 -1.22 -18.43 10.17
C GLY B 200 -2.73 -18.43 10.14
N HIS B 201 -3.31 -19.02 9.11
CA HIS B 201 -4.76 -19.16 9.00
C HIS B 201 -5.30 -20.38 9.72
N ASN B 202 -4.43 -21.18 10.35
CA ASN B 202 -4.83 -22.40 11.04
C ASN B 202 -5.73 -23.26 10.15
N TYR B 203 -5.23 -23.57 8.97
CA TYR B 203 -5.96 -24.40 8.01
C TYR B 203 -5.03 -25.47 7.45
N THR B 204 -5.51 -26.71 7.44
CA THR B 204 -4.80 -27.80 6.80
C THR B 204 -5.79 -28.65 6.01
N THR B 205 -5.30 -29.20 4.91
CA THR B 205 -6.07 -30.13 4.10
C THR B 205 -5.10 -31.06 3.38
N ARG B 206 -5.64 -32.11 2.78
CA ARG B 206 -4.87 -33.05 2.01
C ARG B 206 -5.50 -33.24 0.65
N ASN B 207 -4.71 -33.79 -0.27
CA ASN B 207 -5.09 -33.94 -1.66
C ASN B 207 -5.95 -35.17 -1.92
N ILE B 208 -6.21 -36.00 -0.91
CA ILE B 208 -7.09 -37.15 -1.05
C ILE B 208 -8.19 -37.00 0.00
N LEU B 209 -9.42 -36.88 -0.46
CA LEU B 209 -10.58 -36.68 0.39
C LEU B 209 -11.48 -37.92 0.34
N PRO B 210 -12.33 -38.10 1.36
CA PRO B 210 -13.20 -39.28 1.37
C PRO B 210 -14.12 -39.30 0.15
N GLY B 211 -14.36 -40.51 -0.35
CA GLY B 211 -15.21 -40.70 -1.51
C GLY B 211 -14.48 -40.70 -2.84
N MET B 212 -13.15 -40.62 -2.83
CA MET B 212 -12.38 -40.61 -4.06
C MET B 212 -12.28 -42.01 -4.64
N ASN B 213 -12.24 -42.06 -5.98
CA ASN B 213 -12.09 -43.33 -6.67
C ASN B 213 -10.67 -43.86 -6.47
N ILE B 214 -10.55 -45.10 -6.00
CA ILE B 214 -9.25 -45.71 -5.79
C ILE B 214 -8.71 -46.36 -7.06
N SER B 215 -9.55 -46.64 -8.04
CA SER B 215 -9.14 -47.29 -9.28
C SER B 215 -8.90 -46.29 -10.40
N CYS B 216 -8.87 -44.99 -10.09
CA CYS B 216 -8.62 -43.96 -11.07
C CYS B 216 -7.14 -43.86 -11.41
N THR B 217 -6.87 -43.25 -12.56
CA THR B 217 -5.54 -42.80 -12.94
C THR B 217 -5.66 -41.36 -13.42
N PHE B 218 -4.63 -40.57 -13.14
CA PHE B 218 -4.69 -39.14 -13.43
C PHE B 218 -4.87 -38.89 -14.92
N HIS B 219 -5.70 -37.90 -15.23
CA HIS B 219 -5.81 -37.35 -16.56
C HIS B 219 -6.09 -35.87 -16.46
N LYS B 220 -5.53 -35.11 -17.39
CA LYS B 220 -5.71 -33.66 -17.39
C LYS B 220 -7.18 -33.27 -17.38
N THR B 221 -7.99 -33.94 -18.20
CA THR B 221 -9.40 -33.58 -18.37
C THR B 221 -10.34 -34.54 -17.66
N TRP B 222 -10.18 -35.84 -17.84
CA TRP B 222 -11.12 -36.80 -17.29
C TRP B 222 -10.95 -36.95 -15.77
N ASN B 223 -9.71 -36.99 -15.29
CA ASN B 223 -9.42 -37.23 -13.88
C ASN B 223 -8.34 -36.26 -13.40
N PRO B 224 -8.64 -34.96 -13.35
CA PRO B 224 -7.63 -33.98 -12.93
C PRO B 224 -7.31 -34.01 -11.46
N GLN B 225 -8.07 -34.75 -10.65
CA GLN B 225 -7.87 -34.80 -9.21
C GLN B 225 -7.44 -36.18 -8.72
N CYS B 226 -7.15 -37.11 -9.62
CA CYS B 226 -6.68 -38.42 -9.21
C CYS B 226 -5.18 -38.34 -8.89
N PRO B 227 -4.74 -38.70 -7.69
CA PRO B 227 -3.33 -38.55 -7.33
C PRO B 227 -2.48 -39.75 -7.70
N ILE B 228 -2.99 -40.59 -8.61
CA ILE B 228 -2.27 -41.77 -9.09
C ILE B 228 -1.82 -41.48 -10.51
N PHE B 229 -0.51 -41.50 -10.72
CA PHE B 229 0.10 -41.10 -11.99
C PHE B 229 0.88 -42.25 -12.59
N ARG B 230 0.54 -42.60 -13.82
CA ARG B 230 1.40 -43.45 -14.65
C ARG B 230 2.57 -42.62 -15.15
N LEU B 231 3.79 -43.15 -14.96
CA LEU B 231 4.99 -42.38 -15.25
C LEU B 231 5.09 -42.05 -16.74
N GLY B 232 4.78 -43.03 -17.59
CA GLY B 232 4.73 -42.76 -19.01
C GLY B 232 3.78 -41.65 -19.36
N ASP B 233 2.62 -41.61 -18.70
CA ASP B 233 1.67 -40.52 -18.92
C ASP B 233 2.25 -39.18 -18.49
N ILE B 234 3.00 -39.15 -17.39
CA ILE B 234 3.67 -37.93 -16.97
C ILE B 234 4.56 -37.41 -18.09
N PHE B 235 5.38 -38.31 -18.66
CA PHE B 235 6.28 -37.89 -19.73
C PHE B 235 5.52 -37.47 -20.98
N GLN B 236 4.44 -38.20 -21.30
CA GLN B 236 3.63 -37.92 -22.49
C GLN B 236 2.95 -36.57 -22.42
N GLU B 237 2.40 -36.20 -21.27
CA GLU B 237 1.61 -34.98 -21.19
C GLU B 237 2.40 -33.76 -21.62
N ILE B 238 3.73 -33.82 -21.52
CA ILE B 238 4.58 -32.67 -21.84
C ILE B 238 5.54 -33.03 -22.97
N GLY B 239 5.16 -34.01 -23.79
CA GLY B 239 5.93 -34.36 -24.96
C GLY B 239 7.33 -34.86 -24.70
N GLU B 240 7.50 -35.68 -23.67
CA GLU B 240 8.77 -36.33 -23.39
C GLU B 240 8.63 -37.83 -23.58
N ASN B 241 9.71 -38.47 -24.02
CA ASN B 241 9.73 -39.88 -24.36
C ASN B 241 10.41 -40.65 -23.22
N PHE B 242 9.61 -41.42 -22.48
CA PHE B 242 10.13 -42.17 -21.35
C PHE B 242 11.14 -43.22 -21.79
N THR B 243 10.87 -43.90 -22.92
CA THR B 243 11.75 -44.96 -23.38
C THR B 243 13.16 -44.43 -23.64
N GLU B 244 13.28 -43.24 -24.24
CA GLU B 244 14.59 -42.68 -24.51
C GLU B 244 15.25 -42.15 -23.24
N VAL B 245 14.50 -41.45 -22.39
CA VAL B 245 15.05 -40.92 -21.14
C VAL B 245 15.48 -42.05 -20.21
N ALA B 246 14.91 -43.24 -20.37
CA ALA B 246 15.23 -44.37 -19.51
C ALA B 246 16.66 -44.85 -19.67
N VAL B 247 17.25 -44.68 -20.86
CA VAL B 247 18.61 -45.17 -21.10
C VAL B 247 19.61 -44.47 -20.18
N GLN B 248 19.59 -43.14 -20.17
CA GLN B 248 20.51 -42.36 -19.36
C GLN B 248 19.89 -41.78 -18.11
N GLY B 249 18.57 -41.73 -18.02
CA GLY B 249 17.90 -41.16 -16.87
C GLY B 249 17.63 -39.68 -17.02
N GLY B 250 17.01 -39.14 -15.99
CA GLY B 250 16.69 -37.73 -15.97
C GLY B 250 15.96 -37.37 -14.71
N ILE B 251 15.56 -36.10 -14.64
CA ILE B 251 14.84 -35.55 -13.50
C ILE B 251 13.54 -34.95 -14.00
N MET B 252 12.43 -35.46 -13.48
CA MET B 252 11.11 -35.00 -13.86
C MET B 252 10.42 -34.33 -12.68
N GLY B 253 9.88 -33.14 -12.93
CA GLY B 253 9.16 -32.39 -11.92
C GLY B 253 7.68 -32.66 -11.98
N ILE B 254 7.12 -32.99 -10.81
CA ILE B 254 5.68 -33.04 -10.61
C ILE B 254 5.31 -31.84 -9.77
N GLU B 255 4.57 -30.91 -10.35
CA GLU B 255 4.22 -29.66 -9.70
C GLU B 255 2.82 -29.76 -9.14
N ILE B 256 2.67 -29.41 -7.87
CA ILE B 256 1.38 -29.38 -7.18
C ILE B 256 1.14 -27.95 -6.74
N TYR B 257 0.22 -27.26 -7.42
CA TYR B 257 -0.10 -25.88 -7.11
C TYR B 257 -1.38 -25.81 -6.30
N TRP B 258 -1.31 -25.14 -5.16
CA TRP B 258 -2.45 -24.92 -4.27
C TRP B 258 -2.79 -23.43 -4.28
N ASP B 259 -3.83 -23.07 -5.03
CA ASP B 259 -4.41 -21.72 -5.00
C ASP B 259 -5.68 -21.81 -4.17
N CYS B 260 -5.57 -21.44 -2.90
CA CYS B 260 -6.59 -21.74 -1.90
C CYS B 260 -7.26 -20.48 -1.42
N ASN B 261 -8.58 -20.44 -1.53
CA ASN B 261 -9.41 -19.41 -0.94
C ASN B 261 -10.06 -19.99 0.31
N LEU B 262 -9.72 -19.42 1.47
CA LEU B 262 -10.18 -19.93 2.74
C LEU B 262 -11.35 -19.15 3.33
N ASP B 263 -11.95 -18.24 2.55
CA ASP B 263 -13.17 -17.60 3.00
C ASP B 263 -14.35 -18.55 2.86
N SER B 264 -15.19 -18.61 3.90
CA SER B 264 -16.27 -19.59 3.95
C SER B 264 -17.21 -19.44 2.76
N TRP B 265 -17.55 -18.21 2.40
CA TRP B 265 -18.48 -17.98 1.30
C TRP B 265 -17.88 -18.28 -0.06
N SER B 266 -16.55 -18.41 -0.14
CA SER B 266 -15.86 -18.62 -1.40
C SER B 266 -14.79 -19.68 -1.24
N HIS B 267 -15.06 -20.70 -0.43
CA HIS B 267 -14.03 -21.67 -0.05
C HIS B 267 -13.67 -22.55 -1.24
N ARG B 268 -12.39 -22.57 -1.57
CA ARG B 268 -11.88 -23.42 -2.65
C ARG B 268 -10.39 -23.65 -2.40
N CYS B 269 -10.04 -24.87 -2.00
CA CYS B 269 -8.65 -25.24 -1.71
C CYS B 269 -8.40 -26.62 -2.33
N GLN B 270 -7.94 -26.61 -3.58
CA GLN B 270 -7.73 -27.82 -4.36
C GLN B 270 -6.40 -27.74 -5.10
N PRO B 271 -5.73 -28.87 -5.27
CA PRO B 271 -4.45 -28.87 -6.00
C PRO B 271 -4.62 -28.97 -7.50
N LYS B 272 -3.71 -28.29 -8.19
CA LYS B 272 -3.54 -28.43 -9.63
C LYS B 272 -2.22 -29.13 -9.90
N TYR B 273 -2.26 -30.17 -10.72
CA TYR B 273 -1.09 -30.98 -11.04
C TYR B 273 -0.55 -30.60 -12.40
N SER B 274 0.77 -30.42 -12.47
CA SER B 274 1.46 -30.14 -13.73
C SER B 274 2.82 -30.80 -13.69
N PHE B 275 3.39 -31.00 -14.87
CA PHE B 275 4.65 -31.71 -15.03
C PHE B 275 5.65 -30.86 -15.81
N ARG B 276 6.92 -31.03 -15.47
CA ARG B 276 7.99 -30.25 -16.08
C ARG B 276 9.30 -31.03 -15.96
N ARG B 277 9.95 -31.29 -17.08
CA ARG B 277 11.28 -31.87 -17.06
C ARG B 277 12.26 -30.87 -16.46
N LEU B 278 13.08 -31.34 -15.53
CA LEU B 278 13.97 -30.48 -14.77
C LEU B 278 15.43 -30.63 -15.17
N ASP B 279 15.80 -31.69 -15.86
CA ASP B 279 17.15 -31.88 -16.35
C ASP B 279 17.23 -31.44 -17.81
N ASP B 280 18.33 -30.76 -18.15
CA ASP B 280 18.50 -30.25 -19.50
C ASP B 280 18.75 -31.39 -20.47
N LYS B 281 17.93 -31.46 -21.51
CA LYS B 281 18.05 -32.51 -22.51
C LYS B 281 19.38 -32.43 -23.25
N TYR B 282 19.84 -31.21 -23.55
CA TYR B 282 21.04 -30.99 -24.34
C TYR B 282 22.27 -30.72 -23.49
N THR B 283 22.32 -31.33 -22.31
CA THR B 283 23.49 -31.22 -21.46
C THR B 283 24.70 -31.85 -22.15
N ASN B 284 25.83 -31.14 -22.10
CA ASN B 284 27.03 -31.59 -22.77
C ASN B 284 27.56 -32.88 -22.13
N GLU B 285 28.23 -33.69 -22.96
CA GLU B 285 28.67 -35.01 -22.52
C GLU B 285 29.60 -34.93 -21.33
N SER B 286 30.40 -33.87 -21.21
CA SER B 286 31.37 -33.69 -20.10
C SER B 286 30.70 -33.14 -18.83
N LEU B 287 29.40 -32.86 -18.86
CA LEU B 287 28.67 -32.25 -17.72
C LEU B 287 27.77 -33.27 -17.01
N PHE B 288 27.88 -34.57 -17.32
CA PHE B 288 27.09 -35.67 -16.67
C PHE B 288 25.63 -35.62 -17.16
N PRO B 289 25.35 -35.83 -18.47
CA PRO B 289 23.98 -35.84 -18.97
C PRO B 289 23.12 -36.96 -18.37
N GLY B 290 21.84 -36.71 -18.10
CA GLY B 290 20.91 -37.70 -17.55
C GLY B 290 20.93 -37.73 -16.03
N TYR B 291 20.67 -38.89 -15.42
CA TYR B 291 20.69 -39.05 -13.98
C TYR B 291 21.12 -40.47 -13.64
N ASN B 292 22.15 -40.59 -12.81
CA ASN B 292 22.63 -41.87 -12.33
C ASN B 292 23.43 -41.64 -11.06
N PHE B 293 23.59 -42.70 -10.29
CA PHE B 293 24.50 -42.70 -9.16
C PHE B 293 25.16 -44.07 -9.07
N ARG B 294 26.30 -44.10 -8.39
CA ARG B 294 27.11 -45.30 -8.23
C ARG B 294 26.93 -45.81 -6.81
N TYR B 295 26.47 -47.06 -6.69
CA TYR B 295 26.16 -47.68 -5.42
C TYR B 295 27.04 -48.90 -5.26
N ALA B 296 27.71 -49.00 -4.12
CA ALA B 296 28.67 -50.07 -3.86
C ALA B 296 28.15 -51.01 -2.78
N LYS B 297 28.31 -52.30 -3.04
CA LYS B 297 28.11 -53.35 -2.05
C LYS B 297 29.45 -54.03 -1.80
N TYR B 298 29.87 -54.07 -0.54
CA TYR B 298 31.18 -54.55 -0.15
C TYR B 298 31.08 -55.94 0.48
N TYR B 299 32.04 -56.79 0.15
CA TYR B 299 32.10 -58.14 0.71
C TYR B 299 33.53 -58.63 0.65
N LYS B 300 33.75 -59.78 1.30
CA LYS B 300 35.03 -60.46 1.30
C LYS B 300 34.87 -61.84 0.67
N GLU B 301 35.81 -62.20 -0.19
CA GLU B 301 35.80 -63.51 -0.84
C GLU B 301 37.23 -63.85 -1.24
N ASN B 302 37.57 -65.13 -1.12
CA ASN B 302 38.91 -65.61 -1.41
C ASN B 302 39.96 -64.87 -0.57
N GLY B 303 39.59 -64.51 0.66
CA GLY B 303 40.49 -63.78 1.52
C GLY B 303 40.91 -62.43 0.99
N MET B 304 39.98 -61.71 0.36
CA MET B 304 40.28 -60.38 -0.17
C MET B 304 39.04 -59.49 -0.01
N GLU B 305 39.27 -58.19 0.02
CA GLU B 305 38.21 -57.20 0.21
C GLU B 305 37.67 -56.82 -1.16
N LYS B 306 36.45 -57.26 -1.48
CA LYS B 306 35.87 -57.07 -2.80
C LYS B 306 34.64 -56.17 -2.75
N ARG B 307 34.28 -55.64 -3.92
CA ARG B 307 33.18 -54.71 -4.05
C ARG B 307 32.42 -54.99 -5.34
N THR B 308 31.10 -54.87 -5.27
CA THR B 308 30.24 -54.87 -6.45
C THR B 308 29.69 -53.46 -6.64
N LEU B 309 29.89 -52.92 -7.84
CA LEU B 309 29.52 -51.55 -8.17
C LEU B 309 28.29 -51.57 -9.06
N ILE B 310 27.23 -50.91 -8.62
CA ILE B 310 26.02 -50.70 -9.41
C ILE B 310 26.01 -49.25 -9.86
N LYS B 311 26.02 -49.03 -11.16
CA LYS B 311 25.74 -47.72 -11.74
C LYS B 311 24.27 -47.74 -12.15
N ALA B 312 23.44 -47.08 -11.35
CA ALA B 312 22.00 -47.07 -11.55
C ALA B 312 21.61 -45.82 -12.34
N PHE B 313 21.03 -46.03 -13.51
CA PHE B 313 20.38 -44.97 -14.27
C PHE B 313 18.90 -44.99 -14.00
N GLY B 314 18.30 -43.81 -13.94
CA GLY B 314 16.86 -43.75 -13.79
C GLY B 314 16.36 -42.34 -13.70
N VAL B 315 15.07 -42.23 -13.42
CA VAL B 315 14.37 -40.96 -13.34
C VAL B 315 14.17 -40.62 -11.87
N ARG B 316 14.68 -39.46 -11.48
CA ARG B 316 14.34 -38.87 -10.19
C ARG B 316 13.14 -37.95 -10.38
N PHE B 317 12.10 -38.19 -9.61
CA PHE B 317 10.89 -37.39 -9.66
C PHE B 317 10.89 -36.43 -8.49
N ASP B 318 10.89 -35.14 -8.79
CA ASP B 318 10.84 -34.09 -7.77
C ASP B 318 9.42 -33.59 -7.63
N ILE B 319 8.85 -33.72 -6.43
CA ILE B 319 7.50 -33.24 -6.15
C ILE B 319 7.63 -31.80 -5.67
N LEU B 320 7.13 -30.87 -6.46
CA LEU B 320 7.22 -29.44 -6.18
C LEU B 320 5.84 -28.93 -5.77
N VAL B 321 5.70 -28.61 -4.49
CA VAL B 321 4.43 -28.16 -3.92
C VAL B 321 4.58 -26.70 -3.53
N PHE B 322 3.69 -25.87 -4.05
CA PHE B 322 3.75 -24.43 -3.83
C PHE B 322 2.34 -23.87 -3.88
N GLY B 323 2.17 -22.73 -3.27
CA GLY B 323 0.89 -22.03 -3.29
C GLY B 323 0.72 -21.13 -2.10
N THR B 324 -0.43 -20.47 -2.08
CA THR B 324 -0.77 -19.49 -1.06
C THR B 324 -2.20 -19.68 -0.60
N GLY B 325 -2.46 -19.27 0.63
CA GLY B 325 -3.79 -19.33 1.20
C GLY B 325 -4.33 -17.95 1.55
N GLY B 326 -5.49 -17.61 1.00
CA GLY B 326 -6.09 -16.31 1.17
C GLY B 326 -7.27 -16.34 2.11
N LYS B 327 -7.27 -15.41 3.07
CA LYS B 327 -8.36 -15.21 4.00
C LYS B 327 -8.59 -13.71 4.19
N PHE B 328 -9.85 -13.32 4.34
CA PHE B 328 -10.20 -11.91 4.51
C PHE B 328 -9.48 -11.32 5.72
N ASP B 329 -8.88 -10.14 5.52
CA ASP B 329 -8.23 -9.41 6.60
C ASP B 329 -8.63 -7.94 6.51
N ILE B 330 -9.02 -7.38 7.67
CA ILE B 330 -9.54 -6.01 7.70
C ILE B 330 -8.43 -5.01 7.37
N ILE B 331 -7.25 -5.21 7.96
CA ILE B 331 -6.15 -4.27 7.76
C ILE B 331 -5.78 -4.17 6.28
N GLN B 332 -5.76 -5.31 5.59
CA GLN B 332 -5.43 -5.30 4.16
C GLN B 332 -6.45 -4.48 3.37
N LEU B 333 -7.73 -4.67 3.67
CA LEU B 333 -8.78 -3.92 2.99
C LEU B 333 -8.65 -2.43 3.27
N VAL B 334 -8.40 -2.05 4.52
CA VAL B 334 -8.29 -0.64 4.88
C VAL B 334 -7.12 -0.01 4.15
N VAL B 335 -5.97 -0.71 4.13
CA VAL B 335 -4.80 -0.18 3.45
C VAL B 335 -5.07 -0.02 1.96
N TYR B 336 -5.73 -0.98 1.33
CA TYR B 336 -6.01 -0.86 -0.10
C TYR B 336 -6.96 0.31 -0.39
N ILE B 337 -8.04 0.42 0.39
CA ILE B 337 -9.00 1.49 0.18
C ILE B 337 -8.31 2.84 0.34
N GLY B 338 -7.48 2.98 1.37
CA GLY B 338 -6.75 4.22 1.56
C GLY B 338 -5.79 4.51 0.43
N SER B 339 -5.12 3.47 -0.08
CA SER B 339 -4.23 3.65 -1.21
C SER B 339 -4.98 4.10 -2.45
N THR B 340 -6.26 3.79 -2.54
CA THR B 340 -7.01 4.14 -3.75
C THR B 340 -7.88 5.38 -3.59
N LEU B 341 -8.03 5.91 -2.37
CA LEU B 341 -8.97 7.01 -2.14
C LEU B 341 -8.60 8.24 -2.96
N SER B 342 -7.32 8.58 -3.05
CA SER B 342 -6.91 9.80 -3.73
C SER B 342 -7.27 9.80 -5.21
N TYR B 343 -7.49 8.63 -5.82
CA TYR B 343 -7.82 8.58 -7.23
C TYR B 343 -9.19 9.17 -7.54
N PHE B 344 -10.00 9.43 -6.53
CA PHE B 344 -11.32 10.03 -6.72
C PHE B 344 -11.27 11.55 -6.85
N GLY B 345 -10.09 12.16 -6.71
CA GLY B 345 -9.84 13.55 -7.06
C GLY B 345 -9.56 13.80 -8.52
N LEU B 346 -9.62 12.75 -9.34
CA LEU B 346 -9.31 12.87 -10.76
C LEU B 346 -10.29 13.80 -11.46
N ALA B 347 -11.58 13.65 -11.17
CA ALA B 347 -12.58 14.50 -11.81
C ALA B 347 -12.33 15.97 -11.50
N THR B 348 -12.04 16.27 -10.23
CA THR B 348 -11.76 17.65 -9.85
C THR B 348 -10.52 18.16 -10.55
N VAL B 349 -9.46 17.36 -10.58
CA VAL B 349 -8.23 17.80 -11.25
C VAL B 349 -8.51 18.12 -12.72
N CYS B 350 -9.21 17.22 -13.40
CA CYS B 350 -9.42 17.38 -14.84
C CYS B 350 -10.32 18.57 -15.15
N ILE B 351 -11.44 18.69 -14.44
CA ILE B 351 -12.36 19.79 -14.74
C ILE B 351 -11.74 21.13 -14.36
N ASP B 352 -10.99 21.19 -13.25
CA ASP B 352 -10.33 22.43 -12.89
C ASP B 352 -9.26 22.79 -13.91
N LEU B 353 -8.56 21.80 -14.44
CA LEU B 353 -7.60 22.08 -15.51
C LEU B 353 -8.30 22.64 -16.74
N ILE B 354 -9.46 22.08 -17.09
CA ILE B 354 -10.22 22.60 -18.23
C ILE B 354 -10.61 24.05 -17.98
N ILE B 355 -11.11 24.34 -16.78
CA ILE B 355 -11.52 25.70 -16.45
C ILE B 355 -10.34 26.65 -16.56
N ASN B 356 -9.21 26.28 -15.98
CA ASN B 356 -8.04 27.15 -16.00
C ASN B 356 -7.54 27.38 -17.43
N THR B 357 -7.51 26.32 -18.24
CA THR B 357 -6.95 26.44 -19.58
C THR B 357 -7.86 27.28 -20.48
N TYR B 358 -9.16 27.03 -20.44
CA TYR B 358 -10.07 27.73 -21.34
C TYR B 358 -10.38 29.14 -20.89
N ALA B 359 -9.90 29.55 -19.73
CA ALA B 359 -10.08 30.91 -19.24
C ALA B 359 -9.01 31.82 -19.84
N SER B 360 -7.92 31.22 -20.29
CA SER B 360 -6.81 31.94 -20.92
C SER B 360 -7.34 32.86 -22.11
N THR B 361 -6.56 33.87 -22.48
CA THR B 361 -6.94 34.78 -23.56
C THR B 361 -6.47 34.23 -24.90
N CYS B 362 -5.36 33.49 -24.87
CA CYS B 362 -4.81 32.86 -26.04
C CYS B 362 -5.81 32.14 -26.94
N CYS B 363 -6.91 31.71 -26.33
CA CYS B 363 -7.94 30.98 -27.04
C CYS B 363 -8.87 31.85 -27.86
N ARG B 364 -9.34 32.93 -27.22
CA ARG B 364 -10.29 33.84 -27.84
C ARG B 364 -9.71 34.49 -29.10
N SER B 365 -8.38 34.64 -29.11
CA SER B 365 -7.69 35.35 -30.18
C SER B 365 -7.06 34.43 -31.21
N ARG B 366 -6.56 33.25 -30.80
CA ARG B 366 -5.82 32.38 -31.69
C ARG B 366 -6.54 31.08 -31.97
N VAL B 367 -6.91 30.32 -30.93
CA VAL B 367 -7.54 29.03 -31.15
C VAL B 367 -8.93 29.20 -31.74
N TYR B 368 -9.73 30.10 -31.17
CA TYR B 368 -11.12 30.19 -31.56
C TYR B 368 -11.31 30.56 -33.04
N PRO B 369 -10.63 31.58 -33.58
CA PRO B 369 -10.79 31.85 -35.02
C PRO B 369 -10.42 30.66 -35.88
N SER B 370 -9.38 29.93 -35.52
CA SER B 370 -8.98 28.75 -36.29
C SER B 370 -10.04 27.67 -36.20
N CYS B 371 -10.62 27.46 -35.02
CA CYS B 371 -11.59 26.41 -34.78
C CYS B 371 -12.76 26.99 -34.02
N LYS B 372 -13.93 27.03 -34.65
CA LYS B 372 -15.14 27.54 -34.03
C LYS B 372 -15.89 26.47 -33.25
N CYS B 373 -15.35 25.25 -33.17
CA CYS B 373 -16.00 24.18 -32.42
C CYS B 373 -15.81 24.37 -30.93
N CYS B 374 -14.63 24.82 -30.53
CA CYS B 374 -14.29 24.99 -29.13
C CYS B 374 -14.45 26.42 -28.63
N GLU B 375 -15.38 27.12 -29.27
CA GLU B 375 -15.68 28.50 -28.91
C GLU B 375 -16.72 28.60 -27.77
N PRO B 376 -17.71 27.69 -27.75
CA PRO B 376 -18.66 27.69 -26.64
C PRO B 376 -18.01 27.44 -25.28
N CYS B 377 -16.74 27.05 -25.27
CA CYS B 377 -16.01 26.85 -24.04
C CYS B 377 -15.40 28.13 -23.47
N ALA B 378 -15.96 29.24 -23.93
CA ALA B 378 -15.55 30.56 -23.45
C ALA B 378 -16.23 30.85 -22.12
N VAL B 379 -17.18 30.00 -21.74
CA VAL B 379 -17.85 30.14 -20.45
C VAL B 379 -16.93 29.86 -19.28
N ASN B 380 -15.73 29.34 -19.52
CA ASN B 380 -14.79 29.08 -18.45
C ASN B 380 -14.14 30.35 -17.93
N GLU B 381 -14.21 31.45 -18.67
CA GLU B 381 -13.79 32.73 -18.13
C GLU B 381 -14.66 33.14 -16.96
N TYR B 382 -15.97 32.97 -17.09
CA TYR B 382 -16.89 33.25 -15.99
C TYR B 382 -16.62 32.34 -14.80
N TYR B 383 -16.41 31.05 -15.06
CA TYR B 383 -16.11 30.11 -13.98
C TYR B 383 -14.81 30.47 -13.28
N TYR B 384 -13.78 30.84 -14.04
CA TYR B 384 -12.51 31.23 -13.45
C TYR B 384 -12.65 32.49 -12.61
N ARG B 385 -13.39 33.48 -13.10
CA ARG B 385 -13.62 34.68 -12.31
C ARG B 385 -14.34 34.35 -11.02
N LYS B 386 -15.28 33.41 -11.07
CA LYS B 386 -16.01 33.01 -9.87
C LYS B 386 -15.19 32.13 -8.94
N LYS B 387 -14.13 31.49 -9.44
CA LYS B 387 -13.37 30.53 -8.68
C LYS B 387 -12.12 31.12 -8.03
N CYS B 388 -11.37 31.93 -8.77
CA CYS B 388 -10.06 32.39 -8.32
C CYS B 388 -10.06 33.90 -8.11
N GLU B 389 -9.51 34.32 -6.97
CA GLU B 389 -9.25 35.73 -6.69
C GLU B 389 -7.74 35.97 -6.67
N PRO B 390 -7.17 36.60 -7.70
CA PRO B 390 -5.74 36.89 -7.69
C PRO B 390 -5.40 38.08 -6.81
N ILE B 391 -4.38 37.92 -5.95
CA ILE B 391 -3.88 38.97 -5.09
C ILE B 391 -2.36 39.01 -5.21
N VAL B 392 -1.79 40.14 -4.81
CA VAL B 392 -0.34 40.34 -4.89
C VAL B 392 0.23 40.44 -3.49
N GLU B 393 1.50 40.09 -3.37
CA GLU B 393 2.21 40.23 -2.11
C GLU B 393 2.40 41.71 -1.79
N PRO B 394 1.95 42.20 -0.63
CA PRO B 394 2.15 43.61 -0.28
C PRO B 394 3.58 43.86 0.19
N LYS B 395 4.36 44.49 -0.67
CA LYS B 395 5.76 44.82 -0.40
C LYS B 395 5.96 46.30 -0.58
N PRO B 396 7.01 46.86 0.04
CA PRO B 396 7.18 48.33 0.01
C PRO B 396 7.23 48.91 -1.38
N THR B 397 7.80 48.19 -2.35
CA THR B 397 7.91 48.70 -3.70
C THR B 397 6.60 48.64 -4.49
N LEU B 398 5.57 47.98 -3.96
CA LEU B 398 4.33 47.83 -4.70
C LEU B 398 3.63 49.18 -4.83
N LYS B 399 3.30 49.55 -6.06
CA LYS B 399 2.62 50.80 -6.36
C LYS B 399 1.65 50.59 -7.50
N TYR B 400 0.53 51.29 -7.45
CA TYR B 400 -0.47 51.27 -8.50
C TYR B 400 -0.69 52.70 -8.98
N VAL B 401 -0.72 52.88 -10.29
CA VAL B 401 -0.96 54.18 -10.91
C VAL B 401 -2.04 54.01 -11.98
N SER B 402 -2.90 55.01 -12.10
CA SER B 402 -3.94 55.04 -13.11
C SER B 402 -3.84 56.36 -13.86
N PHE B 403 -4.00 56.30 -15.18
CA PHE B 403 -4.02 57.48 -16.03
C PHE B 403 -5.40 57.63 -16.62
N VAL B 404 -5.93 58.85 -16.56
CA VAL B 404 -7.28 59.11 -17.06
C VAL B 404 -7.37 58.80 -18.54
N ASP B 405 -6.25 58.89 -19.26
CA ASP B 405 -6.25 58.53 -20.68
C ASP B 405 -6.50 57.04 -20.87
N GLU B 406 -5.75 56.20 -20.16
CA GLU B 406 -5.82 54.76 -20.35
C GLU B 406 -7.05 54.18 -19.65
N PRO B 407 -7.51 53.01 -20.11
CA PRO B 407 -8.64 52.35 -19.45
C PRO B 407 -8.26 51.31 -18.40
N HIS B 408 -6.97 51.05 -18.20
CA HIS B 408 -6.50 50.01 -17.33
C HIS B 408 -5.66 50.60 -16.19
N ILE B 409 -5.16 49.73 -15.34
CA ILE B 409 -4.32 50.11 -14.20
C ILE B 409 -2.91 49.60 -14.46
N TRP B 410 -1.94 50.32 -13.92
CA TRP B 410 -0.53 49.95 -14.01
C TRP B 410 0.01 49.60 -12.64
N MET B 411 0.72 48.48 -12.54
CA MET B 411 1.38 48.06 -11.32
C MET B 411 2.88 48.21 -11.50
N VAL B 412 3.52 48.87 -10.55
CA VAL B 412 4.95 49.14 -10.59
C VAL B 412 5.53 48.58 -9.29
N ASP B 413 5.96 47.32 -9.34
CA ASP B 413 6.57 46.65 -8.19
C ASP B 413 8.09 46.71 -8.28
N GLN B 414 8.62 47.93 -8.36
CA GLN B 414 10.06 48.12 -8.48
C GLN B 414 10.46 49.42 -7.79
N GLN B 415 11.74 49.50 -7.45
CA GLN B 415 12.26 50.70 -6.80
C GLN B 415 12.38 51.84 -7.80
N LEU B 416 12.32 53.06 -7.28
CA LEU B 416 12.53 54.27 -8.07
C LEU B 416 13.93 54.78 -7.78
N LEU B 417 14.86 54.49 -8.69
CA LEU B 417 16.25 54.88 -8.52
C LEU B 417 16.49 56.29 -9.07
N GLY B 418 15.69 57.23 -8.58
CA GLY B 418 15.73 58.60 -9.04
C GLY B 418 14.91 58.90 -10.27
N LYS B 419 14.35 57.88 -10.92
CA LYS B 419 13.53 58.06 -12.11
C LYS B 419 12.09 58.33 -11.68
N SER B 420 11.47 59.31 -12.32
CA SER B 420 10.11 59.68 -11.97
C SER B 420 9.15 58.53 -12.24
N LEU B 421 8.19 58.36 -11.34
CA LEU B 421 7.23 57.27 -11.47
C LEU B 421 6.46 57.36 -12.78
N GLN B 422 6.32 58.56 -13.33
CA GLN B 422 5.66 58.72 -14.62
C GLN B 422 6.40 57.95 -15.72
N ASP B 423 7.73 58.04 -15.72
CA ASP B 423 8.51 57.37 -16.75
C ASP B 423 8.65 55.88 -16.51
N VAL B 424 8.75 55.47 -15.24
CA VAL B 424 8.96 54.06 -14.93
C VAL B 424 7.78 53.25 -15.48
N LYS B 425 8.10 52.14 -16.12
CA LYS B 425 7.10 51.26 -16.70
C LYS B 425 6.70 50.19 -15.70
N GLY B 426 5.46 49.73 -15.82
CA GLY B 426 4.96 48.69 -14.95
C GLY B 426 4.14 47.63 -15.67
N GLN B 427 3.50 46.77 -14.89
CA GLN B 427 2.66 45.69 -15.41
C GLN B 427 1.22 46.17 -15.47
N GLU B 428 0.61 46.03 -16.65
CA GLU B 428 -0.78 46.43 -16.83
C GLU B 428 -1.70 45.41 -16.16
N VAL B 429 -2.63 45.90 -15.36
CA VAL B 429 -3.59 45.05 -14.68
C VAL B 429 -4.99 45.62 -14.90
N PRO B 430 -6.03 44.80 -14.89
CA PRO B 430 -7.37 45.29 -15.21
C PRO B 430 -8.05 45.97 -14.03
N ARG B 431 -9.05 46.78 -14.37
CA ARG B 431 -9.87 47.44 -13.35
C ARG B 431 -11.06 46.56 -12.96
N PRO B 432 -11.43 46.52 -11.68
CA PRO B 432 -12.57 45.68 -11.27
C PRO B 432 -13.92 46.15 -11.80
N GLN B 433 -14.97 45.42 -11.41
CA GLN B 433 -16.31 45.64 -11.96
C GLN B 433 -17.01 46.88 -11.39
N THR B 434 -16.56 47.38 -10.25
CA THR B 434 -17.05 48.60 -9.59
C THR B 434 -18.32 48.37 -8.78
N ASP B 435 -18.88 47.17 -8.74
CA ASP B 435 -20.05 46.87 -7.90
C ASP B 435 -21.23 47.78 -8.27
N PHE B 436 -21.74 47.55 -9.48
CA PHE B 436 -22.81 48.38 -10.01
C PHE B 436 -23.98 48.50 -9.03
N LEU B 437 -24.26 47.44 -8.28
CA LEU B 437 -25.32 47.50 -7.29
C LEU B 437 -25.06 48.61 -6.27
N GLU B 438 -23.82 48.68 -5.78
CA GLU B 438 -23.48 49.73 -4.82
C GLU B 438 -23.58 51.11 -5.44
N LEU B 439 -23.12 51.26 -6.68
CA LEU B 439 -23.15 52.56 -7.33
C LEU B 439 -24.59 53.05 -7.51
N SER B 440 -25.48 52.17 -7.93
CA SER B 440 -26.88 52.52 -8.14
C SER B 440 -27.70 52.21 -6.90
N SER B 473 5.80 73.92 -13.93
CA SER B 473 5.50 73.15 -15.14
C SER B 473 6.49 72.00 -15.32
N PRO B 474 6.37 70.97 -14.48
CA PRO B 474 7.29 69.84 -14.58
C PRO B 474 7.20 69.17 -15.95
N ASP B 475 8.35 68.65 -16.40
CA ASP B 475 8.41 68.05 -17.73
C ASP B 475 7.53 66.82 -17.83
N TRP B 476 7.54 65.97 -16.81
CA TRP B 476 6.75 64.74 -16.86
C TRP B 476 5.26 65.04 -16.82
N CYS B 477 4.87 66.17 -16.25
CA CYS B 477 3.45 66.53 -16.20
C CYS B 477 2.92 66.79 -17.59
N GLN B 478 1.69 66.34 -17.84
CA GLN B 478 0.98 66.57 -19.09
C GLN B 478 -0.40 67.14 -18.84
N CYS B 479 -0.58 67.85 -17.72
CA CYS B 479 -1.87 68.41 -17.37
C CYS B 479 -1.80 69.87 -16.95
N GLY B 480 -0.62 70.41 -16.64
CA GLY B 480 -0.47 71.81 -16.31
C GLY B 480 -0.83 72.19 -14.89
N ASN B 481 -1.24 71.23 -14.06
CA ASN B 481 -1.63 71.50 -12.69
C ASN B 481 -0.73 70.85 -11.66
N CYS B 482 0.16 69.95 -12.07
CA CYS B 482 1.05 69.30 -11.13
C CYS B 482 2.13 70.26 -10.64
N LEU B 483 2.68 69.97 -9.48
CA LEU B 483 3.67 70.80 -8.82
C LEU B 483 4.85 69.94 -8.39
N PRO B 484 6.03 70.55 -8.22
CA PRO B 484 7.18 69.77 -7.73
C PRO B 484 6.91 69.19 -6.35
N SER B 485 7.53 68.04 -6.10
CA SER B 485 7.36 67.36 -4.82
C SER B 485 8.22 68.00 -3.75
N GLN B 486 7.65 68.13 -2.56
CA GLN B 486 8.32 68.70 -1.40
C GLN B 486 9.05 67.65 -0.57
N LEU B 487 9.06 66.40 -0.99
CA LEU B 487 9.73 65.35 -0.26
C LEU B 487 11.24 65.44 -0.44
N PRO B 488 12.01 64.78 0.43
CA PRO B 488 13.46 64.71 0.21
C PRO B 488 13.78 64.02 -1.11
N GLU B 489 14.92 64.42 -1.68
CA GLU B 489 15.29 63.92 -3.00
C GLU B 489 15.43 62.39 -3.03
N ASN B 490 15.64 61.76 -1.88
CA ASN B 490 15.79 60.31 -1.86
C ASN B 490 14.51 59.62 -2.31
N ARG B 491 13.35 60.11 -1.85
CA ARG B 491 12.06 59.48 -2.13
C ARG B 491 11.13 60.43 -2.89
N ARG B 492 11.71 61.34 -3.66
CA ARG B 492 10.92 62.34 -4.38
C ARG B 492 10.24 61.76 -5.62
N ALA B 493 10.85 60.75 -6.24
CA ALA B 493 10.31 60.23 -7.50
C ALA B 493 8.93 59.63 -7.34
N LEU B 494 8.57 59.19 -6.13
CA LEU B 494 7.25 58.57 -5.94
C LEU B 494 6.14 59.56 -6.25
N GLU B 495 6.30 60.81 -5.84
CA GLU B 495 5.29 61.83 -6.04
C GLU B 495 5.38 62.49 -7.41
N GLU B 496 6.40 62.16 -8.20
CA GLU B 496 6.59 62.72 -9.57
C GLU B 496 5.65 61.96 -10.50
N LEU B 497 4.33 62.18 -10.38
CA LEU B 497 3.33 61.46 -11.13
C LEU B 497 2.23 62.41 -11.58
N CYS B 498 1.75 62.21 -12.81
CA CYS B 498 0.69 63.03 -13.37
C CYS B 498 -0.53 62.17 -13.62
N CYS B 499 -1.68 62.84 -13.73
CA CYS B 499 -2.95 62.17 -13.99
C CYS B 499 -3.00 61.47 -15.34
N ARG B 500 -2.09 61.80 -16.25
CA ARG B 500 -2.15 61.27 -17.60
C ARG B 500 -0.75 61.12 -18.18
N ARG B 501 -0.65 60.28 -19.19
CA ARG B 501 0.62 60.06 -19.88
C ARG B 501 0.80 60.94 -21.11
N LYS B 502 -0.24 61.64 -21.54
CA LYS B 502 -0.22 62.50 -22.70
C LYS B 502 -0.85 63.83 -22.34
N PRO B 503 -0.55 64.89 -23.10
CA PRO B 503 -1.12 66.20 -22.77
C PRO B 503 -2.64 66.18 -22.90
N GLY B 504 -3.31 66.89 -22.01
CA GLY B 504 -4.76 66.95 -22.02
C GLY B 504 -5.26 67.62 -20.77
N GLN B 505 -6.59 67.61 -20.65
CA GLN B 505 -7.24 68.22 -19.49
C GLN B 505 -7.00 67.38 -18.24
N CYS B 506 -6.78 68.08 -17.13
CA CYS B 506 -6.56 67.41 -15.86
C CYS B 506 -7.86 66.78 -15.36
N ILE B 507 -7.70 65.65 -14.65
CA ILE B 507 -8.86 64.97 -14.07
C ILE B 507 -9.56 65.86 -13.05
N THR B 508 -8.83 66.79 -12.43
CA THR B 508 -9.42 67.68 -11.45
C THR B 508 -10.54 68.53 -12.04
N THR B 509 -10.55 68.75 -13.35
CA THR B 509 -11.57 69.60 -13.95
C THR B 509 -12.95 68.96 -13.90
N SER B 510 -13.00 67.63 -13.83
CA SER B 510 -14.29 66.94 -13.78
C SER B 510 -15.04 67.31 -12.51
N GLU B 511 -16.37 67.42 -12.64
CA GLU B 511 -17.19 67.71 -11.46
C GLU B 511 -17.19 66.55 -10.48
N LEU B 512 -16.98 65.32 -10.97
CA LEU B 512 -16.94 64.18 -10.09
C LEU B 512 -15.78 64.29 -9.10
N PHE B 513 -14.66 64.87 -9.54
CA PHE B 513 -13.52 65.04 -8.66
C PHE B 513 -13.88 65.91 -7.46
N SER B 514 -14.55 67.04 -7.72
CA SER B 514 -14.94 67.93 -6.64
C SER B 514 -16.02 67.30 -5.77
N LYS B 515 -16.96 66.58 -6.38
CA LYS B 515 -18.03 65.96 -5.61
C LYS B 515 -17.50 64.88 -4.68
N ILE B 516 -16.55 64.07 -5.15
CA ILE B 516 -16.05 62.95 -4.37
C ILE B 516 -14.93 63.36 -3.44
N VAL B 517 -13.94 64.08 -3.97
CA VAL B 517 -12.69 64.29 -3.26
C VAL B 517 -12.70 65.59 -2.48
N LEU B 518 -13.16 66.68 -3.09
CA LEU B 518 -13.07 68.00 -2.49
C LEU B 518 -14.30 68.39 -1.69
N SER B 519 -15.39 67.62 -1.78
CA SER B 519 -16.62 67.99 -1.08
C SER B 519 -16.45 67.77 0.42
N ARG B 520 -16.38 68.85 1.18
CA ARG B 520 -16.21 68.74 2.61
C ARG B 520 -17.38 68.04 3.26
N GLU B 521 -18.60 68.27 2.74
CA GLU B 521 -19.77 67.62 3.29
C GLU B 521 -19.70 66.10 3.14
N ALA B 522 -19.29 65.63 1.98
CA ALA B 522 -19.21 64.19 1.75
C ALA B 522 -18.18 63.54 2.68
N LEU B 523 -17.00 64.15 2.79
CA LEU B 523 -15.97 63.61 3.67
C LEU B 523 -16.42 63.62 5.12
N GLN B 524 -17.09 64.70 5.53
CA GLN B 524 -17.61 64.76 6.90
C GLN B 524 -18.64 63.66 7.14
N LEU B 525 -19.50 63.41 6.15
CA LEU B 525 -20.49 62.35 6.29
C LEU B 525 -19.83 60.98 6.41
N LEU B 526 -18.81 60.71 5.60
CA LEU B 526 -18.10 59.45 5.72
C LEU B 526 -17.46 59.31 7.11
N LEU B 527 -16.80 60.37 7.57
CA LEU B 527 -16.16 60.31 8.88
C LEU B 527 -17.18 60.08 9.99
N LEU B 528 -18.33 60.75 9.92
CA LEU B 528 -19.36 60.55 10.91
C LEU B 528 -19.92 59.14 10.86
N TYR B 529 -20.04 58.57 9.66
CA TYR B 529 -20.42 57.17 9.55
C TYR B 529 -19.42 56.29 10.29
N GLN B 530 -18.13 56.59 10.15
CA GLN B 530 -17.12 55.84 10.91
C GLN B 530 -17.12 56.25 12.38
N GLU B 531 -17.26 57.54 12.66
CA GLU B 531 -17.22 58.07 14.03
C GLU B 531 -18.45 58.93 14.25
N PRO B 532 -19.53 58.36 14.79
CA PRO B 532 -20.78 59.12 14.88
C PRO B 532 -20.68 60.41 15.67
N LEU B 533 -19.85 60.45 16.71
CA LEU B 533 -19.73 61.60 17.60
C LEU B 533 -18.38 62.31 17.41
N LEU B 534 -17.90 62.36 16.18
CA LEU B 534 -16.65 63.04 15.90
C LEU B 534 -16.82 64.56 16.02
N ALA B 535 -15.76 65.22 16.46
CA ALA B 535 -15.76 66.66 16.66
C ALA B 535 -15.15 67.34 15.44
N LEU B 536 -15.92 68.21 14.80
CA LEU B 536 -15.48 68.93 13.61
C LEU B 536 -14.78 70.23 14.03
N GLU B 537 -13.63 70.06 14.67
CA GLU B 537 -12.82 71.19 15.10
C GLU B 537 -11.39 70.72 15.31
N GLY B 538 -10.47 71.68 15.35
CA GLY B 538 -9.07 71.39 15.55
C GLY B 538 -8.35 71.12 14.24
N GLU B 539 -7.02 71.00 14.34
CA GLU B 539 -6.20 70.72 13.17
C GLU B 539 -6.23 69.25 12.79
N ALA B 540 -6.72 68.37 13.68
CA ALA B 540 -6.80 66.96 13.35
C ALA B 540 -7.89 66.67 12.31
N ILE B 541 -8.96 67.46 12.32
CA ILE B 541 -10.05 67.25 11.37
C ILE B 541 -9.56 67.47 9.95
N ASN B 542 -8.68 68.44 9.75
CA ASN B 542 -8.13 68.67 8.41
C ASN B 542 -7.33 67.46 7.95
N SER B 543 -6.54 66.87 8.85
CA SER B 543 -5.77 65.69 8.49
C SER B 543 -6.70 64.52 8.15
N LYS B 544 -7.75 64.34 8.95
CA LYS B 544 -8.70 63.27 8.66
C LYS B 544 -9.38 63.48 7.31
N LEU B 545 -9.78 64.71 7.01
CA LEU B 545 -10.40 65.01 5.73
C LEU B 545 -9.45 64.78 4.58
N ARG B 546 -8.19 65.18 4.74
CA ARG B 546 -7.20 64.96 3.68
C ARG B 546 -7.01 63.47 3.42
N HIS B 547 -6.88 62.68 4.48
CA HIS B 547 -6.72 61.25 4.32
C HIS B 547 -7.94 60.62 3.67
N CYS B 548 -9.14 61.06 4.08
CA CYS B 548 -10.35 60.53 3.48
C CYS B 548 -10.44 60.90 2.01
N ALA B 549 -10.00 62.10 1.64
CA ALA B 549 -10.02 62.49 0.23
C ALA B 549 -9.04 61.64 -0.58
N TYR B 550 -7.84 61.40 -0.03
CA TYR B 550 -6.91 60.48 -0.69
C TYR B 550 -7.56 59.12 -0.90
N ARG B 551 -8.18 58.58 0.15
CA ARG B 551 -8.79 57.25 0.05
C ARG B 551 -9.94 57.25 -0.94
N SER B 552 -10.69 58.34 -1.01
CA SER B 552 -11.81 58.42 -1.94
C SER B 552 -11.33 58.44 -3.38
N TYR B 553 -10.30 59.23 -3.67
CA TYR B 553 -9.73 59.18 -5.02
C TYR B 553 -9.21 57.79 -5.34
N ALA B 554 -8.50 57.18 -4.39
CA ALA B 554 -7.92 55.86 -4.64
C ALA B 554 -9.00 54.83 -4.89
N THR B 555 -10.06 54.81 -4.14
CA THR B 555 -11.15 53.86 -4.36
C THR B 555 -11.88 54.15 -5.66
N TRP B 556 -12.07 55.42 -5.99
CA TRP B 556 -12.76 55.78 -7.23
C TRP B 556 -11.99 55.31 -8.45
N ARG B 557 -10.67 55.54 -8.47
CA ARG B 557 -9.87 55.25 -9.65
C ARG B 557 -9.30 53.84 -9.66
N PHE B 558 -9.41 53.09 -8.56
CA PHE B 558 -8.88 51.74 -8.48
C PHE B 558 -9.90 50.72 -7.98
N VAL B 559 -11.02 51.15 -7.41
CA VAL B 559 -12.12 50.26 -7.06
C VAL B 559 -11.70 49.34 -5.92
N SER B 560 -10.85 48.37 -6.23
CA SER B 560 -10.44 47.40 -5.22
C SER B 560 -9.64 48.06 -4.12
N GLN B 561 -9.95 47.70 -2.87
CA GLN B 561 -9.16 48.18 -1.74
C GLN B 561 -7.74 47.65 -1.80
N ASP B 562 -7.54 46.50 -2.44
CA ASP B 562 -6.20 45.94 -2.58
C ASP B 562 -5.30 46.87 -3.38
N MET B 563 -5.79 47.37 -4.51
CA MET B 563 -5.03 48.31 -5.31
C MET B 563 -5.06 49.71 -4.71
N ALA B 564 -6.19 50.09 -4.17
CA ALA B 564 -6.31 51.44 -3.62
C ALA B 564 -5.37 51.65 -2.44
N ASP B 565 -5.08 50.58 -1.69
CA ASP B 565 -4.20 50.69 -0.55
C ASP B 565 -2.77 51.02 -0.97
N PHE B 566 -2.36 50.53 -2.15
CA PHE B 566 -1.04 50.78 -2.69
C PHE B 566 -1.07 51.71 -3.90
N ALA B 567 -2.19 52.39 -4.12
CA ALA B 567 -2.29 53.34 -5.20
C ALA B 567 -1.46 54.58 -4.89
N ILE B 568 -1.07 55.29 -5.96
CA ILE B 568 -0.27 56.50 -5.84
C ILE B 568 -1.04 57.63 -6.48
N LEU B 569 -1.26 58.69 -5.73
CA LEU B 569 -2.04 59.80 -6.22
C LEU B 569 -1.20 60.70 -7.13
N PRO B 570 -1.78 61.24 -8.19
CA PRO B 570 -1.07 62.23 -9.00
C PRO B 570 -0.80 63.50 -8.20
N SER B 571 0.23 64.22 -8.63
CA SER B 571 0.63 65.43 -7.94
C SER B 571 -0.49 66.47 -7.95
N CYS B 572 -1.15 66.64 -9.10
CA CYS B 572 -2.20 67.64 -9.21
C CYS B 572 -3.32 67.39 -8.20
N CYS B 573 -3.86 66.18 -8.18
CA CYS B 573 -4.93 65.85 -7.25
C CYS B 573 -4.45 65.96 -5.81
N ARG B 574 -3.24 65.48 -5.54
CA ARG B 574 -2.67 65.57 -4.20
C ARG B 574 -2.63 67.01 -3.71
N TRP B 575 -2.12 67.92 -4.53
CA TRP B 575 -1.94 69.30 -4.10
C TRP B 575 -3.26 70.05 -4.08
N LYS B 576 -4.21 69.71 -4.94
CA LYS B 576 -5.55 70.29 -4.81
C LYS B 576 -6.19 69.87 -3.49
N ILE B 577 -6.07 68.60 -3.12
CA ILE B 577 -6.61 68.13 -1.85
C ILE B 577 -5.93 68.87 -0.70
N ARG B 578 -4.61 69.00 -0.77
CA ARG B 578 -3.88 69.65 0.31
C ARG B 578 -4.24 71.13 0.42
N LYS B 579 -4.47 71.78 -0.72
CA LYS B 579 -4.93 73.17 -0.70
C LYS B 579 -6.29 73.26 -0.03
N GLU B 580 -7.20 72.35 -0.35
CA GLU B 580 -8.52 72.38 0.28
C GLU B 580 -8.42 72.13 1.78
N PHE B 581 -7.54 71.21 2.20
CA PHE B 581 -7.38 70.83 3.60
C PHE B 581 -5.90 70.91 3.95
N PRO B 582 -5.36 72.10 4.11
CA PRO B 582 -3.92 72.25 4.30
C PRO B 582 -3.49 72.06 5.75
N LYS B 583 -2.24 71.63 5.90
CA LYS B 583 -1.63 71.45 7.21
C LYS B 583 -1.09 72.78 7.70
N THR B 584 -1.57 73.24 8.86
CA THR B 584 -1.18 74.56 9.35
C THR B 584 0.32 74.62 9.64
N GLN B 585 0.86 73.60 10.31
CA GLN B 585 2.28 73.55 10.63
C GLN B 585 2.76 72.12 10.52
N GLY B 586 3.84 71.91 9.79
CA GLY B 586 4.45 70.62 9.59
C GLY B 586 4.70 70.33 8.13
N GLN B 587 5.19 69.12 7.88
CA GLN B 587 5.54 68.68 6.54
C GLN B 587 4.74 67.43 6.18
N TYR B 588 4.26 67.39 4.94
CA TYR B 588 3.47 66.25 4.47
C TYR B 588 4.33 65.00 4.37
N SER B 589 3.84 63.89 4.92
CA SER B 589 4.58 62.64 4.90
C SER B 589 4.41 61.89 3.59
N GLY B 590 3.27 62.06 2.92
CA GLY B 590 3.04 61.34 1.68
C GLY B 590 2.66 59.88 1.93
N PHE B 591 2.78 59.08 0.87
CA PHE B 591 2.41 57.68 0.94
C PHE B 591 3.26 56.94 1.95
N LYS B 592 2.59 56.16 2.80
CA LYS B 592 3.24 55.31 3.78
C LYS B 592 2.91 53.84 3.48
N TYR B 593 3.90 52.98 3.65
CA TYR B 593 3.70 51.55 3.43
C TYR B 593 2.76 50.98 4.48
N PRO B 594 1.62 50.38 4.10
CA PRO B 594 0.67 49.92 5.13
C PRO B 594 1.18 48.77 5.97
N TYR B 595 2.07 47.94 5.46
CA TYR B 595 2.52 46.75 6.18
C TYR B 595 3.95 46.91 6.67
N SER C 6 6.11 35.25 -18.69
CA SER C 6 5.58 33.92 -18.26
C SER C 6 6.23 33.49 -16.95
N TRP C 7 7.33 34.14 -16.58
CA TRP C 7 8.01 33.80 -15.33
C TRP C 7 7.12 34.06 -14.13
N ASN C 8 6.41 35.19 -14.13
CA ASN C 8 5.53 35.49 -13.00
C ASN C 8 4.47 34.40 -12.84
N ASP C 9 3.98 33.85 -13.95
CA ASP C 9 3.01 32.77 -13.87
C ASP C 9 3.60 31.53 -13.19
N VAL C 10 4.92 31.36 -13.26
CA VAL C 10 5.55 30.23 -12.59
C VAL C 10 5.49 30.41 -11.08
N PHE C 11 5.79 31.61 -10.60
CA PHE C 11 5.85 31.89 -9.18
C PHE C 11 4.46 32.27 -8.66
N GLN C 12 3.60 31.27 -8.58
CA GLN C 12 2.26 31.42 -8.05
C GLN C 12 2.00 30.31 -7.03
N TYR C 13 1.20 30.64 -6.02
CA TYR C 13 0.73 29.66 -5.06
C TYR C 13 -0.78 29.81 -4.88
N GLU C 14 -1.50 28.71 -5.04
CA GLU C 14 -2.94 28.67 -4.86
C GLU C 14 -3.26 28.20 -3.44
N THR C 15 -4.02 29.01 -2.71
CA THR C 15 -4.52 28.65 -1.39
C THR C 15 -6.03 28.67 -1.41
N ASN C 16 -6.63 27.68 -0.75
CA ASN C 16 -8.08 27.55 -0.71
C ASN C 16 -8.69 28.59 0.22
N LYS C 17 -9.79 29.19 -0.22
CA LYS C 17 -10.59 30.04 0.65
C LYS C 17 -11.41 29.17 1.59
N VAL C 18 -11.42 29.52 2.87
CA VAL C 18 -12.09 28.74 3.89
C VAL C 18 -12.96 29.63 4.76
N THR C 19 -13.97 29.01 5.35
CA THR C 19 -14.78 29.61 6.40
C THR C 19 -14.51 28.86 7.70
N ARG C 20 -13.89 29.54 8.66
CA ARG C 20 -13.63 28.95 9.98
C ARG C 20 -14.87 29.10 10.85
N ILE C 21 -15.49 27.98 11.21
CA ILE C 21 -16.72 27.99 11.97
C ILE C 21 -16.40 27.92 13.45
N GLN C 22 -17.19 28.66 14.23
CA GLN C 22 -17.01 28.80 15.69
C GLN C 22 -18.08 27.93 16.36
N SER C 23 -17.78 26.64 16.47
CA SER C 23 -18.75 25.66 16.93
C SER C 23 -18.09 24.68 17.88
N VAL C 24 -18.77 24.41 19.00
CA VAL C 24 -18.29 23.37 19.92
C VAL C 24 -18.50 21.98 19.31
N ASN C 25 -19.67 21.75 18.73
CA ASN C 25 -20.00 20.43 18.24
C ASN C 25 -19.08 20.00 17.09
N TYR C 26 -18.89 20.90 16.12
CA TYR C 26 -18.10 20.52 14.95
C TYR C 26 -16.62 20.38 15.28
N GLY C 27 -16.10 21.24 16.15
CA GLY C 27 -14.73 21.07 16.60
C GLY C 27 -14.52 19.77 17.35
N THR C 28 -15.44 19.45 18.26
CA THR C 28 -15.35 18.19 18.99
C THR C 28 -15.43 17.00 18.06
N ILE C 29 -16.37 17.02 17.11
CA ILE C 29 -16.50 15.92 16.16
C ILE C 29 -15.23 15.77 15.34
N LYS C 30 -14.68 16.88 14.87
CA LYS C 30 -13.47 16.84 14.07
C LYS C 30 -12.33 16.20 14.85
N TRP C 31 -12.13 16.63 16.10
CA TRP C 31 -11.01 16.11 16.87
C TRP C 31 -11.21 14.66 17.25
N ILE C 32 -12.44 14.27 17.58
CA ILE C 32 -12.72 12.88 17.90
C ILE C 32 -12.42 11.99 16.70
N LEU C 33 -12.87 12.41 15.51
CA LEU C 33 -12.63 11.60 14.32
C LEU C 33 -11.15 11.55 13.98
N HIS C 34 -10.44 12.66 14.12
CA HIS C 34 -8.99 12.67 13.87
C HIS C 34 -8.28 11.71 14.81
N MET C 35 -8.64 11.73 16.10
CA MET C 35 -7.98 10.85 17.05
C MET C 35 -8.33 9.40 16.80
N THR C 36 -9.57 9.12 16.40
CA THR C 36 -9.96 7.75 16.05
C THR C 36 -9.12 7.22 14.89
N VAL C 37 -9.01 8.02 13.82
CA VAL C 37 -8.21 7.61 12.68
C VAL C 37 -6.77 7.39 13.09
N PHE C 38 -6.21 8.33 13.85
CA PHE C 38 -4.80 8.22 14.24
C PHE C 38 -4.56 6.99 15.09
N SER C 39 -5.45 6.75 16.06
CA SER C 39 -5.30 5.60 16.94
C SER C 39 -5.36 4.31 16.14
N TYR C 40 -6.31 4.20 15.21
CA TYR C 40 -6.39 2.96 14.44
C TYR C 40 -5.18 2.77 13.55
N VAL C 41 -4.72 3.82 12.87
CA VAL C 41 -3.59 3.64 11.97
C VAL C 41 -2.32 3.31 12.76
N SER C 42 -2.15 3.91 13.93
CA SER C 42 -1.02 3.58 14.78
C SER C 42 -1.09 2.14 15.26
N PHE C 43 -2.28 1.69 15.68
CA PHE C 43 -2.43 0.30 16.12
C PHE C 43 -2.13 -0.66 14.99
N ALA C 44 -2.61 -0.38 13.79
CA ALA C 44 -2.31 -1.24 12.65
C ALA C 44 -0.82 -1.23 12.34
N LEU C 45 -0.16 -0.08 12.45
CA LEU C 45 1.26 0.01 12.19
C LEU C 45 2.05 -0.86 13.17
N MET C 46 1.68 -0.83 14.45
CA MET C 46 2.46 -1.52 15.47
C MET C 46 2.13 -3.01 15.52
N SER C 47 0.84 -3.36 15.47
CA SER C 47 0.43 -4.75 15.59
C SER C 47 0.95 -5.59 14.43
N ASP C 48 0.83 -5.08 13.20
CA ASP C 48 1.22 -5.80 12.01
C ASP C 48 2.62 -5.44 11.52
N LYS C 49 3.34 -4.60 12.27
CA LYS C 49 4.72 -4.25 11.95
C LYS C 49 4.86 -3.79 10.50
N LEU C 50 3.98 -2.87 10.10
CA LEU C 50 3.97 -2.41 8.72
C LEU C 50 5.08 -1.42 8.42
N TYR C 51 5.89 -1.07 9.41
CA TYR C 51 7.14 -0.34 9.19
C TYR C 51 8.31 -1.26 8.87
N GLN C 52 8.10 -2.58 8.86
CA GLN C 52 9.16 -3.54 8.61
C GLN C 52 9.01 -4.17 7.24
N ARG C 53 10.15 -4.49 6.64
CA ARG C 53 10.20 -5.39 5.49
C ARG C 53 10.42 -6.80 6.03
N LYS C 54 9.51 -7.71 5.69
CA LYS C 54 9.57 -9.07 6.17
C LYS C 54 10.23 -9.97 5.13
N GLU C 55 11.08 -10.88 5.60
CA GLU C 55 11.83 -11.79 4.73
C GLU C 55 11.65 -13.22 5.21
N PRO C 56 11.36 -14.16 4.30
CA PRO C 56 11.36 -15.57 4.69
C PRO C 56 12.76 -16.09 4.99
N LEU C 57 12.81 -17.07 5.88
CA LEU C 57 14.07 -17.70 6.29
C LEU C 57 14.47 -18.82 5.35
N ILE C 58 15.76 -19.13 5.39
CA ILE C 58 16.31 -20.35 4.81
C ILE C 58 16.91 -21.17 5.95
N SER C 59 16.59 -22.46 5.96
CA SER C 59 16.88 -23.31 7.11
C SER C 59 17.75 -24.50 6.75
N SER C 60 18.56 -24.92 7.71
CA SER C 60 19.24 -26.20 7.71
C SER C 60 18.94 -26.91 9.01
N VAL C 61 18.66 -28.21 8.91
CA VAL C 61 18.27 -29.03 10.05
C VAL C 61 19.27 -30.18 10.19
N HIS C 62 19.66 -30.47 11.43
CA HIS C 62 20.55 -31.57 11.75
C HIS C 62 19.99 -32.32 12.95
N THR C 63 19.61 -33.57 12.74
CA THR C 63 18.96 -34.39 13.74
C THR C 63 19.85 -35.53 14.18
N LYS C 64 19.73 -35.89 15.46
CA LYS C 64 20.43 -37.04 16.01
C LYS C 64 19.51 -37.76 16.99
N VAL C 65 19.21 -39.02 16.69
CA VAL C 65 18.36 -39.84 17.55
C VAL C 65 19.25 -40.58 18.54
N LYS C 66 18.84 -40.59 19.80
CA LYS C 66 19.50 -41.33 20.87
C LYS C 66 18.56 -42.39 21.42
N GLY C 67 19.10 -43.57 21.68
CA GLY C 67 18.33 -44.62 22.30
C GLY C 67 18.65 -46.04 21.88
N VAL C 68 18.55 -46.95 22.85
CA VAL C 68 18.74 -48.38 22.64
C VAL C 68 17.48 -49.08 23.08
N ALA C 69 16.96 -49.96 22.24
CA ALA C 69 15.76 -50.72 22.54
C ALA C 69 16.13 -52.13 22.94
N GLU C 70 15.56 -52.60 24.04
CA GLU C 70 15.66 -53.99 24.47
C GLU C 70 14.44 -54.74 23.97
N VAL C 71 14.68 -55.91 23.36
CA VAL C 71 13.63 -56.69 22.75
C VAL C 71 13.77 -58.16 23.16
N THR C 72 12.70 -58.92 22.93
CA THR C 72 12.67 -60.38 23.14
C THR C 72 12.03 -60.99 21.89
N GLU C 73 12.87 -61.40 20.95
CA GLU C 73 12.42 -62.04 19.73
C GLU C 73 12.54 -63.56 19.87
N ASN C 74 12.25 -64.26 18.78
CA ASN C 74 12.37 -65.72 18.74
C ASN C 74 12.88 -66.17 17.38
N THR C 81 10.00 -72.54 19.02
CA THR C 81 10.41 -71.18 19.30
C THR C 81 11.37 -71.12 20.49
N LYS C 82 12.03 -69.98 20.66
CA LYS C 82 12.94 -69.78 21.78
C LYS C 82 12.93 -68.31 22.18
N LEU C 83 13.32 -68.05 23.41
CA LEU C 83 13.38 -66.69 23.95
C LEU C 83 14.76 -66.13 23.70
N VAL C 84 14.87 -65.25 22.71
CA VAL C 84 16.13 -64.63 22.34
C VAL C 84 16.11 -63.16 22.75
N HIS C 85 17.15 -62.73 23.45
CA HIS C 85 17.26 -61.36 23.95
C HIS C 85 18.27 -60.59 23.11
N GLY C 86 17.88 -59.39 22.70
CA GLY C 86 18.70 -58.58 21.82
C GLY C 86 18.48 -57.10 22.09
N ILE C 87 19.26 -56.28 21.40
CA ILE C 87 19.13 -54.83 21.47
C ILE C 87 19.12 -54.25 20.07
N PHE C 88 18.56 -53.04 19.97
CA PHE C 88 18.53 -52.26 18.73
C PHE C 88 19.19 -50.92 19.02
N ASP C 89 20.27 -50.62 18.32
CA ASP C 89 20.89 -49.31 18.40
C ASP C 89 20.61 -48.54 17.10
N THR C 90 21.07 -47.29 17.07
CA THR C 90 20.66 -46.35 16.03
C THR C 90 20.84 -46.91 14.63
N ALA C 91 21.95 -47.59 14.37
CA ALA C 91 22.19 -48.15 13.06
C ALA C 91 21.22 -49.28 12.73
N ASP C 92 20.57 -49.85 13.74
CA ASP C 92 19.59 -50.90 13.53
C ASP C 92 18.18 -50.37 13.25
N TYR C 93 17.93 -49.07 13.46
CA TYR C 93 16.57 -48.55 13.29
C TYR C 93 16.49 -47.19 12.60
N THR C 94 17.60 -46.64 12.09
CA THR C 94 17.56 -45.36 11.38
C THR C 94 18.28 -45.47 10.03
N LEU C 95 17.86 -44.62 9.11
CA LEU C 95 18.53 -44.35 7.85
C LEU C 95 19.62 -43.30 8.03
N PRO C 96 20.59 -43.25 7.12
CA PRO C 96 21.66 -42.25 7.24
C PRO C 96 21.18 -40.81 7.21
N LEU C 97 20.09 -40.52 6.49
CA LEU C 97 19.58 -39.17 6.40
C LEU C 97 19.32 -38.58 7.78
N GLN C 98 19.76 -37.33 7.97
CA GLN C 98 19.62 -36.65 9.25
C GLN C 98 19.23 -35.18 9.06
N GLY C 99 18.46 -34.89 8.02
CA GLY C 99 18.07 -33.52 7.72
C GLY C 99 16.64 -33.18 8.07
N ASN C 100 15.88 -32.71 7.08
CA ASN C 100 14.51 -32.27 7.31
C ASN C 100 13.58 -33.42 7.66
N SER C 101 13.97 -34.66 7.40
CA SER C 101 13.19 -35.81 7.81
C SER C 101 14.12 -36.90 8.34
N PHE C 102 13.67 -37.57 9.39
CA PHE C 102 14.36 -38.76 9.89
C PHE C 102 13.33 -39.85 10.17
N PHE C 103 13.76 -41.09 9.96
CA PHE C 103 12.92 -42.27 10.09
C PHE C 103 13.37 -43.09 11.29
N VAL C 104 12.41 -43.54 12.09
CA VAL C 104 12.65 -44.46 13.19
C VAL C 104 11.82 -45.71 12.94
N MET C 105 12.49 -46.84 12.83
CA MET C 105 11.80 -48.11 12.67
C MET C 105 11.14 -48.53 13.99
N THR C 106 9.87 -48.90 13.90
CA THR C 106 9.11 -49.37 15.05
C THR C 106 8.60 -50.79 14.90
N ASN C 107 8.57 -51.33 13.68
CA ASN C 107 8.09 -52.67 13.41
C ASN C 107 8.71 -53.13 12.10
N TYR C 108 8.78 -54.44 11.93
CA TYR C 108 9.36 -54.98 10.70
C TYR C 108 8.87 -56.40 10.46
N LEU C 109 8.75 -56.74 9.19
CA LEU C 109 8.60 -58.10 8.71
C LEU C 109 9.78 -58.43 7.83
N LYS C 110 10.40 -59.58 8.07
CA LYS C 110 11.60 -60.00 7.34
C LYS C 110 11.31 -61.27 6.57
N SER C 111 11.70 -61.27 5.29
CA SER C 111 11.57 -62.43 4.41
C SER C 111 12.97 -62.79 3.92
N GLU C 112 13.53 -63.87 4.46
CA GLU C 112 14.89 -64.28 4.16
C GLU C 112 14.92 -65.36 3.09
N GLY C 113 16.01 -65.36 2.32
CA GLY C 113 16.26 -66.40 1.34
C GLY C 113 15.25 -66.46 0.22
N GLN C 114 14.88 -65.32 -0.35
CA GLN C 114 13.92 -65.28 -1.43
C GLN C 114 14.57 -65.67 -2.74
N GLU C 115 13.84 -66.45 -3.53
CA GLU C 115 14.24 -66.85 -4.87
C GLU C 115 13.15 -66.49 -5.85
N GLN C 116 13.54 -66.07 -7.04
CA GLN C 116 12.57 -65.77 -8.10
C GLN C 116 12.13 -67.08 -8.72
N LYS C 117 10.91 -67.50 -8.40
CA LYS C 117 10.33 -68.73 -8.88
C LYS C 117 8.82 -68.63 -8.75
N LEU C 118 8.15 -69.78 -8.87
CA LEU C 118 6.70 -69.84 -8.69
C LEU C 118 6.36 -70.18 -7.25
N CYS C 119 5.31 -69.56 -6.74
CA CYS C 119 4.84 -69.79 -5.39
C CYS C 119 3.41 -69.29 -5.28
N PRO C 120 2.65 -69.78 -4.30
CA PRO C 120 1.33 -69.20 -4.05
C PRO C 120 1.44 -67.83 -3.41
N GLU C 121 0.47 -66.98 -3.73
CA GLU C 121 0.44 -65.65 -3.13
C GLU C 121 -0.16 -65.72 -1.74
N TYR C 122 0.33 -64.83 -0.87
CA TYR C 122 -0.16 -64.77 0.49
C TYR C 122 -1.65 -64.45 0.50
N PRO C 123 -2.47 -65.19 1.26
CA PRO C 123 -3.91 -64.91 1.33
C PRO C 123 -4.22 -63.69 2.20
N SER C 124 -4.14 -62.51 1.59
CA SER C 124 -4.20 -61.24 2.30
C SER C 124 -5.57 -60.61 2.09
N ARG C 125 -6.48 -60.88 3.02
CA ARG C 125 -7.76 -60.17 3.13
C ARG C 125 -8.47 -60.12 1.78
N GLY C 126 -8.86 -61.29 1.30
CA GLY C 126 -9.63 -61.42 0.09
C GLY C 126 -8.91 -62.02 -1.10
N LYS C 127 -7.72 -62.58 -0.90
CA LYS C 127 -6.99 -63.21 -1.99
C LYS C 127 -7.23 -64.71 -2.07
N GLN C 128 -8.11 -65.25 -1.22
CA GLN C 128 -8.46 -66.66 -1.32
C GLN C 128 -9.01 -66.96 -2.71
N CYS C 129 -8.52 -68.05 -3.30
CA CYS C 129 -8.94 -68.49 -4.62
C CYS C 129 -9.55 -69.87 -4.53
N HIS C 130 -10.69 -70.05 -5.19
CA HIS C 130 -11.42 -71.31 -5.15
C HIS C 130 -11.22 -72.16 -6.40
N SER C 131 -10.79 -71.56 -7.50
CA SER C 131 -10.55 -72.30 -8.73
C SER C 131 -9.63 -71.49 -9.62
N ASP C 132 -9.07 -72.16 -10.63
CA ASP C 132 -8.21 -71.47 -11.60
C ASP C 132 -8.96 -70.41 -12.38
N GLN C 133 -10.29 -70.42 -12.34
CA GLN C 133 -11.07 -69.40 -13.03
C GLN C 133 -10.77 -68.01 -12.48
N GLY C 134 -10.67 -67.89 -11.16
CA GLY C 134 -10.37 -66.60 -10.56
C GLY C 134 -9.00 -66.08 -10.96
N CYS C 135 -8.01 -66.95 -10.99
CA CYS C 135 -6.65 -66.55 -11.36
C CYS C 135 -6.57 -66.27 -12.86
N ILE C 136 -5.76 -65.28 -13.22
CA ILE C 136 -5.56 -64.86 -14.60
C ILE C 136 -4.08 -64.96 -14.91
N LYS C 137 -3.74 -65.67 -15.98
CA LYS C 137 -2.33 -65.82 -16.35
C LYS C 137 -1.81 -64.54 -16.95
N GLY C 138 -0.55 -64.21 -16.64
CA GLY C 138 0.10 -63.06 -17.20
C GLY C 138 -0.32 -61.73 -16.62
N TRP C 139 -1.14 -61.73 -15.57
CA TRP C 139 -1.65 -60.49 -15.00
C TRP C 139 -0.76 -60.07 -13.84
N MET C 140 -0.23 -58.85 -13.91
CA MET C 140 0.63 -58.33 -12.88
C MET C 140 -0.21 -57.87 -11.69
N ASP C 141 0.11 -58.38 -10.51
CA ASP C 141 -0.53 -57.95 -9.28
C ASP C 141 0.42 -57.04 -8.52
N PRO C 142 0.17 -55.73 -8.47
CA PRO C 142 1.07 -54.84 -7.71
C PRO C 142 1.03 -55.10 -6.21
N GLN C 143 0.01 -55.79 -5.71
CA GLN C 143 -0.10 -56.07 -4.29
C GLN C 143 0.77 -57.26 -3.90
N SER C 144 0.52 -58.42 -4.52
CA SER C 144 1.36 -59.58 -4.30
C SER C 144 2.75 -59.40 -4.89
N LYS C 145 2.90 -58.48 -5.84
CA LYS C 145 4.18 -58.17 -6.45
C LYS C 145 4.72 -59.36 -7.23
N GLY C 146 3.84 -59.98 -8.01
CA GLY C 146 4.20 -61.11 -8.84
C GLY C 146 3.27 -61.21 -10.03
N ILE C 147 3.62 -62.11 -10.95
CA ILE C 147 2.84 -62.35 -12.15
C ILE C 147 2.11 -63.68 -11.99
N GLN C 148 0.79 -63.64 -12.10
CA GLN C 148 -0.02 -64.84 -11.95
C GLN C 148 0.18 -65.79 -13.13
N THR C 149 0.03 -67.08 -12.85
CA THR C 149 0.06 -68.12 -13.85
C THR C 149 -1.32 -68.62 -14.25
N GLY C 150 -2.37 -68.20 -13.55
CA GLY C 150 -3.71 -68.66 -13.81
C GLY C 150 -4.09 -69.96 -13.15
N ARG C 151 -3.22 -70.55 -12.34
CA ARG C 151 -3.50 -71.81 -11.66
C ARG C 151 -3.64 -71.57 -10.16
N CYS C 152 -4.78 -71.99 -9.60
CA CYS C 152 -4.96 -72.03 -8.16
C CYS C 152 -4.18 -73.18 -7.56
N ILE C 153 -3.45 -72.91 -6.49
CA ILE C 153 -2.64 -73.93 -5.82
C ILE C 153 -2.79 -73.75 -4.32
N PRO C 154 -2.49 -74.79 -3.54
CA PRO C 154 -2.69 -74.71 -2.08
C PRO C 154 -1.56 -73.97 -1.40
N TYR C 155 -1.88 -72.83 -0.80
CA TYR C 155 -0.91 -72.16 0.06
C TYR C 155 -0.64 -72.98 1.31
N ASP C 156 -1.67 -73.59 1.86
CA ASP C 156 -1.56 -74.44 3.04
C ASP C 156 -2.60 -75.55 2.91
N GLN C 157 -2.86 -76.25 4.02
CA GLN C 157 -3.76 -77.39 4.02
C GLN C 157 -5.22 -77.01 4.16
N LYS C 158 -5.55 -75.72 4.09
CA LYS C 158 -6.92 -75.28 4.31
C LYS C 158 -7.43 -74.34 3.21
N ARG C 159 -6.53 -73.47 2.73
CA ARG C 159 -6.90 -72.41 1.76
C ARG C 159 -5.99 -72.50 0.54
N LYS C 160 -6.50 -72.15 -0.63
CA LYS C 160 -5.72 -72.12 -1.89
C LYS C 160 -5.56 -70.66 -2.29
N THR C 161 -4.53 -70.33 -3.03
CA THR C 161 -4.23 -69.01 -3.55
C THR C 161 -3.63 -69.12 -4.93
N CYS C 162 -3.76 -68.05 -5.71
CA CYS C 162 -3.23 -68.03 -7.06
C CYS C 162 -1.72 -68.21 -7.04
N GLU C 163 -1.21 -68.92 -8.04
CA GLU C 163 0.23 -69.10 -8.22
C GLU C 163 0.80 -67.90 -8.95
N ILE C 164 1.92 -67.38 -8.45
CA ILE C 164 2.57 -66.22 -9.04
C ILE C 164 4.05 -66.51 -9.21
N PHE C 165 4.62 -65.94 -10.26
CA PHE C 165 6.07 -65.87 -10.41
C PHE C 165 6.55 -64.61 -9.73
N ALA C 166 7.37 -64.77 -8.70
CA ALA C 166 7.74 -63.66 -7.83
C ALA C 166 8.97 -64.07 -7.04
N TRP C 167 9.46 -63.13 -6.23
CA TRP C 167 10.38 -63.48 -5.17
C TRP C 167 9.65 -64.37 -4.17
N CYS C 168 10.17 -65.57 -3.96
CA CYS C 168 9.48 -66.56 -3.16
C CYS C 168 10.39 -67.06 -2.04
N PRO C 169 9.85 -67.29 -0.84
CA PRO C 169 8.42 -67.25 -0.49
C PRO C 169 7.84 -65.84 -0.43
N ALA C 170 6.60 -65.74 -0.88
CA ALA C 170 5.90 -64.46 -0.99
C ALA C 170 5.09 -64.21 0.27
N GLU C 171 5.43 -63.13 0.98
CA GLU C 171 4.77 -62.77 2.23
C GLU C 171 4.10 -61.41 2.16
N GLU C 172 4.00 -60.82 0.97
CA GLU C 172 3.40 -59.51 0.84
C GLU C 172 1.90 -59.59 1.13
N GLY C 173 1.44 -58.68 1.98
CA GLY C 173 0.10 -58.71 2.52
C GLY C 173 0.02 -59.21 3.95
N LYS C 174 1.07 -59.86 4.44
CA LYS C 174 1.13 -60.27 5.84
C LYS C 174 1.01 -59.05 6.75
N GLU C 175 0.26 -59.22 7.83
CA GLU C 175 -0.01 -58.12 8.74
C GLU C 175 1.23 -57.75 9.55
N ALA C 176 1.33 -56.47 9.89
CA ALA C 176 2.41 -56.01 10.74
C ALA C 176 2.29 -56.64 12.13
N PRO C 177 3.40 -57.00 12.77
CA PRO C 177 3.32 -57.58 14.11
C PRO C 177 2.64 -56.66 15.11
N ARG C 178 1.86 -57.27 16.00
CA ARG C 178 1.14 -56.57 17.05
C ARG C 178 1.28 -57.33 18.36
N PRO C 179 1.87 -56.72 19.41
CA PRO C 179 2.39 -55.36 19.48
C PRO C 179 3.66 -55.14 18.68
N ALA C 180 3.94 -53.88 18.40
CA ALA C 180 5.08 -53.53 17.56
C ALA C 180 6.39 -53.88 18.25
N LEU C 181 7.31 -54.45 17.47
CA LEU C 181 8.54 -55.00 18.02
C LEU C 181 9.41 -53.91 18.65
N LEU C 182 9.47 -52.73 18.03
CA LEU C 182 10.26 -51.62 18.54
C LEU C 182 9.35 -50.51 19.06
N ARG C 183 8.28 -50.89 19.76
CA ARG C 183 7.41 -49.91 20.41
C ARG C 183 8.12 -49.17 21.53
N SER C 184 9.26 -49.68 22.00
CA SER C 184 10.06 -49.01 23.02
C SER C 184 10.77 -47.77 22.46
N ALA C 185 10.66 -47.52 21.15
CA ALA C 185 11.18 -46.30 20.57
C ALA C 185 10.48 -45.04 21.11
N GLU C 186 9.32 -45.20 21.77
CA GLU C 186 8.67 -44.05 22.39
C GLU C 186 9.59 -43.39 23.41
N ASN C 187 10.52 -44.14 23.98
CA ASN C 187 11.48 -43.62 24.94
C ASN C 187 12.75 -43.09 24.29
N PHE C 188 12.88 -43.18 22.97
CA PHE C 188 14.00 -42.55 22.29
C PHE C 188 13.88 -41.03 22.35
N THR C 189 15.02 -40.37 22.21
CA THR C 189 15.09 -38.92 22.13
C THR C 189 15.77 -38.50 20.83
N VAL C 190 15.35 -37.36 20.30
CA VAL C 190 15.98 -36.75 19.13
C VAL C 190 16.39 -35.33 19.49
N LEU C 191 17.65 -35.01 19.20
CA LEU C 191 18.17 -33.66 19.30
C LEU C 191 18.10 -33.01 17.92
N ILE C 192 17.42 -31.88 17.83
CA ILE C 192 17.26 -31.15 16.58
C ILE C 192 18.11 -29.88 16.65
N LYS C 193 19.05 -29.77 15.73
CA LYS C 193 19.84 -28.56 15.56
C LYS C 193 19.34 -27.84 14.31
N ASN C 194 18.98 -26.57 14.47
CA ASN C 194 18.33 -25.81 13.41
C ASN C 194 19.09 -24.51 13.20
N ASN C 195 19.63 -24.35 12.01
CA ASN C 195 20.28 -23.12 11.58
C ASN C 195 19.35 -22.39 10.61
N ILE C 196 19.10 -21.12 10.88
CA ILE C 196 18.26 -20.29 10.01
C ILE C 196 19.01 -19.01 9.68
N ASP C 197 18.68 -18.45 8.52
CA ASP C 197 19.32 -17.26 8.02
C ASP C 197 18.28 -16.41 7.27
N PHE C 198 18.44 -15.10 7.37
CA PHE C 198 17.69 -14.13 6.58
C PHE C 198 18.68 -13.40 5.69
N PRO C 199 18.91 -13.91 4.47
CA PRO C 199 19.99 -13.33 3.63
C PRO C 199 19.81 -11.85 3.32
N GLY C 200 18.58 -11.40 3.07
CA GLY C 200 18.37 -9.99 2.79
C GLY C 200 18.75 -9.10 3.97
N HIS C 201 18.39 -9.50 5.17
CA HIS C 201 18.75 -8.78 6.38
C HIS C 201 20.13 -9.15 6.90
N ASN C 202 20.83 -10.07 6.24
CA ASN C 202 22.15 -10.54 6.67
C ASN C 202 22.13 -10.90 8.15
N TYR C 203 21.22 -11.80 8.52
CA TYR C 203 21.08 -12.27 9.89
C TYR C 203 20.97 -13.79 9.89
N THR C 204 21.74 -14.43 10.76
CA THR C 204 21.64 -15.86 10.98
C THR C 204 21.71 -16.14 12.48
N THR C 205 20.99 -17.17 12.89
CA THR C 205 21.04 -17.66 14.26
C THR C 205 20.70 -19.14 14.27
N ARG C 206 20.93 -19.78 15.40
CA ARG C 206 20.61 -21.18 15.58
C ARG C 206 19.79 -21.35 16.84
N ASN C 207 19.14 -22.51 16.93
CA ASN C 207 18.20 -22.81 18.00
C ASN C 207 18.87 -23.30 19.28
N ILE C 208 20.20 -23.45 19.28
CA ILE C 208 20.94 -23.83 20.48
C ILE C 208 21.99 -22.75 20.72
N LEU C 209 21.88 -22.06 21.84
CA LEU C 209 22.76 -20.97 22.21
C LEU C 209 23.63 -21.37 23.40
N PRO C 210 24.75 -20.70 23.60
CA PRO C 210 25.62 -21.05 24.73
C PRO C 210 24.91 -20.89 26.06
N GLY C 211 25.21 -21.79 26.99
CA GLY C 211 24.60 -21.79 28.29
C GLY C 211 23.35 -22.62 28.42
N MET C 212 22.97 -23.35 27.38
CA MET C 212 21.77 -24.17 27.42
C MET C 212 22.02 -25.45 28.21
N ASN C 213 20.97 -25.91 28.88
CA ASN C 213 21.06 -27.17 29.62
C ASN C 213 21.12 -28.34 28.66
N ILE C 214 22.13 -29.18 28.83
CA ILE C 214 22.29 -30.36 27.97
C ILE C 214 21.48 -31.55 28.47
N SER C 215 21.06 -31.55 29.73
CA SER C 215 20.30 -32.65 30.30
C SER C 215 18.80 -32.38 30.30
N CYS C 216 18.36 -31.35 29.60
CA CYS C 216 16.95 -31.02 29.51
C CYS C 216 16.23 -31.94 28.52
N THR C 217 14.91 -31.98 28.66
CA THR C 217 14.02 -32.55 27.67
C THR C 217 12.89 -31.56 27.43
N PHE C 218 12.43 -31.49 26.19
CA PHE C 218 11.44 -30.48 25.82
C PHE C 218 10.16 -30.64 26.61
N HIS C 219 9.61 -29.51 27.02
CA HIS C 219 8.26 -29.44 27.56
C HIS C 219 7.62 -28.12 27.13
N LYS C 220 6.32 -28.18 26.89
CA LYS C 220 5.60 -27.00 26.45
C LYS C 220 5.78 -25.83 27.41
N THR C 221 5.70 -26.08 28.71
CA THR C 221 5.74 -25.04 29.73
C THR C 221 7.06 -24.98 30.46
N TRP C 222 7.57 -26.10 30.94
CA TRP C 222 8.78 -26.07 31.75
C TRP C 222 10.03 -25.84 30.92
N ASN C 223 10.12 -26.45 29.74
CA ASN C 223 11.30 -26.38 28.88
C ASN C 223 10.88 -26.16 27.43
N PRO C 224 10.31 -25.00 27.12
CA PRO C 224 9.84 -24.75 25.74
C PRO C 224 10.97 -24.50 24.76
N GLN C 225 12.20 -24.37 25.21
CA GLN C 225 13.33 -24.09 24.34
C GLN C 225 14.36 -25.22 24.30
N CYS C 226 14.05 -26.36 24.91
CA CYS C 226 14.96 -27.49 24.86
C CYS C 226 14.78 -28.23 23.54
N PRO C 227 15.82 -28.39 22.73
CA PRO C 227 15.65 -29.00 21.42
C PRO C 227 15.78 -30.52 21.44
N ILE C 228 15.64 -31.12 22.61
CA ILE C 228 15.69 -32.57 22.79
C ILE C 228 14.28 -33.05 23.06
N PHE C 229 13.78 -33.91 22.18
CA PHE C 229 12.39 -34.35 22.22
C PHE C 229 12.32 -35.86 22.39
N ARG C 230 11.61 -36.29 23.43
CA ARG C 230 11.17 -37.68 23.52
C ARG C 230 10.02 -37.92 22.57
N LEU C 231 10.13 -38.98 21.76
CA LEU C 231 9.16 -39.21 20.69
C LEU C 231 7.77 -39.47 21.25
N GLY C 232 7.70 -40.26 22.31
CA GLY C 232 6.42 -40.47 22.96
C GLY C 232 5.79 -39.18 23.43
N ASP C 233 6.60 -38.27 23.95
CA ASP C 233 6.10 -36.97 24.36
C ASP C 233 5.57 -36.17 23.17
N ILE C 234 6.25 -36.26 22.01
CA ILE C 234 5.75 -35.63 20.81
C ILE C 234 4.34 -36.12 20.51
N PHE C 235 4.15 -37.43 20.53
CA PHE C 235 2.83 -37.99 20.23
C PHE C 235 1.81 -37.59 21.28
N GLN C 236 2.22 -37.59 22.56
CA GLN C 236 1.33 -37.27 23.67
C GLN C 236 0.83 -35.83 23.63
N GLU C 237 1.72 -34.88 23.30
CA GLU C 237 1.33 -33.48 23.37
C GLU C 237 0.11 -33.17 22.50
N ILE C 238 -0.13 -33.97 21.46
CA ILE C 238 -1.21 -33.72 20.53
C ILE C 238 -2.18 -34.89 20.52
N GLY C 239 -2.20 -35.65 21.61
CA GLY C 239 -3.17 -36.73 21.77
C GLY C 239 -3.06 -37.85 20.78
N GLU C 240 -1.84 -38.26 20.44
CA GLU C 240 -1.60 -39.41 19.60
C GLU C 240 -0.92 -40.50 20.41
N ASN C 241 -1.22 -41.75 20.05
CA ASN C 241 -0.73 -42.92 20.77
C ASN C 241 0.42 -43.55 19.98
N PHE C 242 1.64 -43.42 20.52
CA PHE C 242 2.82 -43.96 19.83
C PHE C 242 2.75 -45.47 19.72
N THR C 243 2.29 -46.15 20.77
CA THR C 243 2.24 -47.60 20.76
C THR C 243 1.39 -48.13 19.62
N GLU C 244 0.25 -47.50 19.36
CA GLU C 244 -0.63 -47.94 18.27
C GLU C 244 -0.06 -47.55 16.92
N VAL C 245 0.45 -46.32 16.77
CA VAL C 245 1.02 -45.89 15.50
C VAL C 245 2.25 -46.70 15.14
N ALA C 246 2.90 -47.30 16.13
CA ALA C 246 4.12 -48.06 15.90
C ALA C 246 3.87 -49.33 15.07
N VAL C 247 2.68 -49.91 15.17
CA VAL C 247 2.39 -51.15 14.46
C VAL C 247 2.48 -50.95 12.95
N GLN C 248 1.79 -49.94 12.43
CA GLN C 248 1.78 -49.67 11.00
C GLN C 248 2.64 -48.49 10.60
N GLY C 249 3.04 -47.64 11.55
CA GLY C 249 3.82 -46.47 11.23
C GLY C 249 2.97 -45.25 10.92
N GLY C 250 3.67 -44.17 10.65
CA GLY C 250 3.02 -42.92 10.32
C GLY C 250 4.04 -41.83 10.08
N ILE C 251 3.52 -40.62 9.85
CA ILE C 251 4.32 -39.45 9.58
C ILE C 251 3.94 -38.38 10.60
N MET C 252 4.92 -37.94 11.36
CA MET C 252 4.73 -36.94 12.40
C MET C 252 5.49 -35.67 12.05
N GLY C 253 4.79 -34.54 12.10
CA GLY C 253 5.39 -33.24 11.83
C GLY C 253 5.89 -32.57 13.10
N ILE C 254 7.14 -32.13 13.06
CA ILE C 254 7.71 -31.26 14.07
C ILE C 254 7.84 -29.89 13.43
N GLU C 255 7.06 -28.94 13.93
CA GLU C 255 7.02 -27.60 13.36
C GLU C 255 7.88 -26.66 14.18
N ILE C 256 8.76 -25.93 13.49
CA ILE C 256 9.63 -24.93 14.10
C ILE C 256 9.28 -23.60 13.49
N TYR C 257 8.61 -22.75 14.26
CA TYR C 257 8.19 -21.43 13.81
C TYR C 257 9.15 -20.37 14.33
N TRP C 258 9.69 -19.57 13.42
CA TRP C 258 10.58 -18.46 13.75
C TRP C 258 9.87 -17.15 13.42
N ASP C 259 9.34 -16.49 14.45
CA ASP C 259 8.80 -15.14 14.34
C ASP C 259 9.84 -14.18 14.90
N CYS C 260 10.64 -13.59 14.03
CA CYS C 260 11.87 -12.91 14.42
C CYS C 260 11.76 -11.42 14.16
N ASN C 261 11.99 -10.65 15.22
CA ASN C 261 12.13 -9.20 15.12
C ASN C 261 13.62 -8.87 15.21
N LEU C 262 14.15 -8.30 14.14
CA LEU C 262 15.58 -8.03 14.02
C LEU C 262 15.93 -6.57 14.30
N ASP C 263 14.99 -5.77 14.79
CA ASP C 263 15.32 -4.42 15.23
C ASP C 263 16.03 -4.48 16.59
N SER C 264 17.11 -3.70 16.71
CA SER C 264 17.95 -3.78 17.90
C SER C 264 17.17 -3.48 19.17
N TRP C 265 16.31 -2.45 19.12
CA TRP C 265 15.55 -2.07 20.30
C TRP C 265 14.46 -3.06 20.65
N SER C 266 14.12 -3.97 19.75
CA SER C 266 13.04 -4.92 19.95
C SER C 266 13.46 -6.31 19.47
N HIS C 267 14.72 -6.65 19.68
CA HIS C 267 15.26 -7.87 19.08
C HIS C 267 14.70 -9.11 19.77
N ARG C 268 14.11 -9.99 18.96
CA ARG C 268 13.55 -11.24 19.48
C ARG C 268 13.49 -12.22 18.31
N CYS C 269 14.37 -13.22 18.32
CA CYS C 269 14.43 -14.24 17.27
C CYS C 269 14.61 -15.59 17.94
N GLN C 270 13.49 -16.24 18.23
CA GLN C 270 13.46 -17.50 18.95
C GLN C 270 12.48 -18.46 18.29
N PRO C 271 12.76 -19.75 18.32
CA PRO C 271 11.84 -20.73 17.73
C PRO C 271 10.72 -21.17 18.67
N LYS C 272 9.58 -21.40 18.06
CA LYS C 272 8.44 -22.04 18.72
C LYS C 272 8.25 -23.43 18.14
N TYR C 273 8.17 -24.44 19.01
CA TYR C 273 8.04 -25.82 18.60
C TYR C 273 6.59 -26.27 18.74
N SER C 274 6.10 -26.94 17.70
CA SER C 274 4.77 -27.53 17.72
C SER C 274 4.79 -28.83 16.92
N PHE C 275 3.79 -29.67 17.18
CA PHE C 275 3.72 -30.99 16.59
C PHE C 275 2.37 -31.19 15.90
N ARG C 276 2.41 -31.97 14.82
CA ARG C 276 1.22 -32.21 14.01
C ARG C 276 1.39 -33.52 13.27
N ARG C 277 0.46 -34.45 13.45
CA ARG C 277 0.44 -35.67 12.66
C ARG C 277 0.12 -35.32 11.21
N LEU C 278 0.91 -35.88 10.30
CA LEU C 278 0.81 -35.54 8.89
C LEU C 278 0.19 -36.64 8.04
N ASP C 279 0.11 -37.87 8.54
CA ASP C 279 -0.54 -38.96 7.83
C ASP C 279 -1.96 -39.11 8.35
N ASP C 280 -2.88 -39.36 7.43
CA ASP C 280 -4.29 -39.49 7.79
C ASP C 280 -4.53 -40.79 8.55
N LYS C 281 -5.11 -40.66 9.75
CA LYS C 281 -5.38 -41.82 10.58
C LYS C 281 -6.36 -42.78 9.91
N TYR C 282 -7.37 -42.23 9.23
CA TYR C 282 -8.44 -43.01 8.64
C TYR C 282 -8.22 -43.29 7.16
N THR C 283 -6.97 -43.42 6.75
CA THR C 283 -6.65 -43.78 5.38
C THR C 283 -7.19 -45.17 5.08
N ASN C 284 -7.83 -45.30 3.91
CA ASN C 284 -8.43 -46.55 3.51
C ASN C 284 -7.37 -47.63 3.30
N GLU C 285 -7.78 -48.89 3.53
CA GLU C 285 -6.84 -50.00 3.51
C GLU C 285 -6.17 -50.14 2.15
N SER C 286 -6.85 -49.77 1.07
CA SER C 286 -6.32 -49.89 -0.31
C SER C 286 -5.41 -48.71 -0.67
N LEU C 287 -5.24 -47.73 0.23
CA LEU C 287 -4.46 -46.50 -0.05
C LEU C 287 -3.11 -46.50 0.67
N PHE C 288 -2.69 -47.63 1.26
CA PHE C 288 -1.38 -47.78 1.97
C PHE C 288 -1.41 -47.03 3.31
N PRO C 289 -2.27 -47.42 4.27
CA PRO C 289 -2.31 -46.75 5.58
C PRO C 289 -1.00 -46.91 6.36
N GLY C 290 -0.59 -45.87 7.10
CA GLY C 290 0.64 -45.89 7.92
C GLY C 290 1.86 -45.46 7.14
N TYR C 291 3.04 -45.98 7.47
CA TYR C 291 4.29 -45.68 6.78
C TYR C 291 5.20 -46.89 6.86
N ASN C 292 5.65 -47.34 5.69
CA ASN C 292 6.60 -48.43 5.59
C ASN C 292 7.28 -48.35 4.23
N PHE C 293 8.43 -49.01 4.14
CA PHE C 293 9.11 -49.22 2.86
C PHE C 293 9.74 -50.60 2.87
N ARG C 294 10.00 -51.09 1.66
CA ARG C 294 10.55 -52.42 1.44
C ARG C 294 12.02 -52.26 1.05
N TYR C 295 12.89 -52.87 1.84
CA TYR C 295 14.33 -52.77 1.66
C TYR C 295 14.89 -54.17 1.40
N ALA C 296 15.68 -54.30 0.34
CA ALA C 296 16.20 -55.58 -0.10
C ALA C 296 17.71 -55.65 0.11
N LYS C 297 18.16 -56.78 0.65
CA LYS C 297 19.57 -57.14 0.70
C LYS C 297 19.77 -58.37 -0.18
N TYR C 298 20.70 -58.27 -1.12
CA TYR C 298 20.93 -59.29 -2.12
C TYR C 298 22.20 -60.07 -1.82
N TYR C 299 22.14 -61.38 -2.05
CA TYR C 299 23.29 -62.25 -1.84
C TYR C 299 23.14 -63.48 -2.70
N LYS C 300 24.21 -64.27 -2.74
CA LYS C 300 24.24 -65.54 -3.45
C LYS C 300 24.51 -66.66 -2.45
N GLU C 301 23.77 -67.75 -2.58
CA GLU C 301 23.94 -68.91 -1.72
C GLU C 301 23.44 -70.14 -2.47
N ASN C 302 24.14 -71.26 -2.28
CA ASN C 302 23.80 -72.51 -2.96
C ASN C 302 23.81 -72.32 -4.47
N GLY C 303 24.69 -71.46 -4.96
CA GLY C 303 24.77 -71.20 -6.39
C GLY C 303 23.50 -70.60 -6.97
N MET C 304 22.85 -69.70 -6.24
CA MET C 304 21.64 -69.05 -6.71
C MET C 304 21.62 -67.60 -6.20
N GLU C 305 20.88 -66.76 -6.91
CA GLU C 305 20.78 -65.34 -6.60
C GLU C 305 19.62 -65.14 -5.63
N LYS C 306 19.93 -64.85 -4.37
CA LYS C 306 18.91 -64.75 -3.33
C LYS C 306 18.80 -63.34 -2.77
N ARG C 307 17.67 -63.09 -2.12
CA ARG C 307 17.35 -61.78 -1.58
C ARG C 307 16.67 -61.92 -0.22
N THR C 308 17.01 -61.02 0.70
CA THR C 308 16.28 -60.87 1.95
C THR C 308 15.52 -59.56 1.91
N LEU C 309 14.21 -59.63 2.15
CA LEU C 309 13.32 -58.49 2.07
C LEU C 309 12.93 -58.05 3.47
N ILE C 310 13.21 -56.78 3.78
CA ILE C 310 12.78 -56.15 5.02
C ILE C 310 11.65 -55.19 4.69
N LYS C 311 10.49 -55.44 5.26
CA LYS C 311 9.39 -54.47 5.26
C LYS C 311 9.46 -53.73 6.59
N ALA C 312 9.96 -52.52 6.54
CA ALA C 312 10.17 -51.70 7.73
C ALA C 312 8.97 -50.78 7.94
N PHE C 313 8.29 -50.94 9.07
CA PHE C 313 7.29 -50.00 9.52
C PHE C 313 7.92 -49.05 10.52
N GLY C 314 7.49 -47.79 10.47
CA GLY C 314 7.95 -46.85 11.48
C GLY C 314 7.40 -45.46 11.25
N VAL C 315 7.91 -44.54 12.04
CA VAL C 315 7.48 -43.16 12.02
C VAL C 315 8.52 -42.34 11.27
N ARG C 316 8.09 -41.65 10.23
CA ARG C 316 8.89 -40.63 9.59
C ARG C 316 8.56 -39.29 10.23
N PHE C 317 9.58 -38.61 10.72
CA PHE C 317 9.43 -37.31 11.36
C PHE C 317 9.86 -36.24 10.37
N ASP C 318 8.92 -35.37 10.00
CA ASP C 318 9.20 -34.26 9.10
C ASP C 318 9.41 -32.99 9.91
N ILE C 319 10.59 -32.39 9.78
CA ILE C 319 10.92 -31.15 10.46
C ILE C 319 10.49 -30.00 9.54
N LEU C 320 9.50 -29.25 9.97
CA LEU C 320 8.93 -28.16 9.18
C LEU C 320 9.35 -26.84 9.81
N VAL C 321 10.24 -26.12 9.14
CA VAL C 321 10.79 -24.86 9.62
C VAL C 321 10.28 -23.75 8.73
N PHE C 322 9.65 -22.75 9.35
CA PHE C 322 9.05 -21.65 8.62
C PHE C 322 9.08 -20.40 9.49
N GLY C 323 9.00 -19.26 8.84
CA GLY C 323 8.95 -18.00 9.56
C GLY C 323 9.47 -16.87 8.71
N THR C 324 9.43 -15.68 9.31
CA THR C 324 9.81 -14.44 8.65
C THR C 324 10.65 -13.60 9.58
N GLY C 325 11.49 -12.76 8.99
CA GLY C 325 12.33 -11.84 9.72
C GLY C 325 12.02 -10.40 9.41
N GLY C 326 11.70 -9.61 10.44
CA GLY C 326 11.28 -8.24 10.28
C GLY C 326 12.37 -7.26 10.72
N LYS C 327 12.64 -6.29 9.84
CA LYS C 327 13.58 -5.21 10.12
C LYS C 327 12.98 -3.90 9.59
N PHE C 328 13.23 -2.81 10.32
CA PHE C 328 12.69 -1.50 9.94
C PHE C 328 13.15 -1.12 8.54
N ASP C 329 12.22 -0.67 7.71
CA ASP C 329 12.51 -0.19 6.37
C ASP C 329 11.77 1.13 6.13
N ILE C 330 12.49 2.13 5.61
CA ILE C 330 11.92 3.46 5.45
C ILE C 330 10.83 3.45 4.37
N ILE C 331 11.10 2.78 3.25
CA ILE C 331 10.14 2.76 2.15
C ILE C 331 8.81 2.17 2.59
N GLN C 332 8.85 1.09 3.38
CA GLN C 332 7.62 0.48 3.86
C GLN C 332 6.82 1.46 4.71
N LEU C 333 7.49 2.16 5.61
CA LEU C 333 6.82 3.14 6.46
C LEU C 333 6.21 4.27 5.64
N VAL C 334 6.95 4.77 4.65
CA VAL C 334 6.46 5.86 3.82
C VAL C 334 5.23 5.42 3.04
N VAL C 335 5.28 4.22 2.47
CA VAL C 335 4.14 3.69 1.71
C VAL C 335 2.93 3.53 2.61
N TYR C 336 3.12 3.02 3.83
CA TYR C 336 1.98 2.84 4.73
C TYR C 336 1.38 4.19 5.14
N ILE C 337 2.22 5.14 5.51
CA ILE C 337 1.72 6.46 5.92
C ILE C 337 0.95 7.10 4.77
N GLY C 338 1.50 7.01 3.57
CA GLY C 338 0.79 7.56 2.42
C GLY C 338 -0.53 6.87 2.15
N SER C 339 -0.56 5.54 2.32
CA SER C 339 -1.80 4.79 2.16
C SER C 339 -2.84 5.21 3.17
N THR C 340 -2.42 5.72 4.32
CA THR C 340 -3.35 6.06 5.37
C THR C 340 -3.67 7.55 5.46
N LEU C 341 -2.93 8.40 4.74
CA LEU C 341 -3.10 9.85 4.90
C LEU C 341 -4.51 10.30 4.55
N SER C 342 -5.10 9.75 3.48
CA SER C 342 -6.41 10.22 3.04
C SER C 342 -7.50 9.98 4.07
N TYR C 343 -7.30 9.07 5.02
CA TYR C 343 -8.33 8.79 6.02
C TYR C 343 -8.53 9.95 6.98
N PHE C 344 -7.64 10.94 6.97
CA PHE C 344 -7.77 12.11 7.83
C PHE C 344 -8.70 13.17 7.25
N GLY C 345 -9.23 12.96 6.05
CA GLY C 345 -10.32 13.75 5.49
C GLY C 345 -11.70 13.33 5.93
N LEU C 346 -11.78 12.33 6.81
CA LEU C 346 -13.07 11.81 7.25
C LEU C 346 -13.87 12.86 7.99
N ALA C 347 -13.22 13.62 8.87
CA ALA C 347 -13.92 14.65 9.63
C ALA C 347 -14.52 15.69 8.69
N THR C 348 -13.74 16.13 7.71
CA THR C 348 -14.24 17.10 6.75
C THR C 348 -15.42 16.53 5.97
N VAL C 349 -15.29 15.29 5.49
CA VAL C 349 -16.38 14.69 4.72
C VAL C 349 -17.66 14.65 5.56
N CYS C 350 -17.55 14.19 6.81
CA CYS C 350 -18.73 13.99 7.64
C CYS C 350 -19.38 15.32 8.01
N ILE C 351 -18.58 16.30 8.46
CA ILE C 351 -19.15 17.57 8.86
C ILE C 351 -19.74 18.32 7.67
N ASP C 352 -19.07 18.25 6.50
CA ASP C 352 -19.63 18.89 5.32
C ASP C 352 -20.92 18.22 4.88
N LEU C 353 -21.01 16.89 5.02
CA LEU C 353 -22.25 16.21 4.74
C LEU C 353 -23.36 16.67 5.67
N ILE C 354 -23.04 16.84 6.96
CA ILE C 354 -24.03 17.33 7.91
C ILE C 354 -24.50 18.72 7.51
N ILE C 355 -23.57 19.60 7.16
CA ILE C 355 -23.92 20.97 6.76
C ILE C 355 -24.83 20.94 5.54
N ASN C 356 -24.47 20.16 4.52
CA ASN C 356 -25.26 20.11 3.31
C ASN C 356 -26.66 19.55 3.57
N THR C 357 -26.74 18.49 4.37
CA THR C 357 -28.04 17.85 4.61
C THR C 357 -28.97 18.74 5.41
N TYR C 358 -28.46 19.34 6.49
CA TYR C 358 -29.32 20.12 7.36
C TYR C 358 -29.63 21.51 6.81
N ALA C 359 -29.03 21.88 5.67
CA ALA C 359 -29.34 23.14 5.03
C ALA C 359 -30.58 23.00 4.16
N SER C 360 -30.91 21.76 3.80
CA SER C 360 -32.09 21.47 2.99
C SER C 360 -33.39 22.09 3.64
N THR C 361 -34.44 22.27 2.84
CA THR C 361 -35.69 22.84 3.31
C THR C 361 -36.60 21.75 3.86
N CYS C 362 -36.46 20.55 3.30
CA CYS C 362 -37.21 19.41 3.74
C CYS C 362 -37.28 19.18 5.25
N CYS C 363 -36.27 19.70 5.95
CA CYS C 363 -36.19 19.56 7.37
C CYS C 363 -37.07 20.52 8.17
N ARG C 364 -37.01 21.78 7.77
CA ARG C 364 -37.75 22.85 8.45
C ARG C 364 -39.25 22.60 8.38
N SER C 365 -39.69 21.92 7.33
CA SER C 365 -41.11 21.71 7.07
C SER C 365 -41.61 20.34 7.48
N ARG C 366 -40.79 19.30 7.36
CA ARG C 366 -41.23 17.93 7.60
C ARG C 366 -40.56 17.31 8.82
N VAL C 367 -39.23 17.27 8.86
CA VAL C 367 -38.54 16.62 9.96
C VAL C 367 -38.75 17.39 11.26
N TYR C 368 -38.56 18.72 11.21
CA TYR C 368 -38.56 19.51 12.44
C TYR C 368 -39.89 19.43 13.19
N PRO C 369 -41.05 19.63 12.55
CA PRO C 369 -42.31 19.50 13.30
C PRO C 369 -42.46 18.13 13.95
N SER C 370 -42.06 17.07 13.25
CA SER C 370 -42.15 15.72 13.82
C SER C 370 -41.21 15.57 15.00
N CYS C 371 -40.01 16.12 14.92
CA CYS C 371 -38.99 15.98 15.96
C CYS C 371 -38.38 17.35 16.22
N LYS C 372 -38.61 17.88 17.42
CA LYS C 372 -38.05 19.17 17.82
C LYS C 372 -36.66 19.05 18.41
N CYS C 373 -36.09 17.86 18.45
CA CYS C 373 -34.75 17.67 18.98
C CYS C 373 -33.69 18.15 17.99
N CYS C 374 -33.93 17.89 16.71
CA CYS C 374 -33.00 18.24 15.67
C CYS C 374 -33.31 19.55 14.96
N GLU C 375 -33.94 20.44 15.71
CA GLU C 375 -34.33 21.75 15.21
C GLU C 375 -33.20 22.79 15.38
N PRO C 376 -32.43 22.70 16.47
CA PRO C 376 -31.29 23.61 16.63
C PRO C 376 -30.23 23.45 15.53
N CYS C 377 -30.35 22.41 14.71
CA CYS C 377 -29.45 22.19 13.61
C CYS C 377 -29.84 22.96 12.35
N ALA C 378 -30.65 23.97 12.56
CA ALA C 378 -31.08 24.86 11.49
C ALA C 378 -30.00 25.88 11.19
N VAL C 379 -28.98 25.93 12.06
CA VAL C 379 -27.84 26.82 11.85
C VAL C 379 -27.00 26.42 10.66
N ASN C 380 -27.24 25.25 10.09
CA ASN C 380 -26.48 24.82 8.92
C ASN C 380 -26.91 25.53 7.66
N GLU C 381 -28.08 26.17 7.66
CA GLU C 381 -28.44 27.04 6.55
C GLU C 381 -27.49 28.21 6.44
N TYR C 382 -27.15 28.83 7.58
CA TYR C 382 -26.18 29.92 7.59
C TYR C 382 -24.81 29.44 7.14
N TYR C 383 -24.38 28.28 7.62
CA TYR C 383 -23.09 27.72 7.21
C TYR C 383 -23.07 27.43 5.73
N TYR C 384 -24.14 26.86 5.19
CA TYR C 384 -24.21 26.57 3.76
C TYR C 384 -24.18 27.84 2.93
N ARG C 385 -24.90 28.88 3.36
CA ARG C 385 -24.86 30.14 2.64
C ARG C 385 -23.45 30.72 2.66
N LYS C 386 -22.74 30.56 3.77
CA LYS C 386 -21.38 31.07 3.88
C LYS C 386 -20.37 30.21 3.12
N LYS C 387 -20.71 28.95 2.83
CA LYS C 387 -19.78 28.00 2.23
C LYS C 387 -19.91 27.90 0.72
N CYS C 388 -21.13 27.83 0.20
CA CYS C 388 -21.37 27.54 -1.19
C CYS C 388 -22.01 28.71 -1.91
N GLU C 389 -21.47 29.05 -3.08
CA GLU C 389 -22.05 30.03 -3.99
C GLU C 389 -22.57 29.31 -5.23
N PRO C 390 -23.88 29.14 -5.39
CA PRO C 390 -24.41 28.49 -6.60
C PRO C 390 -24.42 29.45 -7.78
N ILE C 391 -23.91 28.98 -8.92
CA ILE C 391 -23.93 29.73 -10.17
C ILE C 391 -24.43 28.83 -11.28
N VAL C 392 -24.87 29.45 -12.37
CA VAL C 392 -25.43 28.71 -13.50
C VAL C 392 -24.50 28.87 -14.71
N GLU C 393 -24.55 27.88 -15.59
CA GLU C 393 -23.80 27.95 -16.84
C GLU C 393 -24.39 29.03 -17.73
N PRO C 394 -23.60 30.01 -18.17
CA PRO C 394 -24.14 31.05 -19.08
C PRO C 394 -24.27 30.53 -20.50
N LYS C 395 -25.50 30.27 -20.90
CA LYS C 395 -25.82 29.77 -22.23
C LYS C 395 -26.82 30.69 -22.89
N PRO C 396 -26.89 30.69 -24.23
CA PRO C 396 -27.74 31.67 -24.92
C PRO C 396 -29.19 31.65 -24.47
N THR C 397 -29.73 30.49 -24.13
CA THR C 397 -31.12 30.39 -23.72
C THR C 397 -31.37 30.87 -22.29
N LEU C 398 -30.32 31.16 -21.53
CA LEU C 398 -30.51 31.56 -20.14
C LEU C 398 -31.15 32.94 -20.08
N LYS C 399 -32.25 33.04 -19.34
CA LYS C 399 -32.99 34.29 -19.18
C LYS C 399 -33.53 34.36 -17.76
N TYR C 400 -33.57 35.57 -17.21
CA TYR C 400 -34.15 35.84 -15.91
C TYR C 400 -35.24 36.88 -16.06
N VAL C 401 -36.39 36.64 -15.43
CA VAL C 401 -37.51 37.56 -15.45
C VAL C 401 -37.99 37.76 -14.02
N SER C 402 -38.39 38.98 -13.70
CA SER C 402 -38.95 39.31 -12.40
C SER C 402 -40.29 40.02 -12.61
N PHE C 403 -41.26 39.66 -11.79
CA PHE C 403 -42.58 40.29 -11.81
C PHE C 403 -42.77 41.05 -10.51
N VAL C 404 -43.24 42.29 -10.62
CA VAL C 404 -43.42 43.13 -9.44
C VAL C 404 -44.42 42.52 -8.49
N ASP C 405 -45.34 41.70 -9.01
CA ASP C 405 -46.29 40.99 -8.15
C ASP C 405 -45.57 39.98 -7.26
N GLU C 406 -44.75 39.12 -7.85
CA GLU C 406 -44.12 38.04 -7.13
C GLU C 406 -42.92 38.53 -6.33
N PRO C 407 -42.54 37.81 -5.28
CA PRO C 407 -41.36 38.19 -4.49
C PRO C 407 -40.07 37.51 -4.91
N HIS C 408 -40.11 36.61 -5.89
CA HIS C 408 -38.96 35.80 -6.29
C HIS C 408 -38.60 36.10 -7.74
N ILE C 409 -37.57 35.41 -8.21
CA ILE C 409 -37.08 35.53 -9.58
C ILE C 409 -37.39 34.24 -10.32
N TRP C 410 -37.59 34.36 -11.62
CA TRP C 410 -37.84 33.22 -12.49
C TRP C 410 -36.69 33.06 -13.48
N MET C 411 -36.21 31.83 -13.62
CA MET C 411 -35.18 31.48 -14.58
C MET C 411 -35.79 30.65 -15.69
N VAL C 412 -35.54 31.06 -16.93
CA VAL C 412 -36.10 30.38 -18.10
C VAL C 412 -34.92 30.02 -18.99
N ASP C 413 -34.39 28.81 -18.79
CA ASP C 413 -33.27 28.31 -19.58
C ASP C 413 -33.77 27.41 -20.71
N GLN C 414 -34.62 27.98 -21.55
CA GLN C 414 -35.20 27.23 -22.66
C GLN C 414 -35.45 28.17 -23.83
N GLN C 415 -35.55 27.57 -25.01
CA GLN C 415 -35.82 28.34 -26.22
C GLN C 415 -37.26 28.82 -26.25
N LEU C 416 -37.48 29.92 -26.97
CA LEU C 416 -38.82 30.47 -27.19
C LEU C 416 -39.22 30.09 -28.62
N LEU C 417 -40.03 29.05 -28.73
CA LEU C 417 -40.49 28.57 -30.04
C LEU C 417 -41.74 29.31 -30.49
N GLY C 418 -41.65 30.65 -30.51
CA GLY C 418 -42.75 31.50 -30.86
C GLY C 418 -43.68 31.83 -29.71
N LYS C 419 -43.51 31.20 -28.55
CA LYS C 419 -44.35 31.47 -27.39
C LYS C 419 -43.78 32.65 -26.62
N SER C 420 -44.65 33.56 -26.21
CA SER C 420 -44.21 34.75 -25.51
C SER C 420 -43.56 34.38 -24.18
N LEU C 421 -42.49 35.10 -23.84
CA LEU C 421 -41.76 34.82 -22.62
C LEU C 421 -42.66 34.95 -21.39
N GLN C 422 -43.71 35.77 -21.48
CA GLN C 422 -44.65 35.88 -20.38
C GLN C 422 -45.31 34.54 -20.07
N ASP C 423 -45.72 33.81 -21.11
CA ASP C 423 -46.39 32.54 -20.92
C ASP C 423 -45.44 31.41 -20.55
N VAL C 424 -44.23 31.43 -21.12
CA VAL C 424 -43.27 30.36 -20.86
C VAL C 424 -42.97 30.28 -19.38
N LYS C 425 -42.98 29.08 -18.84
CA LYS C 425 -42.71 28.84 -17.43
C LYS C 425 -41.23 28.59 -17.22
N GLY C 426 -40.75 28.94 -16.02
CA GLY C 426 -39.35 28.72 -15.69
C GLY C 426 -39.16 28.20 -14.28
N GLN C 427 -37.90 28.18 -13.84
CA GLN C 427 -37.53 27.72 -12.51
C GLN C 427 -37.45 28.92 -11.57
N GLU C 428 -38.15 28.83 -10.45
CA GLU C 428 -38.15 29.89 -9.46
C GLU C 428 -36.83 29.88 -8.71
N VAL C 429 -36.20 31.05 -8.61
CA VAL C 429 -34.94 31.18 -7.88
C VAL C 429 -35.06 32.38 -6.93
N PRO C 430 -34.34 32.39 -5.82
CA PRO C 430 -34.51 33.46 -4.83
C PRO C 430 -33.75 34.72 -5.19
N ARG C 431 -34.18 35.82 -4.59
CA ARG C 431 -33.52 37.11 -4.75
C ARG C 431 -32.41 37.27 -3.69
N PRO C 432 -31.26 37.86 -4.05
CA PRO C 432 -30.20 38.04 -3.07
C PRO C 432 -30.51 39.02 -1.95
N GLN C 433 -29.53 39.23 -1.07
CA GLN C 433 -29.73 40.01 0.15
C GLN C 433 -29.77 41.52 -0.10
N THR C 434 -29.23 41.99 -1.23
CA THR C 434 -29.22 43.38 -1.68
C THR C 434 -28.12 44.22 -1.04
N ASP C 435 -27.29 43.66 -0.16
CA ASP C 435 -26.16 44.38 0.41
C ASP C 435 -26.63 45.66 1.13
N PHE C 436 -27.34 45.42 2.24
CA PHE C 436 -27.94 46.52 2.99
C PHE C 436 -26.91 47.60 3.33
N LEU C 437 -25.65 47.20 3.58
CA LEU C 437 -24.61 48.18 3.85
C LEU C 437 -24.47 49.15 2.68
N GLU C 438 -24.43 48.62 1.46
CA GLU C 438 -24.30 49.49 0.29
C GLU C 438 -25.52 50.39 0.14
N LEU C 439 -26.72 49.84 0.37
CA LEU C 439 -27.93 50.65 0.21
C LEU C 439 -27.97 51.81 1.20
N SER C 440 -27.59 51.55 2.45
CA SER C 440 -27.58 52.59 3.47
C SER C 440 -26.21 53.22 3.58
N SER C 473 -52.27 47.32 -26.88
CA SER C 473 -52.76 46.57 -25.74
C SER C 473 -52.54 45.07 -25.94
N PRO C 474 -51.28 44.62 -25.87
CA PRO C 474 -51.00 43.20 -26.06
C PRO C 474 -51.72 42.35 -25.02
N ASP C 475 -52.10 41.14 -25.45
CA ASP C 475 -52.88 40.26 -24.58
C ASP C 475 -52.06 39.83 -23.36
N TRP C 476 -50.78 39.49 -23.57
CA TRP C 476 -49.96 39.05 -22.45
C TRP C 476 -49.70 40.17 -21.46
N CYS C 477 -49.74 41.42 -21.90
CA CYS C 477 -49.53 42.54 -21.00
C CYS C 477 -50.65 42.63 -19.98
N GLN C 478 -50.27 42.95 -18.74
CA GLN C 478 -51.22 43.16 -17.65
C GLN C 478 -50.96 44.48 -16.95
N CYS C 479 -50.38 45.45 -17.67
CA CYS C 479 -50.09 46.75 -17.10
C CYS C 479 -50.54 47.93 -17.95
N GLY C 480 -50.88 47.71 -19.22
CA GLY C 480 -51.41 48.77 -20.06
C GLY C 480 -50.37 49.69 -20.67
N ASN C 481 -49.09 49.47 -20.40
CA ASN C 481 -48.03 50.33 -20.93
C ASN C 481 -47.10 49.61 -21.88
N CYS C 482 -47.17 48.29 -21.99
CA CYS C 482 -46.31 47.55 -22.89
C CYS C 482 -46.72 47.78 -24.34
N LEU C 483 -45.77 47.59 -25.24
CA LEU C 483 -45.94 47.81 -26.66
C LEU C 483 -45.45 46.61 -27.44
N PRO C 484 -45.94 46.41 -28.66
CA PRO C 484 -45.44 45.30 -29.48
C PRO C 484 -43.96 45.44 -29.76
N SER C 485 -43.29 44.30 -29.89
CA SER C 485 -41.87 44.27 -30.14
C SER C 485 -41.57 44.55 -31.61
N GLN C 486 -40.53 45.36 -31.84
CA GLN C 486 -40.09 45.73 -33.18
C GLN C 486 -39.05 44.77 -33.74
N LEU C 487 -38.73 43.70 -33.03
CA LEU C 487 -37.74 42.74 -33.50
C LEU C 487 -38.34 41.85 -34.58
N PRO C 488 -37.49 41.16 -35.35
CA PRO C 488 -38.00 40.19 -36.32
C PRO C 488 -38.79 39.09 -35.61
N GLU C 489 -39.76 38.52 -36.34
CA GLU C 489 -40.64 37.54 -35.74
C GLU C 489 -39.89 36.32 -35.23
N ASN C 490 -38.67 36.06 -35.73
CA ASN C 490 -37.93 34.90 -35.27
C ASN C 490 -37.58 35.01 -33.79
N ARG C 491 -37.17 36.20 -33.34
CA ARG C 491 -36.72 36.42 -31.98
C ARG C 491 -37.59 37.45 -31.25
N ARG C 492 -38.85 37.55 -31.66
CA ARG C 492 -39.75 38.54 -31.08
C ARG C 492 -40.27 38.15 -29.70
N ALA C 493 -40.38 36.85 -29.43
CA ALA C 493 -40.97 36.39 -28.18
C ALA C 493 -40.16 36.82 -26.96
N LEU C 494 -38.86 37.07 -27.13
CA LEU C 494 -38.03 37.45 -25.99
C LEU C 494 -38.51 38.76 -25.38
N GLU C 495 -38.88 39.72 -26.21
CA GLU C 495 -39.34 41.02 -25.75
C GLU C 495 -40.82 41.04 -25.37
N GLU C 496 -41.54 39.95 -25.61
CA GLU C 496 -42.99 39.84 -25.28
C GLU C 496 -43.08 39.54 -23.78
N LEU C 497 -42.76 40.53 -22.93
CA LEU C 497 -42.70 40.37 -21.48
C LEU C 497 -43.29 41.59 -20.81
N CYS C 498 -44.04 41.36 -19.74
CA CYS C 498 -44.66 42.42 -18.96
C CYS C 498 -44.07 42.44 -17.56
N CYS C 499 -44.22 43.59 -16.90
CA CYS C 499 -43.72 43.76 -15.53
C CYS C 499 -44.43 42.88 -14.53
N ARG C 500 -45.58 42.29 -14.88
CA ARG C 500 -46.36 41.53 -13.92
C ARG C 500 -47.11 40.42 -14.64
N ARG C 501 -47.50 39.41 -13.86
CA ARG C 501 -48.27 38.29 -14.37
C ARG C 501 -49.77 38.48 -14.24
N LYS C 502 -50.22 39.47 -13.50
CA LYS C 502 -51.63 39.75 -13.27
C LYS C 502 -51.88 41.23 -13.49
N PRO C 503 -53.13 41.61 -13.76
CA PRO C 503 -53.41 43.03 -14.00
C PRO C 503 -53.10 43.88 -12.78
N GLY C 504 -52.61 45.07 -13.02
CA GLY C 504 -52.27 45.97 -11.94
C GLY C 504 -51.48 47.15 -12.46
N GLN C 505 -51.03 47.97 -11.51
CA GLN C 505 -50.26 49.16 -11.85
C GLN C 505 -48.88 48.78 -12.35
N CYS C 506 -48.41 49.50 -13.37
CA CYS C 506 -47.09 49.25 -13.91
C CYS C 506 -46.01 49.70 -12.95
N ILE C 507 -44.88 48.98 -12.97
CA ILE C 507 -43.74 49.34 -12.12
C ILE C 507 -43.22 50.73 -12.47
N THR C 508 -43.41 51.17 -13.71
CA THR C 508 -42.94 52.49 -14.11
C THR C 508 -43.57 53.62 -13.30
N THR C 509 -44.74 53.37 -12.70
CA THR C 509 -45.41 54.44 -11.97
C THR C 509 -44.66 54.80 -10.69
N SER C 510 -43.89 53.86 -10.15
CA SER C 510 -43.14 54.13 -8.93
C SER C 510 -42.12 55.24 -9.16
N GLU C 511 -41.93 56.06 -8.13
CA GLU C 511 -40.93 57.13 -8.22
C GLU C 511 -39.52 56.56 -8.27
N LEU C 512 -39.31 55.38 -7.69
CA LEU C 512 -38.00 54.76 -7.72
C LEU C 512 -37.58 54.45 -9.15
N PHE C 513 -38.53 54.09 -10.00
CA PHE C 513 -38.22 53.80 -11.39
C PHE C 513 -37.63 55.03 -12.09
N SER C 514 -38.26 56.18 -11.90
CA SER C 514 -37.76 57.41 -12.51
C SER C 514 -36.45 57.85 -11.88
N LYS C 515 -36.31 57.70 -10.57
CA LYS C 515 -35.07 58.09 -9.90
C LYS C 515 -33.89 57.25 -10.35
N ILE C 516 -34.08 55.95 -10.51
CA ILE C 516 -32.99 55.04 -10.84
C ILE C 516 -32.76 54.97 -12.34
N VAL C 517 -33.82 54.76 -13.10
CA VAL C 517 -33.69 54.38 -14.51
C VAL C 517 -33.76 55.60 -15.41
N LEU C 518 -34.72 56.50 -15.18
CA LEU C 518 -34.96 57.61 -16.09
C LEU C 518 -34.21 58.88 -15.72
N SER C 519 -33.58 58.93 -14.54
CA SER C 519 -32.90 60.13 -14.11
C SER C 519 -31.62 60.31 -14.91
N ARG C 520 -31.62 61.32 -15.79
CA ARG C 520 -30.44 61.56 -16.63
C ARG C 520 -29.24 61.94 -15.77
N GLU C 521 -29.46 62.68 -14.69
CA GLU C 521 -28.36 63.06 -13.82
C GLU C 521 -27.68 61.85 -13.19
N ALA C 522 -28.48 60.89 -12.71
CA ALA C 522 -27.91 59.70 -12.09
C ALA C 522 -27.08 58.89 -13.09
N LEU C 523 -27.63 58.68 -14.28
CA LEU C 523 -26.91 57.92 -15.30
C LEU C 523 -25.64 58.64 -15.71
N GLN C 524 -25.70 59.97 -15.85
CA GLN C 524 -24.50 60.73 -16.18
C GLN C 524 -23.46 60.60 -15.08
N LEU C 525 -23.89 60.62 -13.81
CA LEU C 525 -22.94 60.47 -12.71
C LEU C 525 -22.28 59.10 -12.73
N LEU C 526 -23.06 58.04 -12.99
CA LEU C 526 -22.47 56.71 -13.09
C LEU C 526 -21.46 56.65 -14.23
N LEU C 527 -21.82 57.19 -15.40
CA LEU C 527 -20.92 57.16 -16.53
C LEU C 527 -19.63 57.92 -16.23
N LEU C 528 -19.75 59.08 -15.59
CA LEU C 528 -18.56 59.86 -15.24
C LEU C 528 -17.71 59.12 -14.22
N TYR C 529 -18.34 58.40 -13.28
CA TYR C 529 -17.58 57.55 -12.38
C TYR C 529 -16.78 56.53 -13.17
N GLN C 530 -17.38 55.94 -14.21
CA GLN C 530 -16.63 55.01 -15.06
C GLN C 530 -15.68 55.76 -15.98
N GLU C 531 -16.11 56.88 -16.54
CA GLU C 531 -15.31 57.67 -17.48
C GLU C 531 -15.26 59.12 -17.00
N PRO C 532 -14.24 59.49 -16.23
CA PRO C 532 -14.25 60.83 -15.62
C PRO C 532 -14.33 61.96 -16.63
N LEU C 533 -13.73 61.82 -17.81
CA LEU C 533 -13.68 62.87 -18.81
C LEU C 533 -14.55 62.55 -20.01
N LEU C 534 -15.70 61.92 -19.77
CA LEU C 534 -16.62 61.60 -20.84
C LEU C 534 -17.28 62.86 -21.38
N ALA C 535 -17.57 62.86 -22.68
CA ALA C 535 -18.17 63.99 -23.35
C ALA C 535 -19.68 63.77 -23.47
N LEU C 536 -20.46 64.68 -22.89
CA LEU C 536 -21.92 64.60 -22.91
C LEU C 536 -22.46 65.27 -24.17
N GLU C 537 -22.15 64.65 -25.31
CA GLU C 537 -22.63 65.15 -26.59
C GLU C 537 -22.59 64.00 -27.60
N GLY C 538 -23.30 64.19 -28.70
CA GLY C 538 -23.37 63.21 -29.75
C GLY C 538 -24.46 62.18 -29.52
N GLU C 539 -24.66 61.33 -30.53
CA GLU C 539 -25.66 60.28 -30.43
C GLU C 539 -25.17 59.09 -29.64
N ALA C 540 -23.87 58.99 -29.37
CA ALA C 540 -23.34 57.89 -28.58
C ALA C 540 -23.74 58.01 -27.11
N ILE C 541 -23.88 59.24 -26.62
CA ILE C 541 -24.24 59.44 -25.21
C ILE C 541 -25.62 58.88 -24.94
N ASN C 542 -26.54 59.03 -25.89
CA ASN C 542 -27.87 58.46 -25.71
C ASN C 542 -27.81 56.94 -25.60
N SER C 543 -26.99 56.30 -26.44
CA SER C 543 -26.83 54.86 -26.36
C SER C 543 -26.24 54.44 -25.02
N LYS C 544 -25.22 55.17 -24.55
CA LYS C 544 -24.63 54.85 -23.26
C LYS C 544 -25.65 55.00 -22.13
N LEU C 545 -26.44 56.07 -22.16
CA LEU C 545 -27.47 56.28 -21.15
C LEU C 545 -28.52 55.19 -21.19
N ARG C 546 -28.94 54.78 -22.39
CA ARG C 546 -29.93 53.72 -22.51
C ARG C 546 -29.40 52.41 -21.92
N HIS C 547 -28.15 52.07 -22.26
CA HIS C 547 -27.56 50.86 -21.73
C HIS C 547 -27.42 50.92 -20.21
N CYS C 548 -27.01 52.07 -19.70
CA CYS C 548 -26.89 52.24 -18.25
C CYS C 548 -28.24 52.10 -17.57
N ALA C 549 -29.30 52.64 -18.18
CA ALA C 549 -30.64 52.51 -17.61
C ALA C 549 -31.08 51.05 -17.60
N TYR C 550 -30.83 50.33 -18.68
CA TYR C 550 -31.11 48.89 -18.69
C TYR C 550 -30.38 48.19 -17.55
N ARG C 551 -29.09 48.48 -17.41
CA ARG C 551 -28.30 47.81 -16.36
C ARG C 551 -28.78 48.20 -14.98
N SER C 552 -29.24 49.44 -14.81
CA SER C 552 -29.72 49.88 -13.51
C SER C 552 -31.02 49.17 -13.14
N TYR C 553 -31.95 49.06 -14.08
CA TYR C 553 -33.15 48.29 -13.82
C TYR C 553 -32.81 46.85 -13.49
N ALA C 554 -31.90 46.26 -14.27
CA ALA C 554 -31.54 44.86 -14.07
C ALA C 554 -30.91 44.64 -12.69
N THR C 555 -30.01 45.49 -12.27
CA THR C 555 -29.40 45.38 -10.95
C THR C 555 -30.40 45.62 -9.84
N TRP C 556 -31.30 46.58 -10.04
CA TRP C 556 -32.31 46.88 -9.02
C TRP C 556 -33.24 45.71 -8.80
N ARG C 557 -33.73 45.09 -9.87
CA ARG C 557 -34.73 44.04 -9.76
C ARG C 557 -34.13 42.65 -9.62
N PHE C 558 -32.81 42.49 -9.81
CA PHE C 558 -32.17 41.19 -9.70
C PHE C 558 -30.95 41.19 -8.79
N VAL C 559 -30.44 42.34 -8.40
CA VAL C 559 -29.38 42.44 -7.40
C VAL C 559 -28.08 41.86 -7.93
N SER C 560 -28.03 40.53 -8.04
CA SER C 560 -26.81 39.86 -8.47
C SER C 560 -26.50 40.21 -9.92
N GLN C 561 -25.23 40.51 -10.17
CA GLN C 561 -24.78 40.74 -11.55
C GLN C 561 -24.91 39.48 -12.38
N ASP C 562 -24.86 38.32 -11.75
CA ASP C 562 -25.02 37.06 -12.47
C ASP C 562 -26.40 36.98 -13.12
N MET C 563 -27.45 37.29 -12.36
CA MET C 563 -28.79 37.30 -12.90
C MET C 563 -29.06 38.54 -13.74
N ALA C 564 -28.53 39.68 -13.31
CA ALA C 564 -28.77 40.91 -14.05
C ALA C 564 -28.18 40.86 -15.45
N ASP C 565 -27.10 40.11 -15.63
CA ASP C 565 -26.47 40.02 -16.94
C ASP C 565 -27.37 39.28 -17.93
N PHE C 566 -28.15 38.32 -17.44
CA PHE C 566 -29.07 37.56 -18.27
C PHE C 566 -30.52 37.91 -17.99
N ALA C 567 -30.78 39.01 -17.30
CA ALA C 567 -32.13 39.45 -17.04
C ALA C 567 -32.77 39.98 -18.32
N ILE C 568 -34.09 39.95 -18.36
CA ILE C 568 -34.86 40.41 -19.51
C ILE C 568 -35.78 41.52 -19.04
N LEU C 569 -35.68 42.66 -19.68
CA LEU C 569 -36.47 43.82 -19.29
C LEU C 569 -37.90 43.70 -19.81
N PRO C 570 -38.89 44.13 -19.04
CA PRO C 570 -40.25 44.20 -19.55
C PRO C 570 -40.36 45.23 -20.67
N SER C 571 -41.37 45.02 -21.52
CA SER C 571 -41.57 45.90 -22.67
C SER C 571 -41.84 47.33 -22.22
N CYS C 572 -42.68 47.50 -21.20
CA CYS C 572 -43.03 48.84 -20.74
C CYS C 572 -41.79 49.62 -20.31
N CYS C 573 -40.97 49.04 -19.43
CA CYS C 573 -39.78 49.72 -18.96
C CYS C 573 -38.80 49.96 -20.11
N ARG C 574 -38.65 48.96 -20.97
CA ARG C 574 -37.77 49.10 -22.13
C ARG C 574 -38.15 50.29 -22.99
N TRP C 575 -39.44 50.41 -23.32
CA TRP C 575 -39.88 51.47 -24.23
C TRP C 575 -39.91 52.82 -23.54
N LYS C 576 -40.18 52.87 -22.23
CA LYS C 576 -40.03 54.13 -21.51
C LYS C 576 -38.58 54.60 -21.54
N ILE C 577 -37.63 53.70 -21.31
CA ILE C 577 -36.23 54.05 -21.38
C ILE C 577 -35.88 54.55 -22.77
N ARG C 578 -36.34 53.83 -23.80
CA ARG C 578 -36.02 54.22 -25.17
C ARG C 578 -36.63 55.57 -25.52
N LYS C 579 -37.84 55.84 -25.04
CA LYS C 579 -38.43 57.16 -25.24
C LYS C 579 -37.59 58.24 -24.59
N GLU C 580 -37.12 58.00 -23.37
CA GLU C 580 -36.28 58.99 -22.70
C GLU C 580 -34.97 59.20 -23.45
N PHE C 581 -34.38 58.13 -23.97
CA PHE C 581 -33.09 58.17 -24.66
C PHE C 581 -33.24 57.45 -26.00
N PRO C 582 -33.91 58.07 -26.97
CA PRO C 582 -34.20 57.37 -28.22
C PRO C 582 -33.05 57.41 -29.22
N LYS C 583 -33.02 56.40 -30.07
CA LYS C 583 -32.03 56.30 -31.13
C LYS C 583 -32.50 57.12 -32.33
N THR C 584 -31.70 58.10 -32.74
CA THR C 584 -32.11 58.99 -33.81
C THR C 584 -32.30 58.23 -35.12
N GLN C 585 -31.35 57.36 -35.47
CA GLN C 585 -31.44 56.57 -36.69
C GLN C 585 -30.89 55.19 -36.44
N GLY C 586 -31.66 54.17 -36.81
CA GLY C 586 -31.27 52.79 -36.65
C GLY C 586 -32.37 51.98 -35.97
N GLN C 587 -32.05 50.72 -35.73
CA GLN C 587 -32.98 49.76 -35.13
C GLN C 587 -32.38 49.22 -33.84
N TYR C 588 -33.23 49.08 -32.83
CA TYR C 588 -32.80 48.57 -31.54
C TYR C 588 -32.44 47.09 -31.64
N SER C 589 -31.27 46.73 -31.10
CA SER C 589 -30.80 45.35 -31.16
C SER C 589 -31.40 44.49 -30.06
N GLY C 590 -31.74 45.09 -28.92
CA GLY C 590 -32.28 44.32 -27.81
C GLY C 590 -31.21 43.53 -27.08
N PHE C 591 -31.67 42.56 -26.31
CA PHE C 591 -30.76 41.75 -25.50
C PHE C 591 -29.77 40.99 -26.37
N LYS C 592 -28.49 41.07 -25.99
CA LYS C 592 -27.42 40.34 -26.65
C LYS C 592 -26.80 39.36 -25.67
N TYR C 593 -26.45 38.18 -26.15
CA TYR C 593 -25.81 37.16 -25.32
C TYR C 593 -24.41 37.62 -24.92
N PRO C 594 -24.10 37.74 -23.62
CA PRO C 594 -22.78 38.26 -23.25
C PRO C 594 -21.61 37.37 -23.61
N TYR C 595 -21.82 36.06 -23.70
CA TYR C 595 -20.72 35.12 -23.94
C TYR C 595 -20.79 34.54 -25.33
C10 KEI D . 29.75 -45.41 2.37
C13 KEI D . 28.35 -45.20 1.81
C15 KEI D . 27.61 -44.73 3.93
C20 KEI D . 28.33 -42.91 2.46
C22 KEI D . 30.51 -44.09 2.30
C24 KEI D . 38.00 -48.16 0.02
C28 KEI D . 41.32 -51.31 -0.07
C01 KEI D . 36.70 -48.05 2.92
C02 KEI D . 35.95 -47.55 3.98
C03 KEI D . 34.57 -47.42 3.87
C04 KEI D . 33.94 -47.77 2.70
C05 KEI D . 34.69 -48.26 1.64
C06 KEI D . 36.06 -48.40 1.75
C07 KEI D . 32.44 -47.66 2.50
C09 KEI D . 30.45 -46.46 1.51
C12 KEI D . 29.64 -45.90 3.81
C14 KEI D . 27.70 -44.29 2.63
C16 KEI D . 28.85 -45.00 4.50
C18 KEI D . 29.73 -43.01 3.04
C19 KEI D . 29.53 -43.63 4.42
C23 KEI D . 36.81 -48.96 0.54
C25 KEI D . 39.30 -48.34 0.79
C27 KEI D . 40.35 -50.17 -0.35
C29 KEI D . 42.78 -50.87 0.07
N08 KEI D . 31.88 -46.55 1.74
N26 KEI D . 39.74 -49.72 0.88
O21 KEI D . 31.74 -48.51 2.93
O30 KEI D . 43.54 -51.55 -0.89
CL29 KEI D . 33.63 -46.76 5.25
H131 KEI D . 27.85 -45.43 1.06
H151 KEI D . 26.82 -45.04 4.30
H201 KEI D . 28.38 -42.67 1.53
H202 KEI D . 27.81 -42.25 2.94
H221 KEI D . 31.39 -44.19 2.69
H222 KEI D . 30.60 -43.83 1.38
H241 KEI D . 37.76 -47.23 0.02
H242 KEI D . 38.17 -48.42 -0.90
H282 KEI D . 41.25 -51.96 -0.79
H281 KEI D . 41.06 -51.75 0.76
H011 KEI D . 37.57 -48.33 3.07
H021 KEI D . 36.36 -47.40 4.79
H051 KEI D . 34.33 -48.20 0.80
H091 KEI D . 30.32 -46.22 0.59
H092 KEI D . 30.04 -47.31 1.67
H121 KEI D . 30.03 -46.36 4.51
H181 KEI D . 30.21 -42.17 3.08
H191 KEI D . 29.00 -43.01 4.95
H192 KEI D . 30.38 -43.72 4.84
H231 KEI D . 36.17 -49.02 -0.19
H232 KEI D . 37.09 -49.86 0.75
H252 KEI D . 39.19 -48.00 1.68
H251 KEI D . 40.01 -47.83 0.34
H271 KEI D . 40.83 -49.43 -0.76
H272 KEI D . 39.66 -50.48 -0.95
H291 KEI D . 43.10 -51.09 0.95
H292 KEI D . 42.84 -49.92 -0.07
H081 KEI D . 32.29 -46.49 0.97
H261 KEI D . 39.06 -50.26 1.07
H301 KEI D . 43.42 -51.20 -1.66
PB GDP E . -43.27 44.92 17.00
O1B GDP E . -44.46 45.83 16.95
O2B GDP E . -42.71 44.76 15.61
O3B GDP E . -43.70 43.56 17.50
O3A GDP E . -42.20 45.55 18.01
PA GDP E . -40.63 45.73 17.65
O1A GDP E . -40.37 47.15 17.25
O2A GDP E . -39.77 45.37 18.83
O5' GDP E . -40.38 44.73 16.41
C5' GDP E . -39.76 43.46 16.59
C4' GDP E . -38.81 43.15 15.44
O4' GDP E . -37.75 44.11 15.48
C3' GDP E . -38.21 41.77 15.58
O3' GDP E . -38.41 41.02 14.38
C2' GDP E . -36.74 41.97 15.84
O2' GDP E . -35.94 41.17 14.98
C1' GDP E . -36.49 43.46 15.61
N9 GDP E . -35.74 44.03 16.74
C8 GDP E . -36.29 44.65 17.80
N7 GDP E . -35.33 45.08 18.65
C5 GDP E . -34.14 44.72 18.14
C6 GDP E . -32.73 44.85 18.53
O6 GDP E . -32.39 45.42 19.59
N1 GDP E . -31.81 44.36 17.71
C2 GDP E . -32.12 43.74 16.56
N2 GDP E . -31.12 43.26 15.79
N3 GDP E . -33.39 43.57 16.13
C4 GDP E . -34.43 44.04 16.87
H5' GDP E . -39.20 43.45 17.53
H5'' GDP E . -40.51 42.68 16.65
H4' GDP E . -39.37 43.21 14.50
H3' GDP E . -38.67 41.26 16.44
HO3' GDP E . -38.11 40.11 14.52
H2' GDP E . -36.52 41.73 16.88
HO2' GDP E . -35.98 40.25 15.28
H1' GDP E . -35.91 43.57 14.68
H8 GDP E . -37.35 44.79 17.94
HN1 GDP E . -30.81 44.45 17.97
HN21 GDP E . -30.17 43.37 16.08
HN22 GDP E . -31.34 42.80 14.92
ZN ZN F . -27.95 56.90 24.62
ZN ZN G . -28.38 55.67 28.05
C1 NAG H . 45.63 -31.27 -3.39
C2 NAG H . 46.49 -32.03 -2.37
C3 NAG H . 47.88 -31.41 -2.28
C4 NAG H . 48.52 -31.34 -3.67
C5 NAG H . 47.60 -30.60 -4.62
C6 NAG H . 48.11 -30.61 -6.04
C7 NAG H . 45.78 -33.13 -0.30
C8 NAG H . 45.10 -32.95 1.03
N2 NAG H . 45.85 -32.03 -1.06
O3 NAG H . 48.69 -32.20 -1.42
O4 NAG H . 49.77 -30.67 -3.58
O5 NAG H . 46.31 -31.23 -4.65
O6 NAG H . 49.51 -30.36 -6.10
O7 NAG H . 46.22 -34.20 -0.66
H2 NAG H . 46.58 -32.95 -2.67
H3 NAG H . 47.82 -30.51 -1.92
H4 NAG H . 48.67 -32.25 -4.00
H5 NAG H . 47.49 -29.68 -4.33
H61 NAG H . 47.92 -31.47 -6.44
H62 NAG H . 47.65 -29.91 -6.55
H81 NAG H . 45.58 -32.28 1.55
H82 NAG H . 44.19 -32.66 0.89
H83 NAG H . 45.10 -33.79 1.51
HN2 NAG H . 45.50 -31.25 -0.74
HO3 NAG H . 48.51 -31.98 -0.57
HO4 NAG H . 50.43 -31.26 -3.58
HO6 NAG H . 49.81 -30.53 -6.92
C1 NAG I . 44.22 -26.77 9.31
C2 NAG I . 45.47 -25.93 9.58
C3 NAG I . 46.70 -26.82 9.58
C4 NAG I . 46.52 -27.98 10.55
C5 NAG I . 45.22 -28.72 10.26
C6 NAG I . 44.91 -29.79 11.27
C7 NAG I . 45.62 -23.57 8.91
C8 NAG I . 45.77 -22.63 7.75
N2 NAG I . 45.61 -24.87 8.58
O3 NAG I . 47.84 -26.04 9.96
O4 NAG I . 47.62 -28.88 10.45
O5 NAG I . 44.12 -27.80 10.28
O6 NAG I . 44.51 -31.00 10.64
O7 NAG I . 45.49 -23.18 10.05
H1 NAG I . 44.29 -27.16 8.42
H2 NAG I . 45.39 -25.53 10.46
H3 NAG I . 46.85 -27.17 8.68
H4 NAG I . 46.48 -27.62 11.46
H5 NAG I . 45.28 -29.13 9.37
H61 NAG I . 44.19 -29.47 11.85
H62 NAG I . 45.71 -29.95 11.80
H81 NAG I . 45.00 -22.70 7.17
H82 NAG I . 46.59 -22.86 7.26
H83 NAG I . 45.84 -21.72 8.10
HN2 NAG I . 45.70 -25.10 7.71
HO3 NAG I . 47.90 -26.03 10.85
HO4 NAG I . 48.16 -28.78 11.14
HO6 NAG I . 44.39 -31.64 11.26
C1 PLM J . -0.45 32.45 16.10
O1 PLM J . 0.73 32.27 15.86
C2 PLM J . -1.31 31.50 16.91
C3 PLM J . -1.03 30.03 16.50
C4 PLM J . -1.59 29.63 15.12
C5 PLM J . -0.89 28.41 14.47
C6 PLM J . -1.29 27.00 15.03
C7 PLM J . -0.52 25.79 14.44
C8 PLM J . -0.90 24.38 15.01
C9 PLM J . -0.26 23.16 14.28
CA PLM J . -0.54 21.75 14.91
H21 PLM J . -2.37 31.75 16.82
H22 PLM J . -1.07 31.66 17.98
H31 PLM J . -1.45 29.37 17.28
H32 PLM J . 0.06 29.87 16.54
H41 PLM J . -1.52 30.50 14.44
H42 PLM J . -2.67 29.43 15.22
H51 PLM J . 0.21 28.54 14.57
H52 PLM J . -1.07 28.44 13.37
H61 PLM J . -2.37 26.86 14.88
H62 PLM J . -1.16 27.01 16.13
H71 PLM J . 0.56 25.96 14.60
H72 PLM J . -0.66 25.80 13.34
H81 PLM J . -2.00 24.27 14.99
H82 PLM J . -0.62 24.35 16.07
H91 PLM J . 0.84 23.31 14.23
H92 PLM J . -0.60 23.16 13.23
HA1 PLM J . -1.59 21.71 15.25
HA2 PLM J . 0.06 21.64 15.84
C1 PLM K . 3.53 33.89 18.88
O2 PLM K . 4.32 34.17 19.78
C2 PLM K . 3.22 32.49 18.46
C3 PLM K . 4.46 31.68 18.12
C4 PLM K . 4.24 30.19 18.20
C5 PLM K . 3.57 29.66 16.95
C6 PLM K . 3.34 28.17 17.04
C7 PLM K . 2.73 27.63 15.76
H21 PLM K . 2.69 31.99 19.31
H22 PLM K . 2.52 32.49 17.58
H31 PLM K . 4.81 31.97 17.09
H32 PLM K . 5.27 31.98 18.83
H41 PLM K . 5.22 29.67 18.34
H42 PLM K . 3.60 29.95 19.09
H51 PLM K . 2.59 30.19 16.78
H52 PLM K . 4.21 29.89 16.06
H61 PLM K . 4.31 27.66 17.25
H62 PLM K . 2.65 27.96 17.89
C1 PLM L . 3.59 34.90 14.94
O2 PLM L . 2.97 34.02 15.52
C2 PLM L . 4.80 34.63 14.10
C3 PLM L . 5.97 34.24 14.96
C4 PLM L . 6.97 33.35 14.26
C5 PLM L . 6.54 31.90 14.27
C6 PLM L . 7.47 31.04 13.44
C7 PLM L . 6.78 29.83 12.87
C8 PLM L . 7.67 29.04 11.95
C9 PLM L . 6.90 27.97 11.21
CA PLM L . 7.83 27.03 10.45
H21 PLM L . 4.54 33.76 13.42
H22 PLM L . 5.05 35.51 13.46
H31 PLM L . 6.50 35.17 15.31
H32 PLM L . 5.60 33.71 15.87
H41 PLM L . 7.10 33.70 13.20
H42 PLM L . 7.98 33.44 14.75
H51 PLM L . 6.52 31.53 15.32
H52 PLM L . 5.49 31.83 13.87
H61 PLM L . 7.91 31.65 12.60
H62 PLM L . 8.34 30.72 14.07
H71 PLM L . 6.43 29.17 13.70
H72 PLM L . 5.85 30.15 12.31
H81 PLM L . 8.16 29.72 11.21
H82 PLM L . 8.49 28.56 12.54
H91 PLM L . 6.27 27.37 11.93
H92 PLM L . 6.19 28.44 10.47
C1 PLM M . 11.58 35.15 13.51
O2 PLM M . 10.40 35.17 13.86
C2 PLM M . 12.55 34.10 13.97
C3 PLM M . 12.05 32.70 13.67
C4 PLM M . 12.27 32.33 12.22
C5 PLM M . 11.57 31.04 11.88
C6 PLM M . 12.41 29.83 12.28
C7 PLM M . 11.55 28.61 12.50
C8 PLM M . 10.96 28.59 13.90
H21 PLM M . 13.52 34.28 13.43
H22 PLM M . 12.74 34.20 15.08
H31 PLM M . 12.56 31.97 14.34
H32 PLM M . 10.95 32.66 13.89
H41 PLM M . 11.88 33.15 11.55
H42 PLM M . 13.36 32.23 12.01
H51 PLM M . 10.58 30.99 12.40
H52 PLM M . 11.37 30.99 10.77
H61 PLM M . 13.16 29.62 11.46
H62 PLM M . 12.99 30.07 13.20
H71 PLM M . 10.73 28.57 11.74
H72 PLM M . 12.18 27.69 12.35
H81 PLM M . 10.16 27.80 13.97
H82 PLM M . 10.47 29.58 14.11
C1 PLM N . 7.85 34.41 6.78
O2 PLM N . 6.80 33.89 7.19
C2 PLM N . 8.81 33.71 5.86
C3 PLM N . 9.24 32.36 6.39
C4 PLM N . 9.31 31.32 5.29
C5 PLM N . 10.07 30.08 5.74
C6 PLM N . 10.10 29.04 4.65
C7 PLM N . 10.79 27.77 5.09
C8 PLM N . 9.89 26.87 5.91
C9 PLM N . 9.04 25.96 5.04
CA PLM N . 9.83 24.80 4.49
H21 PLM N . 8.29 33.57 4.87
H22 PLM N . 9.71 34.36 5.68
H31 PLM N . 10.23 32.46 6.89
H32 PLM N . 8.49 32.02 7.16
H41 PLM N . 8.28 31.03 4.98
H42 PLM N . 9.82 31.76 4.39
H51 PLM N . 11.12 30.37 6.02
H52 PLM N . 9.59 29.67 6.67
H61 PLM N . 9.06 28.80 4.32
H62 PLM N . 10.63 29.45 3.76
H71 PLM N . 11.15 27.20 4.19
H72 PLM N . 11.70 28.03 5.70
H81 PLM N . 10.50 26.25 6.61
H82 PLM N . 9.21 27.51 6.55
H91 PLM N . 8.17 25.57 5.64
H92 PLM N . 8.60 26.56 4.19
HA1 PLM N . 9.70 24.76 3.38
HA2 PLM N . 9.43 23.84 4.92
NA NA O . -4.22 9.42 -0.36
C10 KEI P . 18.72 -50.63 -5.78
C13 KEI P . 18.48 -49.83 -4.50
C15 KEI P . 20.15 -48.37 -5.17
C20 KEI P . 17.82 -47.90 -5.74
C22 KEI P . 17.79 -50.12 -6.86
C24 KEI P . 16.29 -58.27 -9.89
C28 KEI P . 17.11 -62.60 -11.13
C01 KEI P . 18.91 -56.51 -10.34
C02 KEI P . 19.70 -55.37 -10.49
C03 KEI P . 19.87 -54.50 -9.43
C04 KEI P . 19.24 -54.76 -8.22
C05 KEI P . 18.46 -55.90 -8.09
C06 KEI P . 18.30 -56.77 -9.14
C07 KEI P . 19.38 -53.85 -7.00
C09 KEI P . 18.42 -52.09 -5.47
C12 KEI P . 20.18 -50.48 -6.20
C14 KEI P . 18.83 -48.51 -4.78
C16 KEI P . 20.46 -49.13 -6.29
C18 KEI P . 18.01 -48.62 -7.07
C19 KEI P . 19.50 -48.53 -7.32
C23 KEI P . 17.43 -58.00 -8.90
C25 KEI P . 16.71 -58.94 -11.20
C27 KEI P . 16.51 -61.27 -10.72
C29 KEI P . 16.64 -63.09 -12.50
N08 KEI P . 18.32 -52.93 -6.66
N26 KEI P . 17.43 -60.19 -11.02
O21 KEI P . 20.34 -53.94 -6.33
O30 KEI P . 16.05 -64.35 -12.35
CL29 KEI P . 20.87 -53.03 -9.63
H131 KEI P . 18.12 -49.94 -3.66
H151 KEI P . 20.80 -48.03 -4.61
H201 KEI P . 16.91 -48.05 -5.42
H202 KEI P . 17.97 -46.95 -5.84
H221 KEI P . 17.96 -50.58 -7.70
H222 KEI P . 16.87 -50.26 -6.59
H241 KEI P . 15.86 -57.43 -10.09
H242 KEI P . 15.65 -58.85 -9.46
H282 KEI P . 16.90 -63.28 -10.48
H281 KEI P . 18.08 -62.52 -11.17
H011 KEI P . 18.99 -57.20 -10.97
H021 KEI P . 20.19 -55.25 -11.26
H051 KEI P . 17.82 -55.90 -7.41
H091 KEI P . 17.57 -52.13 -5.02
H092 KEI P . 19.09 -52.45 -4.89
H121 KEI P . 20.90 -50.84 -6.65
H181 KEI P . 17.48 -48.26 -7.79
H191 KEI P . 19.73 -47.60 -7.43
H192 KEI P . 19.69 -48.97 -8.16
H231 KEI P . 17.02 -57.90 -8.03
H232 KEI P . 18.01 -58.77 -8.86
H252 KEI P . 17.29 -58.32 -11.69
H251 KEI P . 15.92 -59.11 -11.74
H271 KEI P . 15.68 -61.13 -11.19
H272 KEI P . 16.35 -61.28 -9.76
H291 KEI P . 17.41 -63.17 -13.10
H292 KEI P . 16.01 -62.46 -12.88
H081 KEI P . 17.56 -53.38 -6.63
H261 KEI P . 18.02 -60.12 -10.37
H301 KEI P . 15.26 -64.26 -12.03
PB GDP Q . 0.22 64.27 6.90
O1B GDP Q . -0.03 65.64 7.48
O2B GDP Q . -0.97 63.39 7.22
O3B GDP Q . 1.44 63.68 7.54
O3A GDP Q . 0.45 64.42 5.32
PA GDP Q . -0.30 63.51 4.22
O1A GDP Q . -1.45 64.30 3.63
O2A GDP Q . 0.65 63.12 3.12
O5' GDP Q . -0.85 62.24 5.04
C5' GDP Q . -0.17 60.98 4.98
C4' GDP Q . -1.18 59.85 4.93
O4' GDP Q . -1.90 59.93 3.71
C3' GDP Q . -0.48 58.50 4.96
O3' GDP Q . -1.00 57.68 6.00
C2' GDP Q . -0.72 57.87 3.61
O2' GDP Q . -1.18 56.52 3.74
C1' GDP Q . -1.75 58.74 2.93
N9 GDP Q . -1.32 59.10 1.56
C8 GDP Q . -0.64 60.21 1.22
N7 GDP Q . -0.40 60.22 -0.11
C5 GDP Q . -0.91 59.11 -0.62
C6 GDP Q . -1.00 58.50 -1.98
O6 GDP Q . -0.52 59.05 -2.98
N1 GDP Q . -1.62 57.32 -2.08
C2 GDP Q . -2.16 56.70 -1.02
N2 GDP Q . -2.77 55.50 -1.22
N3 GDP Q . -2.11 57.19 0.23
C4 GDP Q . -1.52 58.37 0.48
H5' GDP Q . 0.46 60.95 4.09
H5'' GDP Q . 0.46 60.87 5.85
H4' GDP Q . -1.85 59.92 5.79
H3' GDP Q . 0.60 58.65 5.10
HO3' GDP Q . -0.48 56.87 6.07
H2' GDP Q . 0.21 57.89 3.03
HO2' GDP Q . -0.45 55.96 4.00
H1' GDP Q . -2.70 58.20 2.89
H8 GDP Q . -0.35 60.99 1.92
HN1 GDP Q . -1.70 56.89 -3.02
HN21 GDP Q . -2.81 55.12 -2.15
HN22 GDP Q . -3.18 55.01 -0.45
ZN ZN R . -3.54 66.58 -13.52
ZN ZN S . 0.02 66.98 -14.36
C1 NAG T . 2.79 -51.23 -20.98
C2 NAG T . 3.82 -51.97 -21.83
C3 NAG T . 3.23 -52.31 -23.19
C4 NAG T . 1.92 -53.07 -23.05
C5 NAG T . 0.96 -52.28 -22.17
C6 NAG T . -0.32 -53.03 -21.87
C7 NAG T . 6.26 -51.74 -21.84
C8 NAG T . 7.41 -50.79 -22.05
N2 NAG T . 5.04 -51.20 -21.98
O3 NAG T . 4.17 -53.11 -23.93
O4 NAG T . 1.33 -53.27 -24.33
O5 NAG T . 1.58 -52.00 -20.90
O6 NAG T . -0.81 -53.68 -23.02
O7 NAG T . 6.43 -52.92 -21.58
H2 NAG T . 4.03 -52.81 -21.38
H3 NAG T . 3.07 -51.49 -23.69
H4 NAG T . 2.09 -53.93 -22.64
H5 NAG T . 0.74 -51.44 -22.62
H61 NAG T . -0.14 -53.68 -21.18
H62 NAG T . -0.98 -52.40 -21.55
H81 NAG T . 7.36 -50.41 -22.94
H82 NAG T . 7.35 -50.08 -21.38
H83 NAG T . 8.24 -51.28 -21.93
HN2 NAG T . 4.97 -50.32 -22.19
HO3 NAG T . 4.78 -52.58 -24.30
HO4 NAG T . 1.49 -54.10 -24.60
HO6 NAG T . -1.46 -54.24 -22.79
C1 NAG U . 11.09 -43.07 -27.91
C2 NAG U . 10.57 -43.10 -29.34
C3 NAG U . 10.75 -44.49 -29.94
C4 NAG U . 12.20 -44.95 -29.81
C5 NAG U . 12.66 -44.83 -28.35
C6 NAG U . 14.13 -45.13 -28.17
C7 NAG U . 8.74 -41.64 -30.08
C8 NAG U . 7.27 -41.38 -30.03
N2 NAG U . 9.18 -42.70 -29.40
O3 NAG U . 10.38 -44.46 -31.31
O4 NAG U . 12.33 -46.30 -30.23
O5 NAG U . 12.45 -43.49 -27.89
O6 NAG U . 14.35 -45.98 -27.06
O7 NAG U . 9.51 -40.92 -30.71
H1 NAG U . 10.56 -43.69 -27.37
H2 NAG U . 11.10 -42.48 -29.87
H3 NAG U . 10.18 -45.12 -29.47
H4 NAG U . 12.76 -44.37 -30.36
H5 NAG U . 12.15 -45.44 -27.80
H61 NAG U . 14.60 -44.29 -28.04
H62 NAG U . 14.46 -45.55 -28.99
H81 NAG U . 7.01 -41.16 -29.12
H82 NAG U . 6.79 -42.18 -30.32
H83 NAG U . 7.05 -40.65 -30.62
HN2 NAG U . 8.56 -43.21 -28.95
HO3 NAG U . 11.08 -44.20 -31.79
HO4 NAG U . 12.73 -46.32 -31.03
HO6 NAG U . 15.21 -46.20 -27.02
C1 PLM V . -4.08 29.50 -20.70
O1 PLM V . -4.46 28.59 -21.42
C2 PLM V . -2.70 29.54 -20.05
C3 PLM V . -2.34 28.16 -19.47
C4 PLM V . -3.12 27.76 -18.20
C5 PLM V . -3.17 26.23 -17.92
C6 PLM V . -1.87 25.60 -17.33
C7 PLM V . -1.89 24.05 -17.14
C8 PLM V . -0.60 23.40 -16.55
C9 PLM V . -0.69 21.88 -16.20
CA PLM V . 0.63 21.20 -15.72
H21 PLM V . -2.67 30.33 -19.29
H22 PLM V . -1.99 29.86 -20.83
H31 PLM V . -1.24 28.14 -19.27
H32 PLM V . -2.47 27.40 -20.26
H41 PLM V . -4.14 28.16 -18.28
H42 PLM V . -2.67 28.28 -17.32
H51 PLM V . -3.41 25.71 -18.88
H52 PLM V . -4.03 26.01 -17.27
H61 PLM V . -1.66 26.07 -16.36
H62 PLM V . -1.02 25.86 -17.97
H71 PLM V . -2.11 23.58 -18.12
H72 PLM V . -2.76 23.79 -16.50
H81 PLM V . -0.30 23.96 -15.65
H82 PLM V . 0.22 23.55 -17.27
H91 PLM V . -1.08 21.33 -17.08
H92 PLM V . -1.47 21.75 -15.42
HA1 PLM V . 1.18 21.89 -15.06
HA2 PLM V . 1.30 21.05 -16.59
C1 PLM W . -3.52 29.09 -25.72
O2 PLM W . -3.12 29.12 -26.89
C2 PLM W . -3.04 28.10 -24.71
C3 PLM W . -3.20 26.66 -25.18
C4 PLM W . -2.28 25.71 -24.43
C5 PLM W . -2.87 25.31 -23.09
C6 PLM W . -1.95 24.37 -22.36
C7 PLM W . -2.56 23.92 -21.04
H21 PLM W . -1.95 28.31 -24.52
H22 PLM W . -3.60 28.24 -23.74
H31 PLM W . -4.26 26.35 -25.05
H32 PLM W . -2.96 26.63 -26.27
H41 PLM W . -2.12 24.78 -25.05
H42 PLM W . -1.28 26.19 -24.28
H51 PLM W . -3.04 26.23 -22.47
H52 PLM W . -3.86 24.82 -23.26
H61 PLM W . -1.73 23.48 -23.00
H62 PLM W . -0.98 24.88 -22.15
C1 PLM X . -7.28 28.58 -24.25
O2 PLM X . -6.19 28.47 -23.70
C2 PLM X . -8.10 27.40 -24.67
C3 PLM X . -7.47 26.69 -25.85
C4 PLM X . -7.82 25.22 -25.91
C5 PLM X . -6.95 24.40 -24.99
C6 PLM X . -7.38 22.95 -24.97
C7 PLM X . -7.04 22.28 -23.65
C8 PLM X . -7.58 20.87 -23.58
C9 PLM X . -7.44 20.29 -22.18
CA PLM X . -7.78 18.82 -22.16
H21 PLM X . -8.14 26.70 -23.79
H22 PLM X . -9.15 27.72 -24.91
H31 PLM X . -7.81 27.19 -26.79
H32 PLM X . -6.36 26.80 -25.77
H41 PLM X . -8.89 25.07 -25.63
H42 PLM X . -7.70 24.86 -26.96
H51 PLM X . -5.88 24.46 -25.35
H52 PLM X . -6.98 24.83 -23.96
H61 PLM X . -8.49 22.89 -25.13
H62 PLM X . -6.89 22.39 -25.81
H71 PLM X . -5.92 22.26 -23.52
H72 PLM X . -7.45 22.89 -22.80
H81 PLM X . -8.67 20.87 -23.87
H82 PLM X . -7.04 20.22 -24.30
H91 PLM X . -6.39 20.45 -21.81
H92 PLM X . -8.12 20.84 -21.47
C1 PLM Y . -10.47 23.61 -29.84
O2 PLM Y . -9.93 24.44 -29.10
C2 PLM Y . -9.77 22.41 -30.38
C3 PLM Y . -9.16 21.57 -29.28
C4 PLM Y . -10.19 20.71 -28.59
C5 PLM Y . -9.62 20.04 -27.36
C6 PLM Y . -8.86 18.78 -27.72
C7 PLM Y . -7.82 18.44 -26.67
C8 PLM Y . -6.54 19.21 -26.89
H21 PLM Y . -10.53 21.80 -30.94
H22 PLM Y . -8.97 22.72 -31.12
H31 PLM Y . -8.34 20.93 -29.70
H32 PLM Y . -8.69 22.26 -28.53
H41 PLM Y . -11.08 21.33 -28.31
H42 PLM Y . -10.57 19.92 -29.30
H51 PLM Y . -8.94 20.76 -26.83
H52 PLM Y . -10.45 19.79 -26.65
H61 PLM Y . -9.59 17.93 -27.82
H62 PLM Y . -8.37 18.91 -28.71
H71 PLM Y . -8.23 18.67 -25.65
H72 PLM Y . -7.61 17.34 -26.71
H81 PLM Y . -5.88 19.11 -25.98
H82 PLM Y . -6.76 20.30 -27.01
C1 PLM Z . -14.67 23.16 -23.37
O2 PLM Z . -13.83 23.52 -22.55
C2 PLM Z . -15.29 21.79 -23.37
C3 PLM Z . -14.25 20.69 -23.41
C4 PLM Z . -14.61 19.53 -22.52
C5 PLM Z . -13.77 18.30 -22.82
C6 PLM Z . -14.11 17.16 -21.88
C7 PLM Z . -13.24 15.94 -22.13
C8 PLM Z . -11.88 16.07 -21.46
C9 PLM Z . -11.92 15.62 -20.01
CA PLM Z . -11.94 14.12 -19.89
H21 PLM Z . -15.90 21.69 -22.44
H22 PLM Z . -15.98 21.69 -24.24
H31 PLM Z . -14.12 20.33 -24.47
H32 PLM Z . -13.26 21.12 -23.09
H41 PLM Z . -14.47 19.82 -21.44
H42 PLM Z . -15.69 19.28 -22.64
H51 PLM Z . -13.94 17.98 -23.89
H52 PLM Z . -12.68 18.57 -22.73
H61 PLM Z . -13.99 17.50 -20.82
H62 PLM Z . -15.19 16.88 -22.03
H71 PLM Z . -13.76 15.04 -21.73
H72 PLM Z . -13.10 15.80 -23.23
H81 PLM Z . -11.13 15.46 -22.03
H82 PLM Z . -11.54 17.14 -21.50
H91 PLM Z . -11.01 16.02 -19.48
H92 PLM Z . -12.82 16.05 -19.50
HA1 PLM Z . -12.79 13.81 -19.22
HA2 PLM Z . -10.99 13.77 -19.40
C10 KEI AA . 17.58 -50.67 8.67
C13 KEI AA . 18.23 -49.53 7.88
C15 KEI AA . 16.49 -49.64 6.37
C20 KEI AA . 16.39 -48.07 8.25
C22 KEI AA . 16.68 -50.05 9.73
C24 KEI AA . 19.01 -56.15 15.67
C28 KEI AA . 20.11 -60.24 17.41
C01 KEI AA . 17.01 -56.53 13.22
C02 KEI AA . 16.09 -56.19 12.24
C03 KEI AA . 16.42 -55.32 11.22
C04 KEI AA . 17.69 -54.78 11.18
C05 KEI AA . 18.62 -55.12 12.15
C06 KEI AA . 18.28 -56.00 13.17
C07 KEI AA . 18.15 -53.82 10.08
C09 KEI AA . 18.69 -51.48 9.34
C12 KEI AA . 16.78 -51.55 7.71
C14 KEI AA . 17.22 -48.84 7.23
C16 KEI AA . 15.91 -50.72 7.01
C18 KEI AA . 15.66 -49.12 9.07
C19 KEI AA . 15.01 -50.03 8.03
C23 KEI AA . 19.37 -56.32 14.19
C25 KEI AA . 18.20 -57.29 16.29
C27 KEI AA . 19.90 -58.76 17.12
C29 KEI AA . 19.40 -60.73 18.67
N08 KEI AA . 18.22 -52.40 10.35
N26 KEI AA . 18.83 -58.59 16.16
O21 KEI AA . 18.47 -54.25 9.04
O30 KEI AA . 20.36 -61.27 19.54
CL29 KEI AA . 15.22 -54.89 9.97
H131 KEI AA . 19.07 -49.14 7.77
H151 KEI AA . 16.58 -49.60 5.46
H201 KEI AA . 16.96 -47.55 8.83
H202 KEI AA . 15.76 -47.49 7.81
H221 KEI AA . 16.21 -50.74 10.23
H222 KEI AA . 17.22 -49.54 10.34
H241 KEI AA . 18.51 -55.32 15.76
H242 KEI AA . 19.83 -56.06 16.16
H282 KEI AA . 21.06 -60.40 17.51
H281 KEI AA . 19.79 -60.75 16.66
H011 KEI AA . 16.85 -57.27 13.74
H021 KEI AA . 15.26 -56.62 12.22
H051 KEI AA . 19.32 -54.54 12.29
H091 KEI AA . 19.30 -50.86 9.76
H092 KEI AA . 19.16 -51.96 8.65
H121 KEI AA . 16.41 -52.37 7.54
H181 KEI AA . 15.03 -48.76 9.71
H191 KEI AA . 14.37 -49.50 7.54
H192 KEI AA . 14.53 -50.72 8.51
H231 KEI AA . 20.12 -55.74 14.02
H232 KEI AA . 19.66 -57.23 14.04
H252 KEI AA . 17.34 -57.33 15.86
H251 KEI AA . 18.07 -57.10 17.24
H271 KEI AA . 19.66 -58.30 17.94
H272 KEI AA . 20.71 -58.38 16.76
H291 KEI AA . 18.76 -61.43 18.42
H292 KEI AA . 18.93 -60.00 19.09
H081 KEI AA . 18.67 -52.26 11.08
H261 KEI AA . 19.17 -58.69 15.34
H301 KEI AA . 20.77 -60.63 19.94
PB GDP BA . -28.92 49.76 -29.53
O1B GDP BA . -29.13 51.10 -30.18
O2B GDP BA . -27.89 49.91 -28.43
O3B GDP BA . -28.41 48.78 -30.55
O3A GDP BA . -30.34 49.25 -28.95
PA GDP BA . -30.54 48.70 -27.45
O1A GDP BA . -31.12 49.79 -26.59
O2A GDP BA . -31.45 47.50 -27.44
O5' GDP BA . -29.06 48.31 -26.95
C5' GDP BA . -28.61 46.97 -26.93
C4' GDP BA . -27.77 46.70 -25.69
O4' GDP BA . -28.61 46.83 -24.54
C3' GDP BA . -27.20 45.29 -25.70
O3' GDP BA . -25.79 45.31 -25.51
C2' GDP BA . -27.89 44.55 -24.57
O2' GDP BA . -26.94 43.87 -23.75
C1' GDP BA . -28.63 45.63 -23.79
N9 GDP BA . -30.03 45.21 -23.55
C8 GDP BA . -31.08 45.54 -24.34
N7 GDP BA . -32.23 45.00 -23.85
C5 GDP BA . -31.91 44.31 -22.73
C6 GDP BA . -32.63 43.51 -21.73
O6 GDP BA . -33.86 43.32 -21.80
N1 GDP BA . -31.93 42.97 -20.74
C2 GDP BA . -30.60 43.14 -20.62
N2 GDP BA . -29.96 42.56 -19.58
N3 GDP BA . -29.87 43.86 -21.50
C4 GDP BA . -30.46 44.46 -22.55
H5' GDP BA . -29.46 46.30 -26.94
H5'' GDP BA . -28.01 46.76 -27.82
H4' GDP BA . -26.94 47.42 -25.65
H3' GDP BA . -27.46 44.81 -26.66
HO3' GDP BA . -25.44 44.41 -25.62
H2' GDP BA . -28.61 43.84 -24.99
HO2' GDP BA . -26.62 43.09 -24.22
H1' GDP BA . -28.12 45.77 -22.83
H8 GDP BA . -31.02 46.14 -25.22
HN1 GDP BA . -32.43 42.40 -20.03
HN21 GDP BA . -30.48 42.01 -18.92
HN22 GDP BA . -28.97 42.66 -19.47
ZN ZN CA . -45.56 47.54 -17.09
ZN ZN DA . -47.39 45.47 -19.51
C1 NAG EA . 9.89 -46.22 28.83
C2 NAG EA . 9.33 -47.64 28.78
C3 NAG EA . 8.57 -47.96 30.07
C4 NAG EA . 9.44 -47.70 31.28
C5 NAG EA . 9.97 -46.27 31.25
C6 NAG EA . 10.95 -45.98 32.36
C7 NAG EA . 8.54 -48.92 26.84
C8 NAG EA . 7.58 -48.96 25.69
N2 NAG EA . 8.48 -47.84 27.62
O3 NAG EA . 8.17 -49.32 30.04
O4 NAG EA . 8.68 -47.89 32.48
O5 NAG EA . 10.68 -46.05 30.02
O6 NAG EA . 10.51 -46.52 33.59
O7 NAG EA . 9.36 -49.82 27.04
H2 NAG EA . 10.09 -48.26 28.72
H3 NAG EA . 7.78 -47.40 30.12
H4 NAG EA . 10.19 -48.32 31.29
H5 NAG EA . 9.22 -45.65 31.30
H61 NAG EA . 11.82 -46.36 32.13
H62 NAG EA . 11.05 -45.02 32.45
H81 NAG EA . 6.67 -48.92 26.04
H82 NAG EA . 7.74 -48.20 25.11
H83 NAG EA . 7.71 -49.79 25.20
HN2 NAG EA . 7.86 -47.21 27.43
HO3 NAG EA . 7.43 -49.42 29.56
HO4 NAG EA . 8.87 -48.68 32.83
HO6 NAG EA . 11.17 -46.49 34.19
C1 NAG FA . -2.22 -47.18 22.84
C2 NAG FA . -3.22 -47.32 23.99
C3 NAG FA . -3.01 -48.65 24.71
C4 NAG FA . -3.04 -49.80 23.72
C5 NAG FA . -2.05 -49.55 22.58
C6 NAG FA . -2.13 -50.59 21.48
C7 NAG FA . -4.12 -45.37 25.18
C8 NAG FA . -3.83 -44.29 26.17
N2 NAG FA . -3.11 -46.21 24.92
O3 NAG FA . -4.02 -48.82 25.68
O4 NAG FA . -2.69 -51.02 24.38
O5 NAG FA . -2.34 -48.29 21.96
O6 NAG FA . -0.84 -51.03 21.09
O7 NAG FA . -5.20 -45.47 24.63
H1 NAG FA . -1.32 -47.16 23.21
H2 NAG FA . -4.12 -47.33 23.61
H3 NAG FA . -2.14 -48.63 25.16
H4 NAG FA . -3.93 -49.88 23.36
H5 NAG FA . -1.14 -49.54 22.93
H61 NAG FA . -2.59 -50.21 20.72
H62 NAG FA . -2.64 -51.35 21.82
H81 NAG FA . -3.14 -43.70 25.81
H82 NAG FA . -3.50 -44.69 27.00
H83 NAG FA . -4.64 -43.78 26.34
HN2 NAG FA . -2.32 -46.09 25.35
HO3 NAG FA . -4.73 -49.19 25.30
HO4 NAG FA . -3.43 -51.51 24.50
HO6 NAG FA . -0.92 -51.69 20.49
C1 PLM GA . -31.32 18.08 1.77
O1 PLM GA . -31.32 17.41 2.80
C2 PLM GA . -31.19 17.49 0.38
C3 PLM GA . -30.08 16.41 0.35
C4 PLM GA . -28.63 16.96 0.45
C5 PLM GA . -27.58 15.93 0.97
C6 PLM GA . -27.11 14.88 -0.08
C7 PLM GA . -26.12 13.79 0.46
C8 PLM GA . -25.64 12.72 -0.57
C9 PLM GA . -24.52 11.76 -0.08
CA PLM GA . -24.12 10.59 -1.06
H21 PLM GA . -31.00 18.29 -0.35
H22 PLM GA . -32.17 17.07 0.10
H31 PLM GA . -30.18 15.82 -0.58
H32 PLM GA . -30.27 15.69 1.17
H41 PLM GA . -28.64 17.84 1.12
H42 PLM GA . -28.34 17.35 -0.54
H51 PLM GA . -28.01 15.41 1.84
H52 PLM GA . -26.71 16.48 1.37
H61 PLM GA . -26.63 15.39 -0.94
H62 PLM GA . -28.00 14.37 -0.51
H71 PLM GA . -26.60 13.27 1.31
H72 PLM GA . -25.24 14.31 0.88
H81 PLM GA . -25.30 13.23 -1.49
H82 PLM GA . -26.52 12.12 -0.89
H91 PLM GA . -24.83 11.30 0.88
H92 PLM GA . -23.62 12.35 0.16
HA1 PLM GA . -24.10 10.99 -2.09
HA2 PLM GA . -24.91 9.83 -1.06
C1 PLM HA . -35.29 15.92 4.10
O2 PLM HA . -36.33 15.35 4.37
C2 PLM HA . -34.05 15.21 3.61
C3 PLM HA . -33.63 14.08 4.54
C4 PLM HA . -32.75 13.06 3.85
C5 PLM HA . -31.32 13.52 3.76
C6 PLM HA . -30.45 12.49 3.05
C7 PLM HA . -29.01 12.91 3.03
H21 PLM HA . -34.31 14.77 2.60
H22 PLM HA . -33.21 15.94 3.47
H31 PLM HA . -33.08 14.52 5.41
H32 PLM HA . -34.55 13.58 4.93
H41 PLM HA . -32.80 12.08 4.41
H42 PLM HA . -33.16 12.86 2.81
H51 PLM HA . -31.27 14.50 3.21
H52 PLM HA . -30.92 13.69 4.79
H61 PLM HA . -30.55 11.50 3.58
H62 PLM HA . -30.83 12.35 2.01
C1 PLM IA . -32.84 18.22 6.40
O2 PLM IA . -32.62 17.66 5.33
C2 PLM IA . -32.33 17.71 7.71
C3 PLM IA . -33.05 16.45 8.12
C4 PLM IA . -32.23 15.54 9.00
C5 PLM IA . -31.29 14.68 8.19
C6 PLM IA . -30.36 13.87 9.09
C7 PLM IA . -29.05 13.57 8.41
C8 PLM IA . -28.08 12.87 9.35
C9 PLM IA . -26.70 12.78 8.75
CA PLM IA . -25.80 11.88 9.58
H21 PLM IA . -31.24 17.48 7.57
H22 PLM IA . -32.41 18.49 8.50
H31 PLM IA . -34.00 16.73 8.66
H32 PLM IA . -33.35 15.90 7.19
H41 PLM IA . -31.65 16.15 9.73
H42 PLM IA . -32.91 14.88 9.59
H51 PLM IA . -31.87 13.99 7.54
H52 PLM IA . -30.68 15.34 7.52
H61 PLM IA . -30.18 14.44 10.03
H62 PLM IA . -30.87 12.91 9.37
H71 PLM IA . -29.22 12.93 7.51
H72 PLM IA . -28.59 14.52 8.05
H81 PLM IA . -28.04 13.42 10.33
H82 PLM IA . -28.47 11.84 9.57
H91 PLM IA . -26.76 12.37 7.71
H92 PLM IA . -26.24 13.80 8.69
C1 PLM JA . -33.83 14.74 13.67
O2 PLM JA . -33.82 15.24 12.55
C2 PLM JA . -33.80 13.26 13.90
C3 PLM JA . -32.63 12.60 13.20
C4 PLM JA . -31.34 12.78 13.99
C5 PLM JA . -30.15 12.32 13.17
C6 PLM JA . -29.95 10.82 13.29
C7 PLM JA . -29.20 10.27 12.09
C8 PLM JA . -30.12 10.01 10.92
H21 PLM JA . -33.72 13.08 15.01
H22 PLM JA . -34.76 12.79 13.54
H31 PLM JA . -32.84 11.51 13.06
H32 PLM JA . -32.51 13.06 12.19
H41 PLM JA . -31.22 13.87 14.25
H42 PLM JA . -31.39 12.21 14.94
H51 PLM JA . -30.28 12.60 12.10
H52 PLM JA . -29.22 12.84 13.54
H61 PLM JA . -29.38 10.58 14.23
H62 PLM JA . -30.96 10.32 13.37
H71 PLM JA . -28.39 10.98 11.79
H72 PLM JA . -28.70 9.31 12.38
H81 PLM JA . -29.53 9.82 9.99
H82 PLM JA . -30.75 10.92 10.73
C1 PLM KA . -27.29 18.84 13.72
O2 PLM KA . -27.04 18.86 12.52
C2 PLM KA . -26.39 18.19 14.74
C3 PLM KA . -26.11 16.74 14.40
C4 PLM KA . -24.67 16.37 14.67
C5 PLM KA . -24.49 14.85 14.68
C6 PLM KA . -23.04 14.50 14.92
C7 PLM KA . -22.80 13.00 14.86
C8 PLM KA . -22.69 12.49 13.44
C9 PLM KA . -21.28 12.60 12.90
CA PLM KA . -20.36 11.53 13.45
H21 PLM KA . -25.42 18.76 14.75
H22 PLM KA . -26.85 18.27 15.76
H31 PLM KA . -26.80 16.09 14.98
H32 PLM KA . -26.34 16.58 13.31
H41 PLM KA . -24.01 16.82 13.90
H42 PLM KA . -24.36 16.78 15.66
H51 PLM KA . -25.12 14.41 15.49
H52 PLM KA . -24.83 14.43 13.70
H61 PLM KA . -22.38 15.01 14.15
H62 PLM KA . -22.71 14.89 15.92
H71 PLM KA . -21.86 12.75 15.42
H72 PLM KA . -23.63 12.48 15.38
H81 PLM KA . -23.01 11.42 13.40
H82 PLM KA . -23.38 13.07 12.78
H91 PLM KA . -21.30 12.53 11.78
H92 PLM KA . -20.86 13.62 13.15
HA1 PLM KA . -19.44 12.02 13.87
HA2 PLM KA . -20.03 10.86 12.62
#